data_9DNE
#
_entry.id   9DNE
#
loop_
_entity.id
_entity.type
_entity.pdbx_description
1 polymer 'Pseudosymmetric protein nanocage GI9-F7 A chain'
2 polymer 'Pseudosymmetric protein nanocage GI9-F7 C chain'
3 polymer 'Pseudosymmetric protein nanocage GI9-F7 B chain'
#
loop_
_entity_poly.entity_id
_entity_poly.type
_entity_poly.pdbx_seq_one_letter_code
_entity_poly.pdbx_strand_id
1 'polypeptide(L)'
;GSHHHHHHGSEKAAKAEEAARKMEELFKEHKIVAVLRANSVEEAKKKALAVFLGGVHLIEITFTVPDADTVIKELSFLKE
MGAIIGAGTVTSVEQCREAVESGAEFIVSPHLDEEISQFCKEEGVFYMPGVMTPTELYKAMKLGHTILKLFPGEVVGPQF
VEAMKGPFPNVKFVPTGGVNLDNVCEWFEAGVLAVGVGSALVEGTPVEVAEKAKAFVEKIEGCTE
;
D,A,H
2 'polypeptide(L)'
;MKMEELFKEHKIVAVLRANSREEAIEIALAVFAGGVHLIEITFTVPDADEVIKRLEMLKRAGAIIGAGTVTSVEQCREAV
ESGAEFIVSPHLDEEISQFCKEEGVFYMPGVMTPTELVKAMKLGHTILKLFPGEVVGPQFVEAMKGPFPNVKFVPTGGVN
LDNVCEWFEAGVLAVGVGSALVEGKPSEVAEKARRFVKKIRGCTEGSLEHHHHHH
;
C,E,G
3 'polypeptide(L)'
;MKMEELFKEHKIVAVLRANSVEEAISKALAVFAGGVHLIEITFTVPDADQVIKELEFLKEAGAIIGAGTVTSVEQCREAV
ESGAEFIVSFHLDEEISQFCKEEGVFYMPGVMTPTELVKAMKLGHTILKLVPGEVVGPQFVEAMKGPFPNVKFVPTGGVN
LDNVCEWFEAGVLAVGVGSALVEGEPAEVAELAIRFVEKIRGCTE
;
B,F,I
#
# COMPACT_ATOMS: atom_id res chain seq x y z
N ALA A 20 28.09 -82.59 12.15
CA ALA A 20 29.18 -81.67 11.78
C ALA A 20 29.93 -81.18 13.04
N ARG A 21 30.16 -82.09 13.98
CA ARG A 21 30.85 -81.82 15.25
C ARG A 21 32.30 -81.44 15.03
N LYS A 22 32.80 -81.70 13.83
CA LYS A 22 34.16 -81.35 13.45
C LYS A 22 34.39 -79.85 13.60
N MET A 23 33.31 -79.08 13.55
CA MET A 23 33.42 -77.64 13.69
C MET A 23 33.86 -77.25 15.09
N GLU A 24 33.47 -78.03 16.09
CA GLU A 24 33.91 -77.73 17.45
C GLU A 24 35.41 -77.89 17.53
N GLU A 25 35.90 -78.96 16.91
CA GLU A 25 37.33 -79.23 16.91
C GLU A 25 38.09 -78.14 16.17
N LEU A 26 37.52 -77.67 15.06
CA LEU A 26 38.15 -76.62 14.28
C LEU A 26 38.17 -75.29 15.02
N PHE A 27 37.07 -74.96 15.69
CA PHE A 27 37.04 -73.72 16.44
C PHE A 27 38.04 -73.75 17.58
N LYS A 28 38.11 -74.89 18.26
CA LYS A 28 39.03 -75.05 19.39
C LYS A 28 40.48 -74.94 18.95
N GLU A 29 40.80 -75.55 17.81
CA GLU A 29 42.18 -75.57 17.32
C GLU A 29 42.63 -74.23 16.76
N HIS A 30 41.76 -73.57 16.01
CA HIS A 30 42.15 -72.34 15.33
C HIS A 30 41.96 -71.10 16.20
N LYS A 31 41.01 -71.16 17.13
CA LYS A 31 40.76 -70.11 18.12
C LYS A 31 40.18 -68.81 17.57
N ILE A 32 40.77 -68.26 16.51
CA ILE A 32 40.29 -67.01 15.96
C ILE A 32 39.54 -67.19 14.64
N VAL A 33 38.40 -66.51 14.55
CA VAL A 33 37.57 -66.51 13.35
C VAL A 33 37.48 -65.11 12.78
N ALA A 34 37.74 -64.97 11.49
CA ALA A 34 37.68 -63.66 10.85
C ALA A 34 36.31 -63.40 10.24
N VAL A 35 35.77 -62.22 10.50
CA VAL A 35 34.49 -61.81 9.94
C VAL A 35 34.71 -60.80 8.83
N LEU A 36 34.40 -61.20 7.59
CA LEU A 36 34.74 -60.38 6.44
C LEU A 36 33.54 -59.72 5.80
N ARG A 37 33.64 -58.40 5.62
CA ARG A 37 32.62 -57.62 4.94
C ARG A 37 33.25 -56.83 3.80
N ALA A 38 32.49 -56.67 2.72
CA ALA A 38 32.98 -55.95 1.55
C ALA A 38 31.81 -55.40 0.75
N ASN A 39 32.09 -54.43 -0.11
CA ASN A 39 31.09 -53.89 -1.00
C ASN A 39 31.22 -54.47 -2.41
N SER A 40 32.12 -55.43 -2.56
CA SER A 40 32.36 -56.05 -3.86
C SER A 40 32.96 -57.43 -3.72
N VAL A 41 32.86 -58.22 -4.79
CA VAL A 41 33.45 -59.55 -4.82
C VAL A 41 34.97 -59.47 -4.83
N GLU A 42 35.50 -58.53 -5.60
CA GLU A 42 36.94 -58.42 -5.74
C GLU A 42 37.60 -58.10 -4.42
N GLU A 43 37.00 -57.21 -3.64
CA GLU A 43 37.55 -56.85 -2.34
C GLU A 43 37.43 -58.00 -1.37
N ALA A 44 36.30 -58.71 -1.43
CA ALA A 44 36.08 -59.83 -0.53
C ALA A 44 37.14 -60.91 -0.75
N LYS A 45 37.50 -61.13 -2.01
CA LYS A 45 38.50 -62.13 -2.34
C LYS A 45 39.87 -61.77 -1.80
N LYS A 46 40.28 -60.52 -2.03
CA LYS A 46 41.59 -60.05 -1.59
C LYS A 46 41.73 -60.17 -0.09
N LYS A 47 40.65 -59.84 0.62
CA LYS A 47 40.65 -59.92 2.07
C LYS A 47 40.71 -61.36 2.55
N ALA A 48 39.92 -62.23 1.93
CA ALA A 48 39.90 -63.63 2.35
C ALA A 48 41.27 -64.26 2.20
N LEU A 49 41.99 -63.88 1.15
CA LEU A 49 43.32 -64.44 0.93
C LEU A 49 44.30 -63.91 1.96
N ALA A 50 44.26 -62.61 2.20
CA ALA A 50 45.18 -62.01 3.16
C ALA A 50 45.00 -62.61 4.54
N VAL A 51 43.75 -62.84 4.93
CA VAL A 51 43.42 -63.41 6.22
C VAL A 51 43.95 -64.83 6.33
N PHE A 52 43.73 -65.64 5.29
CA PHE A 52 44.22 -67.00 5.27
C PHE A 52 45.74 -67.05 5.38
N LEU A 53 46.42 -66.23 4.60
CA LEU A 53 47.87 -66.21 4.59
C LEU A 53 48.42 -65.76 5.94
N GLY A 54 47.66 -64.90 6.62
CA GLY A 54 48.05 -64.38 7.93
C GLY A 54 47.97 -65.46 9.02
N GLY A 55 47.43 -66.63 8.70
CA GLY A 55 47.37 -67.73 9.64
C GLY A 55 45.97 -67.97 10.21
N VAL A 56 44.95 -67.34 9.63
CA VAL A 56 43.59 -67.55 10.10
C VAL A 56 42.81 -68.42 9.13
N HIS A 57 42.54 -69.66 9.52
CA HIS A 57 41.92 -70.65 8.64
C HIS A 57 40.40 -70.56 8.62
N LEU A 58 39.81 -69.97 9.65
CA LEU A 58 38.37 -69.89 9.73
C LEU A 58 37.84 -68.55 9.26
N ILE A 59 37.19 -68.56 8.10
CA ILE A 59 36.70 -67.35 7.47
C ILE A 59 35.20 -67.35 7.28
N GLU A 60 34.54 -66.31 7.77
CA GLU A 60 33.11 -66.14 7.59
C GLU A 60 32.81 -65.04 6.57
N ILE A 61 32.13 -65.41 5.51
CA ILE A 61 31.74 -64.44 4.50
C ILE A 61 30.33 -63.97 4.77
N THR A 62 30.19 -62.69 5.08
CA THR A 62 28.89 -62.17 5.44
C THR A 62 27.99 -62.10 4.23
N PHE A 63 26.72 -61.81 4.46
CA PHE A 63 25.75 -61.79 3.39
C PHE A 63 25.33 -60.35 3.11
N THR A 64 26.18 -59.43 3.57
CA THR A 64 25.99 -58.00 3.39
C THR A 64 26.80 -57.52 2.18
N VAL A 65 27.48 -58.46 1.53
CA VAL A 65 28.27 -58.17 0.34
C VAL A 65 27.48 -58.63 -0.88
N PRO A 66 27.44 -57.83 -1.94
CA PRO A 66 26.83 -58.16 -3.21
C PRO A 66 27.43 -59.45 -3.75
N ASP A 67 26.59 -60.31 -4.31
CA ASP A 67 27.04 -61.57 -4.86
C ASP A 67 27.83 -62.38 -3.84
N ALA A 68 27.28 -62.51 -2.64
CA ALA A 68 27.93 -63.25 -1.55
C ALA A 68 28.16 -64.70 -1.95
N ASP A 69 27.26 -65.25 -2.76
CA ASP A 69 27.38 -66.64 -3.19
C ASP A 69 28.59 -66.82 -4.10
N THR A 70 28.84 -65.82 -4.93
CA THR A 70 30.00 -65.82 -5.80
C THR A 70 31.27 -65.81 -4.97
N VAL A 71 31.27 -65.00 -3.91
CA VAL A 71 32.45 -64.90 -3.06
C VAL A 71 32.75 -66.24 -2.41
N ILE A 72 31.73 -66.89 -1.86
CA ILE A 72 31.93 -68.15 -1.17
C ILE A 72 32.45 -69.23 -2.11
N LYS A 73 31.85 -69.33 -3.29
CA LYS A 73 32.24 -70.36 -4.25
C LYS A 73 33.65 -70.16 -4.80
N GLU A 74 34.00 -68.92 -5.11
CA GLU A 74 35.27 -68.63 -5.74
C GLU A 74 36.45 -68.79 -4.79
N LEU A 75 36.18 -68.88 -3.50
CA LEU A 75 37.23 -69.07 -2.51
C LEU A 75 37.41 -70.55 -2.18
N SER A 76 36.67 -71.41 -2.87
CA SER A 76 36.70 -72.83 -2.59
C SER A 76 38.07 -73.44 -2.84
N PHE A 77 38.88 -72.76 -3.63
CA PHE A 77 40.23 -73.22 -3.94
C PHE A 77 41.11 -73.24 -2.69
N LEU A 78 40.73 -72.45 -1.69
CA LEU A 78 41.50 -72.40 -0.45
C LEU A 78 41.23 -73.62 0.42
N LYS A 79 40.16 -74.35 0.10
CA LYS A 79 39.76 -75.50 0.89
C LYS A 79 40.88 -76.53 0.95
N GLU A 80 41.58 -76.71 -0.17
CA GLU A 80 42.64 -77.69 -0.26
C GLU A 80 43.88 -77.26 0.53
N MET A 81 43.90 -76.00 0.92
CA MET A 81 45.03 -75.44 1.65
C MET A 81 44.77 -75.52 3.15
N GLY A 82 43.60 -76.04 3.52
CA GLY A 82 43.22 -76.15 4.92
C GLY A 82 42.28 -75.03 5.39
N ALA A 83 41.78 -74.24 4.45
CA ALA A 83 40.85 -73.17 4.80
C ALA A 83 39.43 -73.69 4.94
N ILE A 84 38.66 -73.08 5.83
CA ILE A 84 37.25 -73.39 5.96
C ILE A 84 36.42 -72.14 5.74
N ILE A 85 35.56 -72.17 4.72
CA ILE A 85 34.78 -71.00 4.37
C ILE A 85 33.31 -71.19 4.74
N GLY A 86 32.78 -70.29 5.56
CA GLY A 86 31.38 -70.34 5.95
C GLY A 86 30.67 -69.05 5.56
N ALA A 87 29.42 -68.91 6.00
CA ALA A 87 28.63 -67.73 5.68
C ALA A 87 28.05 -67.12 6.94
N GLY A 88 28.08 -65.79 7.03
CA GLY A 88 27.58 -65.09 8.20
C GLY A 88 26.38 -64.21 7.89
N THR A 89 25.90 -63.50 8.91
CA THR A 89 24.75 -62.61 8.83
C THR A 89 23.63 -63.18 7.97
N VAL A 90 23.29 -64.44 8.22
CA VAL A 90 22.15 -65.05 7.54
C VAL A 90 20.90 -64.92 8.39
N THR A 91 19.90 -64.24 7.85
CA THR A 91 18.68 -63.97 8.62
C THR A 91 17.45 -64.62 8.03
N SER A 92 17.65 -65.51 7.06
CA SER A 92 16.55 -66.22 6.43
C SER A 92 16.98 -67.58 5.89
N VAL A 93 16.00 -68.45 5.70
CA VAL A 93 16.25 -69.76 5.10
C VAL A 93 16.70 -69.62 3.66
N GLU A 94 16.11 -68.66 2.94
CA GLU A 94 16.45 -68.48 1.53
C GLU A 94 17.91 -68.08 1.37
N GLN A 95 18.38 -67.17 2.22
CA GLN A 95 19.78 -66.76 2.19
C GLN A 95 20.67 -67.94 2.58
N CYS A 96 20.22 -68.70 3.56
CA CYS A 96 20.95 -69.87 4.02
C CYS A 96 21.12 -70.86 2.88
N ARG A 97 20.03 -71.16 2.18
CA ARG A 97 20.07 -72.10 1.08
C ARG A 97 21.08 -71.67 0.02
N GLU A 98 21.07 -70.38 -0.32
CA GLU A 98 21.99 -69.87 -1.32
C GLU A 98 23.44 -70.06 -0.88
N ALA A 99 23.70 -69.84 0.41
CA ALA A 99 25.04 -70.05 0.96
C ALA A 99 25.43 -71.52 0.92
N VAL A 100 24.49 -72.39 1.26
CA VAL A 100 24.74 -73.83 1.25
C VAL A 100 25.07 -74.30 -0.16
N GLU A 101 24.34 -73.79 -1.13
CA GLU A 101 24.53 -74.14 -2.53
C GLU A 101 25.84 -73.57 -3.08
N SER A 102 26.48 -72.69 -2.32
CA SER A 102 27.72 -72.07 -2.74
C SER A 102 28.90 -72.84 -2.16
N GLY A 103 28.59 -73.86 -1.37
CA GLY A 103 29.62 -74.67 -0.74
C GLY A 103 30.00 -74.19 0.65
N ALA A 104 29.17 -73.36 1.27
CA ALA A 104 29.46 -72.89 2.62
C ALA A 104 29.52 -74.07 3.57
N GLU A 105 30.56 -74.11 4.41
CA GLU A 105 30.72 -75.20 5.36
C GLU A 105 29.78 -75.04 6.55
N PHE A 106 29.54 -73.80 6.94
CA PHE A 106 28.69 -73.54 8.10
C PHE A 106 27.95 -72.22 7.97
N ILE A 107 26.85 -72.09 8.71
CA ILE A 107 26.00 -70.91 8.69
C ILE A 107 25.96 -70.24 10.05
N VAL A 108 26.15 -68.92 10.07
CA VAL A 108 26.11 -68.16 11.32
C VAL A 108 25.05 -67.06 11.28
N SER A 109 24.22 -67.02 12.31
CA SER A 109 23.15 -66.02 12.41
C SER A 109 23.34 -65.12 13.62
N PRO A 110 22.89 -63.86 13.54
CA PRO A 110 22.91 -62.86 14.59
C PRO A 110 21.90 -63.14 15.70
N HIS A 111 20.97 -64.05 15.43
CA HIS A 111 19.90 -64.36 16.37
C HIS A 111 19.62 -65.85 16.37
N LEU A 112 18.70 -66.28 17.24
CA LEU A 112 18.29 -67.68 17.28
C LEU A 112 17.10 -67.88 16.37
N ASP A 113 17.24 -68.78 15.40
CA ASP A 113 16.23 -68.94 14.37
C ASP A 113 15.92 -70.41 14.11
N GLU A 114 14.70 -70.80 14.41
CA GLU A 114 14.27 -72.20 14.30
C GLU A 114 14.20 -72.67 12.85
N GLU A 115 13.75 -71.80 11.96
CA GLU A 115 13.57 -72.17 10.56
C GLU A 115 14.91 -72.46 9.89
N ILE A 116 15.91 -71.62 10.18
CA ILE A 116 17.24 -71.85 9.65
C ILE A 116 17.84 -73.10 10.25
N SER A 117 17.66 -73.26 11.56
CA SER A 117 18.19 -74.41 12.26
C SER A 117 17.67 -75.71 11.68
N GLN A 118 16.36 -75.79 11.44
CA GLN A 118 15.78 -77.02 10.90
C GLN A 118 16.28 -77.29 9.49
N PHE A 119 16.39 -76.23 8.68
CA PHE A 119 16.90 -76.37 7.33
C PHE A 119 18.32 -76.93 7.35
N CYS A 120 19.17 -76.33 8.18
CA CYS A 120 20.56 -76.75 8.29
C CYS A 120 20.67 -78.20 8.75
N LYS A 121 19.82 -78.60 9.70
CA LYS A 121 19.86 -79.97 10.19
C LYS A 121 19.57 -80.97 9.07
N GLU A 122 18.57 -80.65 8.25
CA GLU A 122 18.19 -81.53 7.15
C GLU A 122 19.30 -81.63 6.12
N GLU A 123 19.98 -80.51 5.87
CA GLU A 123 21.09 -80.46 4.92
C GLU A 123 22.37 -81.07 5.50
N GLY A 124 22.50 -81.03 6.83
CA GLY A 124 23.71 -81.55 7.48
C GLY A 124 24.79 -80.48 7.56
N VAL A 125 24.36 -79.22 7.60
CA VAL A 125 25.28 -78.08 7.64
C VAL A 125 25.37 -77.52 9.06
N PHE A 126 26.58 -77.34 9.56
CA PHE A 126 26.75 -76.81 10.91
C PHE A 126 26.15 -75.43 11.03
N TYR A 127 25.38 -75.21 12.09
CA TYR A 127 24.74 -73.92 12.31
C TYR A 127 25.04 -73.36 13.68
N MET A 128 25.40 -72.07 13.72
CA MET A 128 25.65 -71.38 14.98
C MET A 128 24.77 -70.14 15.12
N PRO A 129 23.71 -70.21 15.93
CA PRO A 129 22.75 -69.14 16.20
C PRO A 129 23.33 -68.11 17.14
N GLY A 130 22.78 -66.90 17.12
CA GLY A 130 23.20 -65.85 18.03
C GLY A 130 22.33 -65.79 19.28
N VAL A 131 22.96 -65.50 20.41
CA VAL A 131 22.28 -65.33 21.69
C VAL A 131 22.79 -64.10 22.44
N MET A 132 22.02 -63.65 23.43
CA MET A 132 22.42 -62.55 24.30
C MET A 132 21.91 -62.72 25.72
N THR A 133 20.83 -63.49 25.89
CA THR A 133 20.20 -63.63 27.19
C THR A 133 20.10 -65.10 27.61
N PRO A 134 20.02 -65.39 28.93
CA PRO A 134 19.82 -66.69 29.53
C PRO A 134 18.58 -67.43 29.04
N THR A 135 17.54 -66.69 28.65
CA THR A 135 16.29 -67.33 28.26
C THR A 135 16.29 -68.12 26.96
N GLU A 136 16.94 -67.55 25.96
CA GLU A 136 17.02 -68.20 24.68
C GLU A 136 18.24 -69.11 24.70
N LEU A 137 19.17 -68.80 25.57
CA LEU A 137 20.38 -69.59 25.77
C LEU A 137 19.81 -70.96 26.13
N TYR A 138 18.89 -70.98 27.07
CA TYR A 138 18.20 -72.20 27.44
C TYR A 138 17.54 -72.86 26.24
N LYS A 139 16.78 -72.06 25.48
CA LYS A 139 16.08 -72.58 24.31
C LYS A 139 17.03 -73.13 23.27
N ALA A 140 18.14 -72.44 23.05
CA ALA A 140 19.12 -72.86 22.06
C ALA A 140 19.64 -74.25 22.40
N MET A 141 19.84 -74.51 23.66
CA MET A 141 20.30 -75.82 24.03
C MET A 141 19.26 -76.85 23.63
N LYS A 142 18.01 -76.58 24.02
CA LYS A 142 16.94 -77.54 23.77
C LYS A 142 16.81 -77.84 22.28
N LEU A 143 17.26 -76.91 21.44
CA LEU A 143 17.25 -77.12 20.00
C LEU A 143 18.50 -77.89 19.53
N GLY A 144 19.38 -78.23 20.47
CA GLY A 144 20.57 -79.04 20.14
C GLY A 144 21.80 -78.22 19.76
N HIS A 145 21.83 -76.94 20.13
CA HIS A 145 22.99 -76.12 19.81
C HIS A 145 23.89 -75.89 21.01
N THR A 146 25.09 -76.45 20.96
CA THR A 146 26.03 -76.38 22.07
C THR A 146 27.05 -75.26 21.88
N ILE A 147 27.20 -74.79 20.64
CA ILE A 147 28.10 -73.68 20.35
C ILE A 147 27.29 -72.47 19.95
N LEU A 148 27.43 -71.39 20.71
CA LEU A 148 26.61 -70.21 20.48
C LEU A 148 27.44 -68.96 20.26
N LYS A 149 26.93 -68.08 19.40
CA LYS A 149 27.56 -66.77 19.14
C LYS A 149 27.01 -65.72 20.10
N LEU A 150 27.91 -65.05 20.80
CA LEU A 150 27.50 -64.01 21.74
C LEU A 150 27.69 -62.63 21.10
N PHE A 151 26.59 -61.93 20.89
CA PHE A 151 26.63 -60.69 20.12
C PHE A 151 25.57 -59.69 20.54
N PRO A 152 25.92 -58.40 20.59
CA PRO A 152 27.24 -57.78 20.42
C PRO A 152 28.12 -57.92 21.66
N GLY A 153 29.40 -58.20 21.44
CA GLY A 153 30.37 -58.28 22.53
C GLY A 153 30.76 -56.90 23.03
N GLU A 154 30.35 -55.86 22.31
CA GLU A 154 30.60 -54.49 22.71
C GLU A 154 29.72 -54.09 23.88
N VAL A 155 28.65 -54.85 24.11
CA VAL A 155 27.70 -54.53 25.16
C VAL A 155 27.80 -55.53 26.31
N VAL A 156 27.84 -56.81 25.97
CA VAL A 156 27.91 -57.86 26.99
C VAL A 156 29.31 -58.45 27.07
N GLY A 157 30.01 -58.14 28.16
CA GLY A 157 31.41 -58.53 28.31
C GLY A 157 31.56 -59.92 28.92
N PRO A 158 32.82 -60.30 29.25
CA PRO A 158 33.28 -61.58 29.75
C PRO A 158 32.57 -62.01 31.03
N GLN A 159 31.96 -61.05 31.73
CA GLN A 159 31.25 -61.34 32.97
C GLN A 159 30.05 -62.23 32.70
N PHE A 160 29.55 -62.19 31.46
CA PHE A 160 28.43 -63.02 31.06
C PHE A 160 28.88 -64.46 30.92
N VAL A 161 30.01 -64.64 30.26
CA VAL A 161 30.56 -65.97 30.04
C VAL A 161 30.91 -66.60 31.39
N GLU A 162 31.53 -65.82 32.27
CA GLU A 162 31.87 -66.30 33.60
C GLU A 162 30.67 -66.13 34.53
N ALA A 163 29.57 -66.75 34.15
CA ALA A 163 28.32 -66.70 34.90
C ALA A 163 27.40 -67.79 34.40
N MET A 164 27.22 -67.84 33.08
CA MET A 164 26.34 -68.83 32.46
C MET A 164 26.80 -70.24 32.77
N LYS A 165 28.08 -70.40 33.07
CA LYS A 165 28.65 -71.72 33.36
C LYS A 165 27.93 -72.41 34.49
N GLY A 166 27.38 -71.65 35.42
CA GLY A 166 26.68 -72.21 36.56
C GLY A 166 25.51 -73.10 36.12
N PRO A 167 24.42 -72.48 35.67
CA PRO A 167 23.22 -73.12 35.14
C PRO A 167 23.43 -73.78 33.77
N PHE A 168 24.45 -73.34 33.04
CA PHE A 168 24.68 -73.87 31.70
C PHE A 168 26.14 -74.28 31.50
N PRO A 169 26.60 -75.33 32.18
CA PRO A 169 27.98 -75.76 32.32
C PRO A 169 28.54 -76.39 31.05
N ASN A 170 27.65 -76.72 30.12
CA ASN A 170 28.05 -77.41 28.91
C ASN A 170 27.88 -76.58 27.65
N VAL A 171 27.87 -75.26 27.80
CA VAL A 171 27.76 -74.37 26.64
C VAL A 171 29.08 -73.73 26.27
N LYS A 172 29.40 -73.78 24.99
CA LYS A 172 30.61 -73.15 24.48
C LYS A 172 30.26 -71.85 23.77
N PHE A 173 30.99 -70.78 24.08
CA PHE A 173 30.68 -69.48 23.51
C PHE A 173 31.73 -68.98 22.52
N VAL A 174 31.24 -68.24 21.53
CA VAL A 174 32.09 -67.51 20.60
C VAL A 174 31.65 -66.04 20.52
N PRO A 175 32.19 -65.17 21.36
CA PRO A 175 31.96 -63.74 21.38
C PRO A 175 32.38 -63.13 20.06
N THR A 176 31.53 -62.27 19.53
CA THR A 176 31.84 -61.56 18.30
C THR A 176 31.65 -60.07 18.46
N GLY A 177 32.67 -59.32 18.08
CA GLY A 177 32.65 -57.87 18.21
C GLY A 177 33.23 -57.46 19.56
N GLY A 178 33.86 -56.30 19.60
CA GLY A 178 34.44 -55.80 20.85
C GLY A 178 35.77 -56.48 21.13
N VAL A 179 36.25 -57.27 20.18
CA VAL A 179 37.50 -58.00 20.34
C VAL A 179 38.62 -57.32 19.58
N ASN A 180 39.71 -57.05 20.28
CA ASN A 180 40.86 -56.38 19.71
C ASN A 180 42.14 -57.01 20.23
N LEU A 181 43.28 -56.43 19.89
CA LEU A 181 44.57 -57.02 20.27
C LEU A 181 44.91 -56.84 21.74
N ASP A 182 44.17 -55.99 22.44
CA ASP A 182 44.47 -55.73 23.84
C ASP A 182 43.70 -56.65 24.78
N ASN A 183 42.46 -56.95 24.44
CA ASN A 183 41.59 -57.74 25.31
C ASN A 183 41.36 -59.15 24.80
N VAL A 184 42.12 -59.57 23.79
CA VAL A 184 41.89 -60.90 23.22
C VAL A 184 42.19 -62.01 24.22
N CYS A 185 43.22 -61.81 25.06
CA CYS A 185 43.61 -62.77 26.08
C CYS A 185 42.56 -62.87 27.17
N GLU A 186 41.92 -61.75 27.47
CA GLU A 186 40.92 -61.71 28.52
C GLU A 186 39.73 -62.59 28.17
N TRP A 187 39.34 -62.57 26.90
CA TRP A 187 38.24 -63.43 26.46
C TRP A 187 38.61 -64.90 26.55
N PHE A 188 39.83 -65.24 26.13
CA PHE A 188 40.26 -66.63 26.17
C PHE A 188 40.46 -67.12 27.59
N GLU A 189 40.84 -66.22 28.50
CA GLU A 189 40.97 -66.55 29.90
C GLU A 189 39.62 -66.87 30.54
N ALA A 190 38.54 -66.44 29.87
CA ALA A 190 37.20 -66.70 30.37
C ALA A 190 36.74 -68.09 29.96
N GLY A 191 37.53 -68.76 29.13
CA GLY A 191 37.20 -70.11 28.68
C GLY A 191 36.33 -70.13 27.43
N VAL A 192 36.37 -69.07 26.63
CA VAL A 192 35.57 -69.06 25.41
C VAL A 192 36.19 -70.03 24.40
N LEU A 193 35.36 -70.56 23.51
CA LEU A 193 35.83 -71.48 22.49
C LEU A 193 36.65 -70.77 21.43
N ALA A 194 36.15 -69.63 21.00
CA ALA A 194 36.78 -68.88 19.91
C ALA A 194 36.36 -67.42 19.97
N VAL A 195 37.10 -66.56 19.27
CA VAL A 195 36.72 -65.16 19.19
C VAL A 195 36.45 -64.72 17.75
N GLY A 196 35.33 -64.01 17.57
CA GLY A 196 34.95 -63.45 16.27
C GLY A 196 35.49 -62.05 16.12
N VAL A 197 36.42 -61.88 15.17
CA VAL A 197 37.09 -60.60 15.02
C VAL A 197 36.85 -59.98 13.66
N GLY A 198 36.40 -58.74 13.65
CA GLY A 198 36.21 -57.97 12.42
C GLY A 198 36.65 -56.54 12.65
N SER A 199 37.00 -55.85 11.57
CA SER A 199 37.50 -54.46 11.55
C SER A 199 38.90 -54.35 12.17
N ALA A 200 39.05 -54.83 13.40
CA ALA A 200 40.35 -54.85 14.09
C ALA A 200 41.35 -55.70 13.33
N LEU A 201 40.86 -56.77 12.70
CA LEU A 201 41.72 -57.65 11.92
C LEU A 201 41.53 -57.38 10.44
N VAL A 202 40.28 -57.37 10.01
CA VAL A 202 39.99 -57.20 8.59
C VAL A 202 39.78 -55.75 8.23
N GLU A 203 40.87 -55.01 8.10
CA GLU A 203 40.84 -53.62 7.66
C GLU A 203 42.17 -53.22 7.02
N GLY A 204 42.09 -52.28 6.08
CA GLY A 204 43.28 -51.79 5.39
C GLY A 204 43.58 -52.62 4.15
N THR A 205 44.79 -52.48 3.62
CA THR A 205 45.18 -53.15 2.39
C THR A 205 45.45 -54.62 2.69
N PRO A 206 45.44 -55.50 1.68
CA PRO A 206 45.72 -56.93 1.79
C PRO A 206 46.99 -57.20 2.59
N VAL A 207 48.00 -56.35 2.43
CA VAL A 207 49.23 -56.52 3.19
C VAL A 207 48.98 -56.21 4.66
N GLU A 208 48.32 -55.10 4.93
CA GLU A 208 48.02 -54.69 6.29
C GLU A 208 47.11 -55.70 6.98
N VAL A 209 46.17 -56.26 6.23
CA VAL A 209 45.23 -57.23 6.78
C VAL A 209 45.97 -58.49 7.22
N ALA A 210 46.86 -58.97 6.37
CA ALA A 210 47.63 -60.16 6.71
C ALA A 210 48.50 -59.89 7.94
N GLU A 211 49.08 -58.71 8.03
CA GLU A 211 49.94 -58.37 9.16
C GLU A 211 49.16 -58.33 10.47
N LYS A 212 47.96 -57.76 10.43
CA LYS A 212 47.13 -57.70 11.61
C LYS A 212 46.69 -59.09 12.02
N ALA A 213 46.36 -59.93 11.03
CA ALA A 213 45.95 -61.29 11.31
C ALA A 213 47.07 -62.05 12.00
N LYS A 214 48.31 -61.81 11.57
CA LYS A 214 49.46 -62.46 12.18
C LYS A 214 49.60 -62.04 13.63
N ALA A 215 49.41 -60.74 13.89
CA ALA A 215 49.52 -60.21 15.26
C ALA A 215 48.50 -60.87 16.18
N PHE A 216 47.28 -61.07 15.68
CA PHE A 216 46.25 -61.71 16.49
C PHE A 216 46.61 -63.15 16.80
N VAL A 217 47.10 -63.88 15.80
CA VAL A 217 47.45 -65.27 16.01
C VAL A 217 48.58 -65.42 17.01
N GLU A 218 49.62 -64.60 16.87
CA GLU A 218 50.77 -64.70 17.74
C GLU A 218 50.41 -64.46 19.20
N LYS A 219 49.58 -63.44 19.45
CA LYS A 219 49.22 -63.13 20.82
C LYS A 219 48.33 -64.20 21.42
N ILE A 220 47.40 -64.72 20.62
CA ILE A 220 46.50 -65.76 21.10
C ILE A 220 47.28 -67.01 21.47
N GLU A 221 48.24 -67.39 20.63
CA GLU A 221 49.07 -68.56 20.90
C GLU A 221 49.84 -68.37 22.19
N GLY A 222 50.26 -67.14 22.45
CA GLY A 222 51.00 -66.80 23.66
C GLY A 222 50.13 -66.70 24.93
N CYS A 223 48.80 -66.86 24.77
CA CYS A 223 47.86 -66.78 25.90
C CYS A 223 46.62 -67.60 25.59
N LYS B 2 17.85 -3.66 15.99
CA LYS B 2 17.12 -2.45 15.63
C LYS B 2 15.62 -2.69 15.80
N MET B 3 15.01 -1.98 16.77
CA MET B 3 13.60 -2.15 17.11
C MET B 3 12.67 -1.74 15.99
N GLU B 4 13.06 -0.74 15.22
CA GLU B 4 12.21 -0.24 14.15
C GLU B 4 11.92 -1.34 13.15
N GLU B 5 12.93 -2.15 12.85
CA GLU B 5 12.77 -3.25 11.91
C GLU B 5 11.97 -4.38 12.53
N LEU B 6 12.22 -4.65 13.79
CA LEU B 6 11.54 -5.74 14.47
C LEU B 6 10.05 -5.48 14.57
N PHE B 7 9.68 -4.22 14.82
CA PHE B 7 8.26 -3.88 14.91
C PHE B 7 7.59 -4.13 13.58
N LYS B 8 8.24 -3.71 12.50
CA LYS B 8 7.69 -3.90 11.16
C LYS B 8 7.51 -5.38 10.83
N GLU B 9 8.47 -6.19 11.22
CA GLU B 9 8.44 -7.62 10.91
C GLU B 9 7.33 -8.38 11.64
N HIS B 10 7.14 -8.08 12.92
CA HIS B 10 6.19 -8.84 13.73
C HIS B 10 4.78 -8.24 13.73
N LYS B 11 4.69 -6.91 13.73
CA LYS B 11 3.42 -6.20 13.65
C LYS B 11 2.48 -6.43 14.83
N ILE B 12 2.97 -6.97 15.94
CA ILE B 12 2.11 -7.18 17.09
C ILE B 12 2.89 -7.19 18.40
N VAL B 13 2.28 -6.59 19.44
CA VAL B 13 2.91 -6.53 20.76
C VAL B 13 1.99 -7.11 21.83
N ALA B 14 2.57 -7.95 22.69
CA ALA B 14 1.84 -8.65 23.75
C ALA B 14 1.20 -7.74 24.79
N VAL B 15 1.84 -6.62 25.11
CA VAL B 15 1.34 -5.74 26.16
C VAL B 15 0.85 -6.54 27.37
N LEU B 16 1.77 -7.28 27.99
CA LEU B 16 1.43 -8.22 29.05
C LEU B 16 1.08 -7.52 30.36
N ARG B 17 0.05 -8.04 31.02
CA ARG B 17 -0.33 -7.59 32.34
C ARG B 17 -0.64 -8.79 33.23
N ALA B 18 -0.27 -8.70 34.50
CA ALA B 18 -0.47 -9.80 35.44
C ALA B 18 -0.56 -9.27 36.87
N ASN B 19 -1.11 -10.09 37.76
CA ASN B 19 -1.21 -9.73 39.17
C ASN B 19 -0.12 -10.41 40.01
N SER B 20 0.76 -11.14 39.33
CA SER B 20 1.84 -11.85 40.00
C SER B 20 2.96 -12.19 39.02
N ARG B 21 4.10 -12.59 39.56
CA ARG B 21 5.23 -12.98 38.73
C ARG B 21 4.97 -14.32 38.06
N GLU B 22 4.24 -15.20 38.75
CA GLU B 22 3.97 -16.52 38.21
C GLU B 22 3.04 -16.42 37.01
N GLU B 23 2.03 -15.57 37.13
CA GLU B 23 1.10 -15.37 36.02
C GLU B 23 1.83 -14.78 34.83
N ALA B 24 2.71 -13.83 35.08
CA ALA B 24 3.42 -13.16 34.00
C ALA B 24 4.27 -14.15 33.21
N ILE B 25 4.90 -15.08 33.91
CA ILE B 25 5.72 -16.08 33.25
C ILE B 25 4.88 -17.05 32.44
N GLU B 26 3.80 -17.54 33.03
CA GLU B 26 2.95 -18.50 32.34
C GLU B 26 2.34 -17.88 31.09
N ILE B 27 1.97 -16.61 31.19
CA ILE B 27 1.39 -15.90 30.06
C ILE B 27 2.44 -15.68 28.98
N ALA B 28 3.62 -15.22 29.39
CA ALA B 28 4.68 -14.92 28.43
C ALA B 28 5.00 -16.15 27.58
N LEU B 29 5.00 -17.32 28.22
CA LEU B 29 5.28 -18.54 27.49
C LEU B 29 4.13 -18.88 26.53
N ALA B 30 2.89 -18.68 26.98
CA ALA B 30 1.73 -18.95 26.13
C ALA B 30 1.71 -18.04 24.92
N VAL B 31 2.07 -16.78 25.13
CA VAL B 31 2.08 -15.79 24.06
C VAL B 31 3.23 -16.03 23.09
N PHE B 32 4.42 -16.25 23.61
CA PHE B 32 5.58 -16.52 22.77
C PHE B 32 5.33 -17.75 21.90
N ALA B 33 4.76 -18.78 22.51
CA ALA B 33 4.47 -20.02 21.82
C ALA B 33 3.42 -19.83 20.73
N GLY B 34 2.71 -18.71 20.79
CA GLY B 34 1.63 -18.43 19.85
C GLY B 34 2.13 -17.68 18.62
N GLY B 35 3.43 -17.38 18.59
CA GLY B 35 4.01 -16.68 17.46
C GLY B 35 4.21 -15.19 17.71
N VAL B 36 4.05 -14.75 18.95
CA VAL B 36 4.26 -13.34 19.27
C VAL B 36 5.60 -13.13 19.96
N HIS B 37 6.56 -12.56 19.23
CA HIS B 37 7.92 -12.40 19.72
C HIS B 37 8.12 -11.11 20.51
N LEU B 38 7.33 -10.08 20.21
CA LEU B 38 7.52 -8.79 20.87
C LEU B 38 6.67 -8.69 22.13
N ILE B 39 7.33 -8.82 23.26
CA ILE B 39 6.63 -8.83 24.54
C ILE B 39 7.14 -7.72 25.45
N GLU B 40 6.21 -6.96 25.99
CA GLU B 40 6.56 -5.94 26.97
C GLU B 40 5.76 -6.20 28.23
N ILE B 41 6.38 -5.98 29.38
CA ILE B 41 5.71 -6.21 30.64
C ILE B 41 5.39 -4.91 31.34
N THR B 42 4.11 -4.71 31.64
CA THR B 42 3.73 -3.51 32.37
C THR B 42 4.48 -3.48 33.68
N PHE B 43 5.14 -2.37 33.98
CA PHE B 43 5.96 -2.33 35.18
C PHE B 43 5.10 -1.96 36.37
N THR B 44 4.07 -2.77 36.58
CA THR B 44 3.13 -2.63 37.69
C THR B 44 3.00 -3.98 38.35
N VAL B 45 3.48 -5.01 37.66
CA VAL B 45 3.41 -6.37 38.16
C VAL B 45 4.30 -6.47 39.38
N PRO B 46 3.82 -7.04 40.50
CA PRO B 46 4.58 -7.24 41.70
C PRO B 46 5.91 -7.89 41.34
N ASP B 47 7.00 -7.28 41.77
CA ASP B 47 8.32 -7.75 41.41
C ASP B 47 8.45 -7.93 39.91
N ALA B 48 7.98 -6.95 39.14
CA ALA B 48 8.04 -7.01 37.69
C ALA B 48 9.46 -7.26 37.21
N ASP B 49 10.43 -6.68 37.90
CA ASP B 49 11.82 -6.82 37.51
C ASP B 49 12.31 -8.27 37.61
N GLU B 50 11.67 -9.06 38.48
CA GLU B 50 12.03 -10.45 38.64
C GLU B 50 11.59 -11.28 37.45
N VAL B 51 10.57 -10.78 36.75
CA VAL B 51 10.07 -11.47 35.58
C VAL B 51 10.93 -11.12 34.38
N ILE B 52 11.29 -9.84 34.28
CA ILE B 52 12.10 -9.35 33.16
C ILE B 52 13.46 -10.02 33.14
N LYS B 53 14.12 -10.07 34.30
CA LYS B 53 15.44 -10.69 34.39
C LYS B 53 15.39 -12.20 34.21
N ARG B 54 14.24 -12.81 34.51
CA ARG B 54 14.13 -14.26 34.44
C ARG B 54 13.87 -14.72 33.01
N LEU B 55 13.02 -14.00 32.30
CA LEU B 55 12.62 -14.40 30.97
C LEU B 55 13.66 -14.06 29.92
N GLU B 56 14.79 -13.53 30.37
CA GLU B 56 15.89 -13.20 29.46
C GLU B 56 16.35 -14.46 28.73
N MET B 57 16.01 -15.61 29.28
CA MET B 57 16.36 -16.90 28.69
C MET B 57 15.76 -17.04 27.30
N LEU B 58 14.67 -16.32 27.05
CA LEU B 58 13.96 -16.43 25.80
C LEU B 58 14.59 -15.59 24.72
N LYS B 59 15.52 -14.72 25.09
CA LYS B 59 16.17 -13.87 24.10
C LYS B 59 16.88 -14.73 23.08
N ARG B 60 17.43 -15.85 23.53
CA ARG B 60 18.14 -16.79 22.67
C ARG B 60 17.17 -17.46 21.70
N ALA B 61 15.89 -17.46 22.05
CA ALA B 61 14.85 -18.09 21.25
C ALA B 61 14.29 -17.13 20.22
N GLY B 62 14.80 -15.89 20.21
CA GLY B 62 14.32 -14.89 19.28
C GLY B 62 13.30 -13.95 19.91
N ALA B 63 13.07 -14.09 21.21
CA ALA B 63 12.14 -13.23 21.91
C ALA B 63 12.77 -11.86 22.17
N ILE B 64 11.94 -10.83 22.14
CA ILE B 64 12.39 -9.48 22.50
C ILE B 64 11.57 -8.96 23.67
N ILE B 65 12.24 -8.67 24.78
CA ILE B 65 11.53 -8.34 26.01
C ILE B 65 11.80 -6.92 26.49
N GLY B 66 10.75 -6.14 26.63
CA GLY B 66 10.86 -4.77 27.12
C GLY B 66 9.93 -4.52 28.30
N ALA B 67 9.77 -3.26 28.67
CA ALA B 67 8.93 -2.89 29.79
C ALA B 67 8.04 -1.71 29.42
N GLY B 68 6.78 -1.79 29.81
CA GLY B 68 5.84 -0.74 29.48
C GLY B 68 5.25 -0.07 30.71
N THR B 69 4.35 0.86 30.49
CA THR B 69 3.71 1.61 31.56
C THR B 69 4.75 2.20 32.50
N VAL B 70 5.79 2.79 31.93
CA VAL B 70 6.81 3.46 32.70
C VAL B 70 6.51 4.94 32.76
N THR B 71 6.26 5.44 33.97
CA THR B 71 5.80 6.82 34.14
C THR B 71 6.89 7.74 34.69
N SER B 72 7.94 7.14 35.23
CA SER B 72 9.01 7.91 35.85
C SER B 72 10.39 7.31 35.54
N VAL B 73 11.42 8.11 35.71
CA VAL B 73 12.78 7.69 35.39
C VAL B 73 13.27 6.59 36.33
N GLU B 74 12.82 6.59 37.57
CA GLU B 74 13.26 5.57 38.51
C GLU B 74 12.83 4.19 38.05
N GLN B 75 11.60 4.10 37.58
CA GLN B 75 11.07 2.84 37.06
C GLN B 75 11.84 2.43 35.81
N CYS B 76 12.15 3.42 34.97
CA CYS B 76 12.89 3.17 33.76
C CYS B 76 14.26 2.59 34.09
N ARG B 77 14.95 3.21 35.03
CA ARG B 77 16.28 2.77 35.40
C ARG B 77 16.27 1.32 35.85
N GLU B 78 15.29 0.96 36.68
CA GLU B 78 15.19 -0.42 37.15
C GLU B 78 14.94 -1.38 36.00
N ALA B 79 14.03 -1.00 35.10
CA ALA B 79 13.70 -1.85 33.97
C ALA B 79 14.91 -2.07 33.06
N VAL B 80 15.68 -1.02 32.85
CA VAL B 80 16.88 -1.12 32.00
C VAL B 80 17.91 -2.02 32.64
N GLU B 81 18.14 -1.85 33.94
CA GLU B 81 19.10 -2.68 34.66
C GLU B 81 18.68 -4.14 34.65
N SER B 82 17.37 -4.38 34.68
CA SER B 82 16.84 -5.73 34.68
C SER B 82 17.00 -6.43 33.33
N GLY B 83 17.40 -5.68 32.31
CA GLY B 83 17.61 -6.26 30.99
C GLY B 83 16.52 -5.93 29.98
N ALA B 84 15.68 -4.95 30.28
CA ALA B 84 14.65 -4.55 29.32
C ALA B 84 15.30 -4.01 28.05
N GLU B 85 14.77 -4.40 26.89
CA GLU B 85 15.34 -3.97 25.63
C GLU B 85 14.77 -2.65 25.14
N PHE B 86 13.55 -2.33 25.57
CA PHE B 86 12.91 -1.09 25.19
C PHE B 86 11.95 -0.59 26.27
N ILE B 87 11.70 0.72 26.29
CA ILE B 87 10.84 1.35 27.27
C ILE B 87 9.65 2.04 26.62
N VAL B 88 8.46 1.75 27.13
CA VAL B 88 7.25 2.38 26.61
C VAL B 88 6.49 3.14 27.70
N SER B 89 6.17 4.40 27.42
CA SER B 89 5.45 5.24 28.36
C SER B 89 4.04 5.55 27.87
N PRO B 90 3.08 5.74 28.80
CA PRO B 90 1.70 6.15 28.56
C PRO B 90 1.59 7.64 28.27
N HIS B 91 2.69 8.36 28.41
CA HIS B 91 2.70 9.80 28.19
C HIS B 91 4.04 10.22 27.62
N LEU B 92 4.16 11.49 27.26
CA LEU B 92 5.41 11.99 26.71
C LEU B 92 6.21 12.73 27.77
N ASP B 93 7.24 12.08 28.30
CA ASP B 93 8.07 12.70 29.32
C ASP B 93 9.26 13.39 28.68
N GLU B 94 10.07 14.02 29.51
CA GLU B 94 11.29 14.67 29.04
C GLU B 94 12.52 14.02 29.65
N GLU B 95 12.38 13.53 30.88
CA GLU B 95 13.51 12.98 31.60
C GLU B 95 13.83 11.57 31.14
N ILE B 96 12.79 10.78 30.92
CA ILE B 96 12.98 9.39 30.54
C ILE B 96 13.66 9.28 29.18
N SER B 97 13.23 10.10 28.23
CA SER B 97 13.79 10.03 26.89
C SER B 97 15.28 10.39 26.90
N GLN B 98 15.68 11.29 27.79
CA GLN B 98 17.08 11.67 27.88
C GLN B 98 17.91 10.53 28.44
N PHE B 99 17.38 9.90 29.49
CA PHE B 99 18.04 8.75 30.09
C PHE B 99 18.19 7.63 29.09
N CYS B 100 17.10 7.29 28.41
CA CYS B 100 17.10 6.21 27.44
C CYS B 100 18.07 6.52 26.30
N LYS B 101 18.09 7.77 25.85
CA LYS B 101 18.99 8.16 24.77
C LYS B 101 20.44 7.91 25.15
N GLU B 102 20.81 8.32 26.37
CA GLU B 102 22.16 8.14 26.86
C GLU B 102 22.54 6.67 26.98
N GLU B 103 21.58 5.86 27.43
CA GLU B 103 21.78 4.43 27.58
C GLU B 103 21.79 3.70 26.24
N GLY B 104 21.06 4.25 25.27
CA GLY B 104 20.94 3.60 23.97
C GLY B 104 19.77 2.62 23.94
N VAL B 105 18.78 2.90 24.77
CA VAL B 105 17.60 2.04 24.86
C VAL B 105 16.44 2.64 24.08
N PHE B 106 15.83 1.83 23.22
CA PHE B 106 14.72 2.32 22.41
C PHE B 106 13.60 2.82 23.30
N TYR B 107 13.07 3.99 22.99
CA TYR B 107 12.02 4.59 23.80
C TYR B 107 10.85 5.05 22.94
N MET B 108 9.65 4.69 23.36
CA MET B 108 8.44 5.10 22.65
C MET B 108 7.43 5.77 23.59
N PRO B 109 7.26 7.09 23.49
CA PRO B 109 6.38 7.92 24.29
C PRO B 109 4.93 7.76 23.87
N GLY B 110 4.01 8.06 24.78
CA GLY B 110 2.59 8.07 24.45
C GLY B 110 2.11 9.45 24.03
N VAL B 111 1.29 9.50 22.98
CA VAL B 111 0.69 10.74 22.50
C VAL B 111 -0.80 10.56 22.20
N MET B 112 -1.51 11.67 22.06
CA MET B 112 -2.92 11.62 21.66
C MET B 112 -3.32 12.80 20.77
N THR B 113 -2.59 13.91 20.88
CA THR B 113 -2.98 15.14 20.21
C THR B 113 -1.86 15.67 19.31
N PRO B 114 -2.18 16.47 18.29
CA PRO B 114 -1.26 17.10 17.35
C PRO B 114 -0.09 17.81 18.02
N THR B 115 -0.34 18.47 19.15
CA THR B 115 0.74 19.17 19.82
C THR B 115 1.78 18.19 20.35
N GLU B 116 1.30 17.10 20.91
CA GLU B 116 2.18 16.07 21.44
C GLU B 116 2.97 15.42 20.30
N LEU B 117 2.32 15.25 19.15
CA LEU B 117 2.98 14.67 18.00
C LEU B 117 4.13 15.54 17.54
N VAL B 118 3.90 16.85 17.51
CA VAL B 118 4.92 17.79 17.08
C VAL B 118 6.07 17.85 18.08
N LYS B 119 5.74 17.93 19.36
CA LYS B 119 6.78 17.99 20.38
C LYS B 119 7.68 16.77 20.31
N ALA B 120 7.06 15.59 20.26
CA ALA B 120 7.83 14.35 20.21
C ALA B 120 8.67 14.28 18.93
N MET B 121 8.09 14.73 17.83
CA MET B 121 8.80 14.72 16.55
C MET B 121 10.08 15.53 16.64
N LYS B 122 10.02 16.66 17.31
CA LYS B 122 11.16 17.56 17.43
C LYS B 122 12.20 17.03 18.42
N LEU B 123 11.89 15.94 19.09
CA LEU B 123 12.82 15.31 20.01
C LEU B 123 13.47 14.09 19.37
N GLY B 124 13.16 13.87 18.10
CA GLY B 124 13.74 12.76 17.35
C GLY B 124 12.98 11.45 17.48
N HIS B 125 11.71 11.51 17.87
CA HIS B 125 10.93 10.29 17.98
C HIS B 125 10.08 10.07 16.74
N THR B 126 10.40 9.03 15.99
CA THR B 126 9.71 8.77 14.72
C THR B 126 8.58 7.77 14.89
N ILE B 127 8.58 7.03 15.99
CA ILE B 127 7.51 6.10 16.29
C ILE B 127 6.80 6.52 17.57
N LEU B 128 5.48 6.71 17.49
CA LEU B 128 4.71 7.16 18.64
C LEU B 128 3.63 6.15 19.00
N LYS B 129 3.34 6.06 20.30
CA LYS B 129 2.26 5.19 20.78
C LYS B 129 0.96 5.98 20.92
N LEU B 130 -0.12 5.44 20.37
CA LEU B 130 -1.42 6.11 20.50
C LEU B 130 -2.21 5.50 21.63
N PHE B 131 -2.54 6.32 22.62
CA PHE B 131 -3.25 5.83 23.79
C PHE B 131 -4.17 6.87 24.39
N PRO B 132 -5.42 6.50 24.68
CA PRO B 132 -6.12 5.28 24.31
C PRO B 132 -6.38 5.21 22.81
N GLY B 133 -6.18 4.04 22.22
CA GLY B 133 -6.41 3.84 20.79
C GLY B 133 -7.90 3.77 20.45
N GLU B 134 -8.69 3.26 21.39
CA GLU B 134 -10.12 3.05 21.18
C GLU B 134 -10.92 4.35 21.15
N VAL B 135 -10.31 5.43 21.61
CA VAL B 135 -11.00 6.71 21.63
C VAL B 135 -10.90 7.45 20.30
N VAL B 136 -9.69 7.51 19.74
CA VAL B 136 -9.50 8.26 18.50
C VAL B 136 -9.73 7.38 17.26
N GLY B 137 -9.35 6.11 17.35
CA GLY B 137 -9.55 5.16 16.28
C GLY B 137 -8.63 5.44 15.09
N PRO B 138 -8.72 4.60 14.05
CA PRO B 138 -7.91 4.61 12.83
C PRO B 138 -7.96 5.94 12.08
N GLN B 139 -8.99 6.74 12.33
CA GLN B 139 -9.15 8.01 11.63
C GLN B 139 -8.07 9.00 12.03
N PHE B 140 -7.50 8.81 13.21
CA PHE B 140 -6.43 9.69 13.66
C PHE B 140 -5.20 9.43 12.82
N VAL B 141 -4.92 8.16 12.57
CA VAL B 141 -3.78 7.74 11.78
C VAL B 141 -3.93 8.22 10.34
N GLU B 142 -5.14 8.12 9.81
CA GLU B 142 -5.41 8.57 8.45
C GLU B 142 -5.14 10.06 8.31
N ALA B 143 -5.56 10.84 9.32
CA ALA B 143 -5.35 12.28 9.30
C ALA B 143 -3.87 12.61 9.40
N MET B 144 -3.18 11.93 10.29
CA MET B 144 -1.78 12.20 10.56
C MET B 144 -0.88 11.49 9.56
N LYS B 145 -1.15 11.72 8.28
CA LYS B 145 -0.33 11.19 7.20
C LYS B 145 0.04 12.32 6.28
N GLY B 146 -0.83 13.32 6.23
CA GLY B 146 -0.65 14.48 5.36
C GLY B 146 0.50 15.35 5.86
N PRO B 147 0.30 16.06 6.97
CA PRO B 147 1.26 16.91 7.65
C PRO B 147 2.39 16.11 8.30
N PHE B 148 2.17 14.82 8.53
CA PHE B 148 3.17 14.00 9.20
C PHE B 148 3.44 12.68 8.48
N PRO B 149 3.96 12.73 7.25
CA PRO B 149 4.17 11.62 6.35
C PRO B 149 5.29 10.70 6.83
N ASN B 150 6.09 11.21 7.76
CA ASN B 150 7.25 10.47 8.25
C ASN B 150 7.08 10.02 9.70
N VAL B 151 5.84 9.96 10.17
CA VAL B 151 5.58 9.52 11.53
C VAL B 151 4.81 8.20 11.55
N LYS B 152 5.34 7.22 12.26
CA LYS B 152 4.69 5.92 12.37
C LYS B 152 4.01 5.79 13.71
N PHE B 153 2.92 5.02 13.74
CA PHE B 153 2.19 4.85 14.99
C PHE B 153 2.01 3.40 15.39
N VAL B 154 1.98 3.17 16.69
CA VAL B 154 1.62 1.88 17.27
C VAL B 154 0.52 2.08 18.31
N PRO B 155 -0.75 1.96 17.92
CA PRO B 155 -1.90 2.14 18.78
C PRO B 155 -2.03 0.96 19.73
N THR B 156 -2.44 1.25 20.95
CA THR B 156 -2.71 0.21 21.93
C THR B 156 -4.11 0.37 22.50
N GLY B 157 -4.86 -0.71 22.48
CA GLY B 157 -6.24 -0.67 22.93
C GLY B 157 -7.14 -0.44 21.73
N GLY B 158 -8.36 -0.95 21.78
CA GLY B 158 -9.27 -0.81 20.66
C GLY B 158 -8.89 -1.78 19.54
N VAL B 159 -8.13 -2.81 19.90
CA VAL B 159 -7.67 -3.78 18.92
C VAL B 159 -8.22 -5.17 19.23
N ASN B 160 -8.88 -5.74 18.24
CA ASN B 160 -9.46 -7.07 18.36
C ASN B 160 -9.33 -7.80 17.02
N LEU B 161 -9.88 -9.01 16.94
CA LEU B 161 -9.71 -9.82 15.75
C LEU B 161 -10.55 -9.35 14.57
N ASP B 162 -11.49 -8.45 14.82
CA ASP B 162 -12.38 -7.99 13.76
C ASP B 162 -11.86 -6.73 13.09
N ASN B 163 -11.29 -5.83 13.87
CA ASN B 163 -10.85 -4.54 13.34
C ASN B 163 -9.34 -4.42 13.22
N VAL B 164 -8.62 -5.53 13.40
CA VAL B 164 -7.17 -5.47 13.34
C VAL B 164 -6.67 -5.07 11.95
N CYS B 165 -7.36 -5.55 10.91
CA CYS B 165 -7.01 -5.24 9.54
C CYS B 165 -7.29 -3.79 9.20
N GLU B 166 -8.31 -3.22 9.83
CA GLU B 166 -8.69 -1.84 9.59
C GLU B 166 -7.58 -0.91 10.05
N TRP B 167 -6.95 -1.26 11.17
CA TRP B 167 -5.84 -0.47 11.68
C TRP B 167 -4.69 -0.47 10.69
N PHE B 168 -4.38 -1.65 10.15
CA PHE B 168 -3.30 -1.77 9.18
C PHE B 168 -3.64 -1.11 7.86
N GLU B 169 -4.92 -1.09 7.50
CA GLU B 169 -5.35 -0.39 6.29
C GLU B 169 -5.11 1.10 6.43
N ALA B 170 -5.39 1.65 7.61
CA ALA B 170 -5.12 3.06 7.86
C ALA B 170 -3.62 3.33 7.69
N GLY B 171 -2.82 2.38 8.15
CA GLY B 171 -1.37 2.44 8.01
C GLY B 171 -0.68 2.59 9.35
N VAL B 172 -0.51 1.47 10.04
CA VAL B 172 0.21 1.46 11.31
C VAL B 172 1.38 0.50 11.24
N LEU B 173 2.30 0.62 12.17
CA LEU B 173 3.48 -0.21 12.21
C LEU B 173 3.20 -1.54 12.88
N ALA B 174 2.44 -1.50 13.96
CA ALA B 174 2.14 -2.66 14.77
C ALA B 174 0.92 -2.39 15.61
N VAL B 175 0.30 -3.43 16.15
CA VAL B 175 -0.84 -3.22 17.05
C VAL B 175 -0.58 -3.81 18.44
N GLY B 176 -0.94 -3.05 19.48
CA GLY B 176 -0.81 -3.52 20.85
C GLY B 176 -2.12 -4.10 21.36
N VAL B 177 -2.08 -5.37 21.77
CA VAL B 177 -3.26 -6.04 22.26
C VAL B 177 -3.11 -6.39 23.74
N GLY B 178 -3.81 -5.64 24.60
CA GLY B 178 -3.65 -5.79 26.04
C GLY B 178 -4.82 -6.51 26.71
N SER B 179 -5.65 -7.17 25.91
CA SER B 179 -6.83 -7.84 26.44
C SER B 179 -6.99 -9.24 25.88
N ALA B 180 -7.30 -9.31 24.59
CA ALA B 180 -7.54 -10.59 23.93
C ALA B 180 -6.26 -11.39 23.74
N LEU B 181 -5.13 -10.81 24.12
CA LEU B 181 -3.85 -11.48 23.99
C LEU B 181 -3.18 -11.60 25.36
N VAL B 182 -3.99 -11.80 26.40
CA VAL B 182 -3.48 -11.92 27.76
C VAL B 182 -4.49 -12.52 28.73
N GLU B 183 -5.77 -12.19 28.56
CA GLU B 183 -6.80 -12.71 29.43
C GLU B 183 -7.09 -14.18 29.13
N GLY B 184 -7.33 -14.96 30.19
CA GLY B 184 -7.68 -16.37 30.05
C GLY B 184 -6.55 -17.29 30.50
N LYS B 185 -6.77 -18.59 30.36
CA LYS B 185 -5.78 -19.59 30.75
C LYS B 185 -4.70 -19.68 29.69
N PRO B 186 -3.48 -20.10 30.03
CA PRO B 186 -2.36 -20.26 29.12
C PRO B 186 -2.74 -20.99 27.84
N SER B 187 -3.61 -21.99 27.96
CA SER B 187 -4.06 -22.75 26.79
C SER B 187 -5.02 -21.94 25.92
N GLU B 188 -5.70 -20.98 26.53
CA GLU B 188 -6.63 -20.12 25.81
C GLU B 188 -5.89 -18.95 25.19
N VAL B 189 -4.88 -18.47 25.91
CA VAL B 189 -4.11 -17.32 25.46
C VAL B 189 -3.31 -17.69 24.22
N ALA B 190 -2.69 -18.86 24.24
CA ALA B 190 -1.91 -19.32 23.10
C ALA B 190 -2.79 -19.42 21.85
N GLU B 191 -4.02 -19.89 22.03
CA GLU B 191 -4.94 -20.03 20.92
C GLU B 191 -5.32 -18.68 20.34
N LYS B 192 -5.62 -17.73 21.22
CA LYS B 192 -5.97 -16.39 20.80
C LYS B 192 -4.81 -15.76 20.04
N ALA B 193 -3.59 -16.00 20.52
CA ALA B 193 -2.40 -15.43 19.91
C ALA B 193 -2.27 -15.92 18.48
N ARG B 194 -2.53 -17.20 18.24
CA ARG B 194 -2.42 -17.73 16.90
C ARG B 194 -3.43 -17.09 15.96
N ARG B 195 -4.64 -16.85 16.45
CA ARG B 195 -5.65 -16.22 15.61
C ARG B 195 -5.23 -14.82 15.20
N PHE B 196 -4.63 -14.07 16.12
CA PHE B 196 -4.17 -12.73 15.81
C PHE B 196 -3.08 -12.76 14.75
N VAL B 197 -2.15 -13.69 14.89
CA VAL B 197 -1.05 -13.78 13.93
C VAL B 197 -1.56 -14.14 12.55
N LYS B 198 -2.47 -15.11 12.48
CA LYS B 198 -3.00 -15.53 11.19
C LYS B 198 -3.77 -14.41 10.50
N LYS B 199 -4.56 -13.68 11.27
CA LYS B 199 -5.38 -12.62 10.69
C LYS B 199 -4.51 -11.49 10.14
N ILE B 200 -3.46 -11.15 10.89
CA ILE B 200 -2.56 -10.09 10.46
C ILE B 200 -1.79 -10.50 9.22
N ARG B 201 -1.28 -11.73 9.20
CA ARG B 201 -0.55 -12.22 8.03
C ARG B 201 -1.43 -12.22 6.80
N GLY B 202 -2.70 -12.57 6.98
CA GLY B 202 -3.66 -12.59 5.90
C GLY B 202 -3.81 -11.22 5.22
N CYS B 203 -4.13 -10.20 6.03
CA CYS B 203 -4.32 -8.83 5.54
C CYS B 203 -2.99 -8.16 5.18
N THR B 204 -1.93 -8.55 5.87
CA THR B 204 -0.61 -7.95 5.67
C THR B 204 0.45 -8.77 6.41
N ALA C 20 1.45 -69.56 47.93
CA ALA C 20 2.72 -69.40 48.65
C ALA C 20 3.17 -67.93 48.67
N ARG C 21 2.19 -67.01 48.77
CA ARG C 21 2.42 -65.56 48.78
C ARG C 21 3.24 -65.10 49.99
N LYS C 22 3.31 -65.96 51.00
CA LYS C 22 4.05 -65.66 52.22
C LYS C 22 5.52 -65.41 51.93
N MET C 23 6.00 -65.90 50.79
CA MET C 23 7.40 -65.73 50.43
C MET C 23 7.77 -64.27 50.26
N GLU C 24 6.83 -63.45 49.80
CA GLU C 24 7.12 -62.03 49.60
C GLU C 24 7.50 -61.39 50.92
N GLU C 25 6.77 -61.75 51.96
CA GLU C 25 7.01 -61.20 53.30
C GLU C 25 8.32 -61.73 53.86
N LEU C 26 8.59 -63.00 53.63
CA LEU C 26 9.80 -63.62 54.14
C LEU C 26 11.03 -63.02 53.49
N PHE C 27 10.95 -62.76 52.19
CA PHE C 27 12.07 -62.13 51.50
C PHE C 27 12.31 -60.74 52.07
N LYS C 28 11.24 -60.00 52.31
CA LYS C 28 11.35 -58.65 52.85
C LYS C 28 12.00 -58.64 54.23
N GLU C 29 11.68 -59.64 55.05
CA GLU C 29 12.21 -59.72 56.40
C GLU C 29 13.72 -59.96 56.44
N HIS C 30 14.23 -60.77 55.53
CA HIS C 30 15.64 -61.14 55.58
C HIS C 30 16.51 -60.33 54.61
N LYS C 31 15.97 -60.07 53.42
CA LYS C 31 16.65 -59.27 52.38
C LYS C 31 17.95 -59.87 51.86
N ILE C 32 18.18 -61.16 52.13
CA ILE C 32 19.38 -61.81 51.61
C ILE C 32 19.20 -63.30 51.44
N VAL C 33 19.70 -63.83 50.33
CA VAL C 33 19.64 -65.25 50.05
C VAL C 33 21.03 -65.83 49.80
N ALA C 34 21.33 -66.94 50.47
CA ALA C 34 22.60 -67.62 50.27
C ALA C 34 22.48 -68.67 49.19
N VAL C 35 23.28 -68.52 48.13
CA VAL C 35 23.27 -69.49 47.03
C VAL C 35 24.40 -70.48 47.23
N LEU C 36 24.05 -71.74 47.45
CA LEU C 36 25.04 -72.74 47.83
C LEU C 36 25.39 -73.73 46.74
N ARG C 37 26.69 -73.92 46.55
CA ARG C 37 27.24 -74.95 45.68
C ARG C 37 28.33 -75.71 46.44
N ALA C 38 28.53 -76.97 46.07
CA ALA C 38 29.47 -77.82 46.79
C ALA C 38 29.91 -78.99 45.92
N ASN C 39 30.97 -79.68 46.34
CA ASN C 39 31.40 -80.90 45.67
C ASN C 39 30.94 -82.14 46.42
N SER C 40 30.18 -81.93 47.50
CA SER C 40 29.70 -83.03 48.33
C SER C 40 28.55 -82.60 49.24
N VAL C 41 27.88 -83.59 49.81
CA VAL C 41 26.80 -83.35 50.76
C VAL C 41 27.32 -82.70 52.03
N GLU C 42 28.45 -83.18 52.52
CA GLU C 42 29.01 -82.69 53.76
C GLU C 42 29.41 -81.23 53.65
N GLU C 43 29.99 -80.85 52.52
CA GLU C 43 30.37 -79.47 52.31
C GLU C 43 29.14 -78.57 52.26
N ALA C 44 28.10 -79.02 51.55
CA ALA C 44 26.87 -78.26 51.43
C ALA C 44 26.22 -78.08 52.79
N LYS C 45 26.28 -79.12 53.60
CA LYS C 45 25.66 -79.10 54.92
C LYS C 45 26.34 -78.10 55.84
N LYS C 46 27.67 -78.13 55.84
CA LYS C 46 28.44 -77.23 56.68
C LYS C 46 28.23 -75.78 56.28
N LYS C 47 28.17 -75.53 54.97
CA LYS C 47 27.96 -74.19 54.47
C LYS C 47 26.56 -73.67 54.81
N ALA C 48 25.56 -74.56 54.69
CA ALA C 48 24.18 -74.17 55.00
C ALA C 48 24.05 -73.76 56.45
N LEU C 49 24.72 -74.49 57.33
CA LEU C 49 24.68 -74.16 58.74
C LEU C 49 25.41 -72.86 59.03
N ALA C 50 26.56 -72.67 58.39
CA ALA C 50 27.36 -71.48 58.61
C ALA C 50 26.58 -70.20 58.28
N VAL C 51 25.86 -70.21 57.17
CA VAL C 51 25.09 -69.01 56.80
C VAL C 51 23.88 -68.86 57.71
N PHE C 52 23.28 -69.98 58.09
CA PHE C 52 22.15 -69.96 59.01
C PHE C 52 22.53 -69.29 60.33
N LEU C 53 23.64 -69.75 60.90
CA LEU C 53 24.12 -69.21 62.16
C LEU C 53 24.50 -67.74 62.01
N GLY C 54 24.98 -67.38 60.83
CA GLY C 54 25.40 -66.01 60.54
C GLY C 54 24.23 -65.05 60.37
N GLY C 55 23.01 -65.57 60.40
CA GLY C 55 21.82 -64.72 60.30
C GLY C 55 21.15 -64.74 58.93
N VAL C 56 21.52 -65.69 58.08
CA VAL C 56 20.89 -65.83 56.78
C VAL C 56 19.97 -67.04 56.75
N HIS C 57 18.67 -66.81 56.79
CA HIS C 57 17.72 -67.91 56.91
C HIS C 57 17.15 -68.35 55.58
N LEU C 58 17.48 -67.63 54.51
CA LEU C 58 17.03 -68.02 53.18
C LEU C 58 18.14 -68.77 52.45
N ILE C 59 17.98 -70.08 52.36
CA ILE C 59 19.00 -70.94 51.80
C ILE C 59 18.53 -71.61 50.51
N GLU C 60 19.29 -71.42 49.44
CA GLU C 60 18.96 -71.98 48.15
C GLU C 60 20.00 -73.01 47.72
N ILE C 61 19.57 -74.25 47.53
CA ILE C 61 20.47 -75.32 47.15
C ILE C 61 20.38 -75.58 45.65
N THR C 62 21.49 -75.46 44.95
CA THR C 62 21.50 -75.64 43.50
C THR C 62 21.50 -77.12 43.13
N PHE C 63 21.19 -77.41 41.88
CA PHE C 63 21.21 -78.77 41.37
C PHE C 63 22.40 -79.03 40.44
N THR C 64 23.41 -78.17 40.53
CA THR C 64 24.63 -78.37 39.77
C THR C 64 25.47 -79.44 40.46
N VAL C 65 25.05 -79.78 41.67
CA VAL C 65 25.73 -80.78 42.49
C VAL C 65 24.89 -82.05 42.50
N PRO C 66 25.46 -83.19 42.09
CA PRO C 66 24.80 -84.48 41.94
C PRO C 66 24.54 -85.18 43.28
N ASP C 67 24.02 -84.41 44.24
CA ASP C 67 23.64 -84.92 45.55
C ASP C 67 22.74 -83.89 46.20
N ALA C 68 22.35 -82.90 45.40
CA ALA C 68 21.55 -81.78 45.88
C ALA C 68 20.25 -82.24 46.51
N ASP C 69 19.67 -83.33 46.01
CA ASP C 69 18.42 -83.82 46.56
C ASP C 69 18.63 -84.35 47.97
N THR C 70 19.76 -85.00 48.16
CA THR C 70 20.14 -85.50 49.48
C THR C 70 20.34 -84.33 50.44
N VAL C 71 20.98 -83.27 49.94
CA VAL C 71 21.24 -82.10 50.75
C VAL C 71 19.95 -81.42 51.19
N ILE C 72 19.02 -81.26 50.25
CA ILE C 72 17.76 -80.59 50.55
C ILE C 72 16.97 -81.37 51.59
N LYS C 73 16.91 -82.69 51.43
CA LYS C 73 16.18 -83.53 52.36
C LYS C 73 16.84 -83.53 53.74
N GLU C 74 18.16 -83.69 53.79
CA GLU C 74 18.87 -83.78 55.06
C GLU C 74 18.75 -82.50 55.87
N LEU C 75 18.83 -81.35 55.20
CA LEU C 75 18.81 -80.07 55.88
C LEU C 75 17.44 -79.69 56.40
N SER C 76 16.45 -80.56 56.21
CA SER C 76 15.10 -80.27 56.68
C SER C 76 15.09 -80.10 58.20
N PHE C 77 16.10 -80.61 58.88
CA PHE C 77 16.17 -80.50 60.33
C PHE C 77 16.28 -79.03 60.76
N LEU C 78 16.76 -78.18 59.87
CA LEU C 78 16.92 -76.76 60.18
C LEU C 78 15.59 -76.02 60.11
N LYS C 79 14.59 -76.62 59.48
CA LYS C 79 13.32 -75.94 59.31
C LYS C 79 12.70 -75.60 60.66
N GLU C 80 12.87 -76.48 61.63
CA GLU C 80 12.31 -76.28 62.96
C GLU C 80 13.08 -75.19 63.72
N MET C 81 14.23 -74.81 63.19
CA MET C 81 15.06 -73.79 63.81
C MET C 81 14.81 -72.44 63.16
N GLY C 82 13.88 -72.39 62.21
CA GLY C 82 13.52 -71.15 61.54
C GLY C 82 14.19 -70.99 60.17
N ALA C 83 14.81 -72.04 59.65
CA ALA C 83 15.43 -71.97 58.34
C ALA C 83 14.39 -72.14 57.24
N ILE C 84 14.63 -71.45 56.13
CA ILE C 84 13.78 -71.57 54.95
C ILE C 84 14.59 -72.17 53.80
N ILE C 85 14.27 -73.39 53.41
CA ILE C 85 15.09 -74.09 52.43
C ILE C 85 14.37 -74.33 51.11
N GLY C 86 14.99 -73.89 50.03
CA GLY C 86 14.46 -74.09 48.68
C GLY C 86 15.55 -74.61 47.75
N ALA C 87 15.30 -74.55 46.45
CA ALA C 87 16.25 -75.06 45.47
C ALA C 87 16.39 -74.14 44.29
N GLY C 88 17.59 -74.08 43.72
CA GLY C 88 17.86 -73.21 42.58
C GLY C 88 18.29 -73.99 41.35
N THR C 89 18.71 -73.25 40.32
CA THR C 89 19.16 -73.81 39.05
C THR C 89 18.32 -75.00 38.61
N VAL C 90 16.99 -74.83 38.63
CA VAL C 90 16.11 -75.85 38.09
C VAL C 90 15.79 -75.54 36.63
N THR C 91 16.14 -76.47 35.75
CA THR C 91 16.00 -76.23 34.31
C THR C 91 15.05 -77.21 33.64
N SER C 92 14.22 -77.89 34.43
CA SER C 92 13.23 -78.80 33.87
C SER C 92 12.08 -79.03 34.84
N VAL C 93 10.95 -79.50 34.30
CA VAL C 93 9.80 -79.85 35.12
C VAL C 93 10.09 -81.08 35.97
N GLU C 94 10.77 -82.05 35.37
CA GLU C 94 11.09 -83.28 36.07
C GLU C 94 12.02 -83.02 37.24
N GLN C 95 13.00 -82.15 37.03
CA GLN C 95 13.93 -81.77 38.08
C GLN C 95 13.20 -81.00 39.16
N CYS C 96 12.26 -80.16 38.73
CA CYS C 96 11.45 -79.40 39.67
C CYS C 96 10.66 -80.35 40.57
N ARG C 97 10.03 -81.35 39.95
CA ARG C 97 9.26 -82.32 40.71
C ARG C 97 10.11 -82.95 41.80
N GLU C 98 11.34 -83.32 41.46
CA GLU C 98 12.24 -83.91 42.45
C GLU C 98 12.52 -82.93 43.57
N ALA C 99 12.70 -81.65 43.23
CA ALA C 99 12.96 -80.62 44.22
C ALA C 99 11.79 -80.47 45.18
N VAL C 100 10.58 -80.57 44.63
CA VAL C 100 9.36 -80.46 45.43
C VAL C 100 9.26 -81.65 46.37
N GLU C 101 9.53 -82.84 45.85
CA GLU C 101 9.50 -84.06 46.66
C GLU C 101 10.55 -84.00 47.77
N SER C 102 11.67 -83.37 47.49
CA SER C 102 12.77 -83.24 48.44
C SER C 102 12.41 -82.28 49.58
N GLY C 103 11.30 -81.55 49.45
CA GLY C 103 10.86 -80.64 50.49
C GLY C 103 11.27 -79.19 50.26
N ALA C 104 11.62 -78.84 49.02
CA ALA C 104 11.96 -77.45 48.73
C ALA C 104 10.71 -76.58 48.85
N GLU C 105 10.83 -75.44 49.54
CA GLU C 105 9.70 -74.53 49.67
C GLU C 105 9.55 -73.62 48.46
N PHE C 106 10.67 -73.32 47.82
CA PHE C 106 10.64 -72.46 46.65
C PHE C 106 11.58 -72.97 45.56
N ILE C 107 11.21 -72.68 44.32
CA ILE C 107 12.00 -73.07 43.14
C ILE C 107 12.47 -71.86 42.37
N VAL C 108 13.77 -71.82 42.07
CA VAL C 108 14.33 -70.71 41.31
C VAL C 108 14.98 -71.19 40.02
N SER C 109 14.65 -70.51 38.92
CA SER C 109 15.21 -70.83 37.62
C SER C 109 15.99 -69.65 37.04
N PRO C 110 17.02 -69.91 36.22
CA PRO C 110 17.84 -68.93 35.54
C PRO C 110 17.10 -68.23 34.41
N HIS C 111 15.98 -68.80 34.00
CA HIS C 111 15.21 -68.27 32.87
C HIS C 111 13.73 -68.25 33.17
N LEU C 112 12.95 -67.71 32.24
CA LEU C 112 11.49 -67.68 32.37
C LEU C 112 10.91 -68.91 31.70
N ASP C 113 10.15 -69.69 32.45
CA ASP C 113 9.69 -70.99 31.98
C ASP C 113 8.23 -71.27 32.33
N GLU C 114 7.39 -71.30 31.31
CA GLU C 114 5.96 -71.50 31.48
C GLU C 114 5.63 -72.89 31.99
N GLU C 115 6.37 -73.90 31.53
CA GLU C 115 6.07 -75.28 31.90
C GLU C 115 6.36 -75.52 33.37
N ILE C 116 7.48 -74.97 33.85
CA ILE C 116 7.83 -75.09 35.26
C ILE C 116 6.86 -74.27 36.10
N SER C 117 6.53 -73.07 35.63
CA SER C 117 5.61 -72.20 36.35
C SER C 117 4.26 -72.86 36.56
N GLN C 118 3.73 -73.48 35.50
CA GLN C 118 2.43 -74.14 35.59
C GLN C 118 2.49 -75.33 36.55
N PHE C 119 3.58 -76.09 36.47
CA PHE C 119 3.75 -77.21 37.38
C PHE C 119 3.79 -76.74 38.83
N CYS C 120 4.60 -75.73 39.10
CA CYS C 120 4.74 -75.21 40.45
C CYS C 120 3.41 -74.66 40.95
N LYS C 121 2.68 -73.99 40.07
CA LYS C 121 1.38 -73.44 40.44
C LYS C 121 0.45 -74.53 40.92
N GLU C 122 0.36 -75.61 40.15
CA GLU C 122 -0.52 -76.73 40.47
C GLU C 122 -0.15 -77.39 41.79
N GLU C 123 1.15 -77.44 42.08
CA GLU C 123 1.66 -78.09 43.28
C GLU C 123 1.66 -77.15 44.49
N GLY C 124 1.28 -75.89 44.29
CA GLY C 124 1.26 -74.92 45.38
C GLY C 124 2.67 -74.50 45.81
N VAL C 125 3.61 -74.50 44.88
CA VAL C 125 5.00 -74.19 45.17
C VAL C 125 5.41 -72.83 44.62
N PHE C 126 6.03 -72.02 45.47
CA PHE C 126 6.47 -70.70 45.02
C PHE C 126 7.54 -70.84 43.95
N TYR C 127 7.41 -70.07 42.88
CA TYR C 127 8.37 -70.13 41.78
C TYR C 127 8.82 -68.74 41.37
N MET C 128 10.13 -68.58 41.26
CA MET C 128 10.70 -67.31 40.84
C MET C 128 11.58 -67.49 39.59
N PRO C 129 11.08 -67.07 38.42
CA PRO C 129 11.72 -67.19 37.12
C PRO C 129 12.83 -66.16 36.96
N GLY C 130 13.79 -66.44 36.08
CA GLY C 130 14.84 -65.49 35.77
C GLY C 130 14.50 -64.65 34.54
N VAL C 131 14.81 -63.36 34.61
CA VAL C 131 14.62 -62.44 33.50
C VAL C 131 15.84 -61.56 33.30
N MET C 132 15.93 -60.91 32.13
CA MET C 132 17.02 -59.98 31.86
C MET C 132 16.59 -58.78 31.04
N THR C 133 15.51 -58.92 30.28
CA THR C 133 15.08 -57.87 29.36
C THR C 133 13.61 -57.53 29.57
N PRO C 134 13.18 -56.29 29.29
CA PRO C 134 11.83 -55.77 29.44
C PRO C 134 10.76 -56.67 28.84
N THR C 135 11.05 -57.34 27.74
CA THR C 135 10.05 -58.19 27.11
C THR C 135 9.78 -59.44 27.94
N GLU C 136 10.79 -59.89 28.67
CA GLU C 136 10.65 -61.08 29.51
C GLU C 136 9.93 -60.70 30.79
N LEU C 137 10.18 -59.48 31.26
CA LEU C 137 9.51 -59.00 32.45
C LEU C 137 8.01 -58.94 32.17
N TYR C 138 7.67 -58.49 30.97
CA TYR C 138 6.27 -58.39 30.55
C TYR C 138 5.62 -59.76 30.50
N LYS C 139 6.27 -60.71 29.84
CA LYS C 139 5.71 -62.06 29.71
C LYS C 139 5.43 -62.68 31.06
N ALA C 140 6.34 -62.45 32.01
CA ALA C 140 6.21 -63.01 33.35
C ALA C 140 4.94 -62.54 34.05
N MET C 141 4.45 -61.36 33.68
CA MET C 141 3.27 -60.80 34.33
C MET C 141 2.05 -61.65 34.03
N LYS C 142 2.04 -62.30 32.87
CA LYS C 142 0.90 -63.09 32.45
C LYS C 142 0.82 -64.40 33.21
N LEU C 143 1.88 -64.72 33.94
CA LEU C 143 1.92 -65.93 34.73
C LEU C 143 1.62 -65.60 36.19
N GLY C 144 1.36 -64.33 36.45
CA GLY C 144 1.03 -63.87 37.80
C GLY C 144 2.24 -63.69 38.69
N HIS C 145 3.41 -63.44 38.12
CA HIS C 145 4.60 -63.26 38.94
C HIS C 145 4.79 -61.81 39.34
N THR C 146 5.00 -61.58 40.63
CA THR C 146 5.22 -60.23 41.14
C THR C 146 6.67 -60.05 41.56
N ILE C 147 7.38 -61.16 41.74
CA ILE C 147 8.79 -61.13 42.11
C ILE C 147 9.61 -61.82 41.03
N LEU C 148 10.60 -61.12 40.49
CA LEU C 148 11.44 -61.68 39.44
C LEU C 148 12.89 -61.73 39.85
N LYS C 149 13.61 -62.75 39.37
CA LYS C 149 15.05 -62.83 39.57
C LYS C 149 15.79 -62.16 38.44
N LEU C 150 16.67 -61.23 38.76
CA LEU C 150 17.42 -60.53 37.73
C LEU C 150 18.81 -61.15 37.62
N PHE C 151 19.08 -61.75 36.47
CA PHE C 151 20.30 -62.53 36.31
C PHE C 151 20.79 -62.55 34.86
N PRO C 152 22.09 -62.36 34.66
CA PRO C 152 23.12 -61.96 35.60
C PRO C 152 22.98 -60.50 36.03
N GLY C 153 23.01 -60.26 37.34
CA GLY C 153 22.82 -58.91 37.86
C GLY C 153 23.99 -58.00 37.52
N GLU C 154 25.17 -58.60 37.45
CA GLU C 154 26.41 -57.87 37.21
C GLU C 154 26.52 -57.27 35.81
N VAL C 155 25.64 -57.69 34.90
CA VAL C 155 25.70 -57.20 33.53
C VAL C 155 24.95 -55.88 33.36
N VAL C 156 23.78 -55.77 33.99
CA VAL C 156 22.97 -54.57 33.82
C VAL C 156 23.11 -53.62 35.02
N GLY C 157 23.25 -54.18 36.22
CA GLY C 157 23.41 -53.38 37.43
C GLY C 157 22.08 -52.80 37.93
N PRO C 158 22.12 -52.09 39.07
CA PRO C 158 21.00 -51.51 39.80
C PRO C 158 20.16 -50.56 38.96
N GLN C 159 20.76 -49.99 37.92
CA GLN C 159 20.08 -49.03 37.08
C GLN C 159 18.94 -49.68 36.31
N PHE C 160 19.02 -50.99 36.11
CA PHE C 160 17.98 -51.72 35.42
C PHE C 160 16.71 -51.74 36.25
N VAL C 161 16.89 -52.02 37.54
CA VAL C 161 15.76 -52.11 38.45
C VAL C 161 15.04 -50.77 38.53
N GLU C 162 15.81 -49.69 38.59
CA GLU C 162 15.23 -48.36 38.63
C GLU C 162 14.49 -48.04 37.34
N ALA C 163 15.09 -48.40 36.21
CA ALA C 163 14.51 -48.13 34.90
C ALA C 163 13.15 -48.79 34.72
N MET C 164 12.99 -49.97 35.32
CA MET C 164 11.76 -50.74 35.12
C MET C 164 10.63 -50.32 36.06
N LYS C 165 10.88 -49.37 36.94
CA LYS C 165 9.84 -48.96 37.88
C LYS C 165 8.68 -48.26 37.17
N GLY C 166 8.98 -47.63 36.04
CA GLY C 166 7.96 -46.95 35.25
C GLY C 166 6.88 -47.91 34.76
N PRO C 167 7.20 -48.78 33.79
CA PRO C 167 6.33 -49.78 33.20
C PRO C 167 5.97 -50.91 34.16
N PHE C 168 6.77 -51.13 35.19
CA PHE C 168 6.50 -52.20 36.14
C PHE C 168 6.55 -51.73 37.60
N PRO C 169 5.62 -50.86 38.00
CA PRO C 169 5.57 -50.18 39.28
C PRO C 169 5.23 -51.13 40.42
N ASN C 170 4.73 -52.31 40.05
CA ASN C 170 4.29 -53.29 41.03
C ASN C 170 5.13 -54.56 40.98
N VAL C 171 6.33 -54.46 40.42
CA VAL C 171 7.20 -55.62 40.33
C VAL C 171 8.45 -55.45 41.18
N LYS C 172 8.71 -56.45 42.02
CA LYS C 172 9.88 -56.43 42.87
C LYS C 172 10.96 -57.33 42.28
N PHE C 173 12.21 -56.95 42.49
CA PHE C 173 13.31 -57.73 41.95
C PHE C 173 14.21 -58.31 43.03
N VAL C 174 14.77 -59.47 42.72
CA VAL C 174 15.80 -60.09 43.52
C VAL C 174 16.99 -60.43 42.63
N PRO C 175 17.94 -59.51 42.44
CA PRO C 175 19.10 -59.67 41.61
C PRO C 175 20.07 -60.64 42.24
N THR C 176 20.71 -61.45 41.40
CA THR C 176 21.72 -62.38 41.88
C THR C 176 23.02 -62.20 41.11
N GLY C 177 24.11 -62.05 41.85
CA GLY C 177 25.41 -61.83 41.24
C GLY C 177 25.68 -60.35 41.15
N GLY C 178 26.95 -59.96 41.23
CA GLY C 178 27.31 -58.55 41.19
C GLY C 178 27.09 -57.89 42.54
N VAL C 179 26.80 -58.73 43.55
CA VAL C 179 26.52 -58.24 44.89
C VAL C 179 27.64 -58.62 45.84
N ASN C 180 28.21 -57.61 46.48
CA ASN C 180 29.28 -57.80 47.44
C ASN C 180 29.20 -56.75 48.53
N LEU C 181 30.11 -56.82 49.50
CA LEU C 181 30.03 -55.96 50.67
C LEU C 181 30.30 -54.49 50.37
N ASP C 182 30.77 -54.20 49.17
CA ASP C 182 31.06 -52.82 48.80
C ASP C 182 29.84 -52.14 48.20
N ASN C 183 28.95 -52.93 47.60
CA ASN C 183 27.79 -52.36 46.92
C ASN C 183 26.48 -52.96 47.42
N VAL C 184 26.54 -53.82 48.42
CA VAL C 184 25.33 -54.48 48.91
C VAL C 184 24.26 -53.49 49.37
N CYS C 185 24.69 -52.32 49.89
CA CYS C 185 23.76 -51.30 50.35
C CYS C 185 23.09 -50.56 49.19
N GLU C 186 23.91 -50.07 48.25
CA GLU C 186 23.38 -49.26 47.16
C GLU C 186 22.43 -50.06 46.30
N TRP C 187 22.62 -51.38 46.26
CA TRP C 187 21.73 -52.25 45.51
C TRP C 187 20.27 -52.10 45.94
N PHE C 188 20.06 -51.72 47.20
CA PHE C 188 18.71 -51.62 47.73
C PHE C 188 18.05 -50.29 47.43
N GLU C 189 18.85 -49.31 47.03
CA GLU C 189 18.34 -47.96 46.76
C GLU C 189 17.49 -47.95 45.51
N ALA C 190 17.64 -49.00 44.71
CA ALA C 190 16.90 -49.14 43.46
C ALA C 190 15.49 -49.66 43.72
N GLY C 191 15.19 -50.00 44.97
CA GLY C 191 13.89 -50.57 45.30
C GLY C 191 13.92 -52.08 45.16
N VAL C 192 14.96 -52.69 45.74
CA VAL C 192 15.16 -54.13 45.71
C VAL C 192 14.59 -54.81 46.95
N LEU C 193 13.99 -55.98 46.74
CA LEU C 193 13.38 -56.75 47.82
C LEU C 193 14.43 -57.51 48.63
N ALA C 194 15.34 -58.17 47.92
CA ALA C 194 16.37 -58.99 48.54
C ALA C 194 17.52 -59.17 47.56
N VAL C 195 18.70 -59.47 48.08
CA VAL C 195 19.83 -59.72 47.18
C VAL C 195 20.34 -61.16 47.27
N GLY C 196 20.59 -61.75 46.11
CA GLY C 196 21.16 -63.09 46.03
C GLY C 196 22.67 -63.01 45.97
N VAL C 197 23.33 -63.64 46.94
CA VAL C 197 24.78 -63.53 47.02
C VAL C 197 25.44 -64.89 46.83
N GLY C 198 26.46 -64.93 45.97
CA GLY C 198 27.17 -66.15 45.65
C GLY C 198 28.44 -66.28 46.49
N SER C 199 29.58 -66.47 45.81
CA SER C 199 30.84 -66.79 46.46
C SER C 199 31.33 -65.69 47.41
N ALA C 200 30.77 -64.49 47.28
CA ALA C 200 31.12 -63.39 48.18
C ALA C 200 30.65 -63.72 49.59
N LEU C 201 29.61 -64.55 49.69
CA LEU C 201 29.03 -64.96 50.96
C LEU C 201 29.37 -66.40 51.29
N VAL C 202 29.29 -67.27 50.28
CA VAL C 202 29.51 -68.69 50.50
C VAL C 202 30.80 -69.17 49.84
N GLU C 203 31.86 -69.25 50.61
CA GLU C 203 33.17 -69.68 50.15
C GLU C 203 34.14 -69.69 51.34
N GLY C 204 35.11 -70.60 51.28
CA GLY C 204 36.09 -70.74 52.36
C GLY C 204 35.58 -71.71 53.43
N THR C 205 36.15 -71.61 54.62
CA THR C 205 35.81 -72.52 55.71
C THR C 205 34.46 -72.15 56.28
N PRO C 206 33.78 -73.06 56.98
CA PRO C 206 32.54 -72.84 57.70
C PRO C 206 32.63 -71.62 58.61
N VAL C 207 33.80 -71.42 59.21
CA VAL C 207 34.01 -70.25 60.06
C VAL C 207 34.02 -68.98 59.24
N GLU C 208 34.77 -69.00 58.14
CA GLU C 208 34.85 -67.83 57.26
C GLU C 208 33.48 -67.50 56.68
N VAL C 209 32.72 -68.53 56.34
CA VAL C 209 31.38 -68.32 55.77
C VAL C 209 30.48 -67.64 56.78
N ALA C 210 30.49 -68.10 58.02
CA ALA C 210 29.67 -67.50 59.06
C ALA C 210 30.07 -66.04 59.28
N GLU C 211 31.37 -65.76 59.24
CA GLU C 211 31.86 -64.40 59.43
C GLU C 211 31.41 -63.49 58.30
N LYS C 212 31.47 -63.99 57.07
CA LYS C 212 31.03 -63.23 55.92
C LYS C 212 29.53 -62.96 56.01
N ALA C 213 28.78 -63.98 56.44
CA ALA C 213 27.35 -63.85 56.58
C ALA C 213 27.00 -62.76 57.57
N LYS C 214 27.74 -62.70 58.67
CA LYS C 214 27.50 -61.66 59.66
C LYS C 214 27.72 -60.29 59.04
N ALA C 215 28.81 -60.14 58.29
CA ALA C 215 29.13 -58.86 57.67
C ALA C 215 28.02 -58.41 56.72
N PHE C 216 27.47 -59.34 55.94
CA PHE C 216 26.41 -59.00 55.00
C PHE C 216 25.14 -58.58 55.73
N VAL C 217 24.77 -59.33 56.76
CA VAL C 217 23.54 -59.04 57.49
C VAL C 217 23.65 -57.72 58.23
N GLU C 218 24.80 -57.49 58.88
CA GLU C 218 24.99 -56.28 59.66
C GLU C 218 24.96 -55.02 58.81
N LYS C 219 25.52 -55.09 57.60
CA LYS C 219 25.53 -53.92 56.74
C LYS C 219 24.16 -53.65 56.14
N ILE C 220 23.43 -54.71 55.76
CA ILE C 220 22.11 -54.54 55.18
C ILE C 220 21.14 -53.98 56.21
N GLU C 221 21.17 -54.55 57.41
CA GLU C 221 20.26 -54.12 58.46
C GLU C 221 20.75 -52.82 59.08
N GLY C 222 20.49 -51.72 58.38
CA GLY C 222 21.00 -50.42 58.78
C GLY C 222 20.81 -49.35 57.70
N CYS C 223 20.83 -49.75 56.42
CA CYS C 223 20.64 -48.84 55.30
C CYS C 223 19.61 -49.38 54.32
N LYS D 2 3.41 -39.49 8.55
CA LYS D 2 4.78 -39.73 8.12
C LYS D 2 5.65 -40.18 9.29
N MET D 3 5.80 -39.29 10.28
CA MET D 3 6.60 -39.50 11.51
C MET D 3 8.10 -39.58 11.25
N GLU D 4 8.52 -40.47 10.36
CA GLU D 4 9.94 -40.63 10.08
C GLU D 4 10.57 -39.28 9.74
N GLU D 5 9.87 -38.47 8.97
CA GLU D 5 10.35 -37.16 8.58
C GLU D 5 10.42 -36.22 9.77
N LEU D 6 9.48 -36.36 10.69
CA LEU D 6 9.44 -35.51 11.87
C LEU D 6 10.60 -35.82 12.80
N PHE D 7 10.96 -37.09 12.88
CA PHE D 7 12.07 -37.47 13.74
C PHE D 7 13.35 -36.87 13.19
N LYS D 8 13.54 -36.96 11.87
CA LYS D 8 14.72 -36.39 11.24
C LYS D 8 14.78 -34.88 11.41
N GLU D 9 13.62 -34.23 11.35
CA GLU D 9 13.54 -32.78 11.44
C GLU D 9 13.80 -32.25 12.85
N HIS D 10 13.24 -32.91 13.86
CA HIS D 10 13.34 -32.40 15.22
C HIS D 10 14.44 -33.08 16.02
N LYS D 11 14.63 -34.37 15.81
CA LYS D 11 15.69 -35.15 16.46
C LYS D 11 15.57 -35.25 17.98
N ILE D 12 14.46 -34.78 18.54
CA ILE D 12 14.29 -34.88 19.99
C ILE D 12 12.85 -35.09 20.39
N VAL D 13 12.66 -35.94 21.40
CA VAL D 13 11.33 -36.19 21.94
C VAL D 13 11.29 -35.96 23.45
N ALA D 14 10.32 -35.17 23.89
CA ALA D 14 10.12 -34.94 25.31
C ALA D 14 9.03 -35.87 25.83
N VAL D 15 9.25 -36.44 27.00
CA VAL D 15 8.26 -37.33 27.59
C VAL D 15 7.71 -36.71 28.87
N LEU D 16 6.41 -36.51 28.90
CA LEU D 16 5.81 -35.81 30.03
C LEU D 16 5.17 -36.76 31.03
N ARG D 17 5.39 -36.46 32.30
CA ARG D 17 4.77 -37.17 33.41
C ARG D 17 4.38 -36.15 34.47
N ALA D 18 3.13 -36.22 34.94
CA ALA D 18 2.64 -35.23 35.88
C ALA D 18 1.63 -35.84 36.85
N ASN D 19 1.41 -35.16 37.97
CA ASN D 19 0.44 -35.60 38.97
C ASN D 19 -0.91 -34.94 38.76
N SER D 20 -1.02 -34.15 37.71
CA SER D 20 -2.27 -33.47 37.38
C SER D 20 -2.32 -33.08 35.92
N VAL D 21 -3.52 -32.76 35.43
CA VAL D 21 -3.67 -32.31 34.06
C VAL D 21 -3.08 -30.92 33.88
N GLU D 22 -3.34 -30.04 34.85
CA GLU D 22 -2.86 -28.67 34.78
C GLU D 22 -1.34 -28.63 34.76
N GLU D 23 -0.71 -29.49 35.55
CA GLU D 23 0.75 -29.56 35.58
C GLU D 23 1.26 -30.01 34.22
N ALA D 24 0.63 -31.04 33.64
CA ALA D 24 1.04 -31.55 32.34
C ALA D 24 0.94 -30.47 31.27
N ILE D 25 -0.09 -29.64 31.36
CA ILE D 25 -0.27 -28.59 30.37
C ILE D 25 0.81 -27.55 30.48
N SER D 26 1.11 -27.13 31.71
CA SER D 26 2.11 -26.10 31.92
C SER D 26 3.47 -26.56 31.42
N LYS D 27 3.80 -27.82 31.66
CA LYS D 27 5.07 -28.36 31.21
C LYS D 27 5.09 -28.55 29.70
N ALA D 28 3.98 -29.03 29.15
CA ALA D 28 3.91 -29.26 27.71
C ALA D 28 4.10 -27.97 26.95
N LEU D 29 3.53 -26.90 27.48
CA LEU D 29 3.61 -25.60 26.84
C LEU D 29 5.03 -25.06 26.91
N ALA D 30 5.67 -25.19 28.07
CA ALA D 30 7.05 -24.74 28.23
C ALA D 30 7.98 -25.50 27.29
N VAL D 31 7.74 -26.80 27.15
CA VAL D 31 8.56 -27.63 26.27
C VAL D 31 8.40 -27.20 24.82
N PHE D 32 7.15 -26.98 24.42
CA PHE D 32 6.87 -26.52 23.06
C PHE D 32 7.52 -25.18 22.79
N ALA D 33 7.37 -24.26 23.73
CA ALA D 33 7.93 -22.92 23.60
C ALA D 33 9.44 -23.00 23.44
N GLY D 34 10.06 -23.98 24.08
CA GLY D 34 11.51 -24.16 24.04
C GLY D 34 12.01 -24.69 22.70
N GLY D 35 11.10 -25.06 21.81
CA GLY D 35 11.49 -25.53 20.49
C GLY D 35 11.36 -27.04 20.29
N VAL D 36 10.68 -27.74 21.20
CA VAL D 36 10.48 -29.17 21.03
C VAL D 36 9.06 -29.47 20.59
N HIS D 37 8.90 -29.98 19.38
CA HIS D 37 7.57 -30.21 18.80
C HIS D 37 7.06 -31.62 18.99
N LEU D 38 7.94 -32.54 19.37
CA LEU D 38 7.52 -33.93 19.55
C LEU D 38 7.30 -34.25 21.03
N ILE D 39 6.04 -34.47 21.37
CA ILE D 39 5.66 -34.67 22.77
C ILE D 39 4.97 -36.02 22.99
N GLU D 40 5.48 -36.76 23.96
CA GLU D 40 4.92 -38.04 24.34
C GLU D 40 4.25 -37.95 25.71
N ILE D 41 2.97 -38.31 25.78
CA ILE D 41 2.23 -38.23 27.03
C ILE D 41 2.10 -39.60 27.65
N THR D 42 2.72 -39.82 28.79
CA THR D 42 2.66 -41.13 29.42
C THR D 42 1.19 -41.47 29.70
N PHE D 43 0.77 -42.66 29.27
CA PHE D 43 -0.64 -43.03 29.35
C PHE D 43 -0.92 -43.95 30.53
N THR D 44 0.07 -44.15 31.37
CA THR D 44 -0.07 -44.99 32.57
C THR D 44 -0.23 -44.13 33.81
N VAL D 45 -0.31 -42.83 33.60
CA VAL D 45 -0.46 -41.87 34.68
C VAL D 45 -1.90 -41.89 35.18
N PRO D 46 -2.18 -41.30 36.35
CA PRO D 46 -3.49 -40.98 36.86
C PRO D 46 -4.26 -40.17 35.84
N ASP D 47 -5.56 -40.43 35.73
CA ASP D 47 -6.44 -39.79 34.76
C ASP D 47 -6.11 -40.21 33.33
N ALA D 48 -4.94 -39.79 32.85
CA ALA D 48 -4.40 -40.16 31.53
C ALA D 48 -5.27 -39.62 30.39
N ASP D 49 -6.49 -40.13 30.29
CA ASP D 49 -7.41 -39.76 29.21
C ASP D 49 -8.06 -38.41 29.49
N GLN D 50 -7.23 -37.38 29.55
CA GLN D 50 -7.66 -36.00 29.76
C GLN D 50 -6.63 -35.07 29.14
N VAL D 51 -5.37 -35.47 29.25
CA VAL D 51 -4.25 -34.62 28.87
C VAL D 51 -4.15 -34.48 27.36
N ILE D 52 -4.34 -35.59 26.66
CA ILE D 52 -4.23 -35.57 25.20
C ILE D 52 -5.25 -34.62 24.62
N LYS D 53 -6.47 -34.67 25.16
CA LYS D 53 -7.54 -33.79 24.68
C LYS D 53 -7.24 -32.32 25.00
N GLU D 54 -6.78 -32.06 26.22
CA GLU D 54 -6.52 -30.69 26.63
C GLU D 54 -5.41 -30.05 25.80
N LEU D 55 -4.45 -30.85 25.38
CA LEU D 55 -3.31 -30.34 24.62
C LEU D 55 -3.62 -30.22 23.13
N GLU D 56 -4.85 -30.52 22.75
CA GLU D 56 -5.27 -30.46 21.34
C GLU D 56 -4.90 -29.13 20.69
N PHE D 57 -5.00 -28.05 21.46
CA PHE D 57 -4.73 -26.71 20.95
C PHE D 57 -3.31 -26.55 20.41
N LEU D 58 -2.39 -27.40 20.88
CA LEU D 58 -1.00 -27.31 20.44
C LEU D 58 -0.80 -27.89 19.05
N LYS D 59 -1.70 -28.76 18.61
CA LYS D 59 -1.54 -29.37 17.30
C LYS D 59 -1.54 -28.33 16.20
N GLU D 60 -2.34 -27.28 16.40
CA GLU D 60 -2.44 -26.21 15.41
C GLU D 60 -1.16 -25.38 15.37
N ALA D 61 -0.33 -25.52 16.39
CA ALA D 61 0.91 -24.79 16.48
C ALA D 61 2.04 -25.57 15.84
N GLY D 62 1.74 -26.78 15.37
CA GLY D 62 2.75 -27.65 14.78
C GLY D 62 3.25 -28.72 15.74
N ALA D 63 2.59 -28.88 16.89
CA ALA D 63 2.97 -29.90 17.84
C ALA D 63 2.44 -31.26 17.42
N ILE D 64 3.20 -32.30 17.70
CA ILE D 64 2.78 -33.67 17.43
C ILE D 64 2.73 -34.47 18.72
N ILE D 65 1.53 -34.90 19.11
CA ILE D 65 1.35 -35.51 20.42
C ILE D 65 0.90 -36.96 20.34
N GLY D 66 1.64 -37.83 21.02
CA GLY D 66 1.30 -39.25 21.07
C GLY D 66 1.18 -39.76 22.50
N ALA D 67 1.03 -41.08 22.65
CA ALA D 67 0.85 -41.69 23.95
C ALA D 67 2.01 -42.60 24.31
N GLY D 68 2.61 -42.35 25.46
CA GLY D 68 3.77 -43.10 25.91
C GLY D 68 3.40 -44.28 26.80
N THR D 69 4.35 -45.18 26.96
CA THR D 69 4.21 -46.35 27.83
C THR D 69 2.84 -46.99 27.68
N VAL D 70 2.46 -47.25 26.44
CA VAL D 70 1.27 -48.05 26.19
C VAL D 70 1.67 -49.50 26.18
N THR D 71 1.11 -50.28 27.10
CA THR D 71 1.55 -51.65 27.28
C THR D 71 0.52 -52.65 26.84
N SER D 72 -0.75 -52.23 26.82
CA SER D 72 -1.83 -53.14 26.47
C SER D 72 -2.64 -52.64 25.29
N VAL D 73 -3.44 -53.53 24.71
CA VAL D 73 -4.32 -53.18 23.60
C VAL D 73 -5.39 -52.20 24.02
N GLU D 74 -5.93 -52.39 25.23
CA GLU D 74 -7.00 -51.52 25.70
C GLU D 74 -6.49 -50.10 25.88
N GLN D 75 -5.27 -49.97 26.42
CA GLN D 75 -4.67 -48.66 26.59
C GLN D 75 -4.44 -48.01 25.23
N CYS D 76 -4.01 -48.84 24.28
CA CYS D 76 -3.76 -48.35 22.92
C CYS D 76 -5.03 -47.81 22.29
N ARG D 77 -6.11 -48.57 22.40
CA ARG D 77 -7.37 -48.16 21.82
C ARG D 77 -7.84 -46.85 22.42
N GLU D 78 -7.71 -46.71 23.74
CA GLU D 78 -8.12 -45.49 24.40
C GLU D 78 -7.26 -44.31 23.94
N ALA D 79 -5.96 -44.54 23.82
CA ALA D 79 -5.02 -43.50 23.42
C ALA D 79 -5.34 -43.00 22.01
N VAL D 80 -5.69 -43.92 21.12
CA VAL D 80 -6.04 -43.54 19.76
C VAL D 80 -7.34 -42.73 19.74
N GLU D 81 -8.33 -43.19 20.49
CA GLU D 81 -9.61 -42.48 20.58
C GLU D 81 -9.42 -41.09 21.18
N SER D 82 -8.47 -40.98 22.11
CA SER D 82 -8.18 -39.71 22.78
C SER D 82 -7.58 -38.68 21.83
N GLY D 83 -7.14 -39.12 20.66
CA GLY D 83 -6.54 -38.20 19.71
C GLY D 83 -5.02 -38.32 19.60
N ALA D 84 -4.45 -39.43 20.11
CA ALA D 84 -3.02 -39.64 19.97
C ALA D 84 -2.68 -39.88 18.51
N GLU D 85 -1.58 -39.29 18.05
CA GLU D 85 -1.17 -39.47 16.66
C GLU D 85 -0.16 -40.60 16.50
N PHE D 86 0.38 -41.07 17.61
CA PHE D 86 1.30 -42.20 17.60
C PHE D 86 1.31 -42.92 18.93
N ILE D 87 1.68 -44.19 18.90
CA ILE D 87 1.74 -45.03 20.08
C ILE D 87 3.15 -45.54 20.32
N VAL D 88 3.63 -45.41 21.55
CA VAL D 88 4.96 -45.90 21.91
C VAL D 88 4.89 -46.89 23.06
N SER D 89 5.52 -48.04 22.88
CA SER D 89 5.58 -49.06 23.93
C SER D 89 7.00 -49.39 24.33
N PHE D 90 7.08 -50.38 25.21
CA PHE D 90 8.26 -50.93 25.82
C PHE D 90 8.52 -52.37 25.43
N HIS D 91 7.68 -52.88 24.55
CA HIS D 91 7.78 -54.26 24.07
C HIS D 91 6.99 -54.44 22.77
N LEU D 92 7.33 -55.47 22.02
CA LEU D 92 6.64 -55.73 20.75
C LEU D 92 5.37 -56.53 20.98
N ASP D 93 4.26 -56.05 20.43
CA ASP D 93 2.97 -56.68 20.59
C ASP D 93 2.22 -56.75 19.26
N GLU D 94 1.90 -57.96 18.84
CA GLU D 94 1.25 -58.21 17.56
C GLU D 94 -0.12 -57.55 17.44
N GLU D 95 -0.86 -57.51 18.55
CA GLU D 95 -2.21 -56.94 18.51
C GLU D 95 -2.16 -55.43 18.36
N ILE D 96 -1.21 -54.80 19.05
CA ILE D 96 -1.02 -53.36 18.88
C ILE D 96 -0.52 -53.06 17.48
N SER D 97 0.42 -53.87 17.00
CA SER D 97 0.93 -53.73 15.64
C SER D 97 -0.01 -54.37 14.62
N GLN D 98 -1.30 -54.05 14.77
CA GLN D 98 -2.36 -54.49 13.89
C GLN D 98 -3.49 -53.50 13.98
N PHE D 99 -3.92 -53.24 15.22
CA PHE D 99 -4.91 -52.21 15.47
C PHE D 99 -4.40 -50.86 14.99
N CYS D 100 -3.18 -50.51 15.39
CA CYS D 100 -2.59 -49.26 14.96
C CYS D 100 -2.46 -49.21 13.46
N LYS D 101 -2.10 -50.32 12.85
CA LYS D 101 -1.91 -50.36 11.41
C LYS D 101 -3.23 -50.06 10.69
N GLU D 102 -4.30 -50.71 11.15
CA GLU D 102 -5.61 -50.55 10.55
C GLU D 102 -6.13 -49.12 10.69
N GLU D 103 -5.81 -48.49 11.81
CA GLU D 103 -6.27 -47.13 12.09
C GLU D 103 -5.37 -46.06 11.49
N GLY D 104 -4.28 -46.46 10.85
CA GLY D 104 -3.34 -45.51 10.27
C GLY D 104 -2.52 -44.78 11.33
N VAL D 105 -2.29 -45.44 12.45
CA VAL D 105 -1.56 -44.84 13.57
C VAL D 105 -0.14 -45.38 13.63
N PHE D 106 0.82 -44.47 13.68
CA PHE D 106 2.22 -44.89 13.77
C PHE D 106 2.50 -45.53 15.12
N TYR D 107 3.15 -46.68 15.09
CA TYR D 107 3.50 -47.38 16.32
C TYR D 107 4.97 -47.78 16.31
N MET D 108 5.62 -47.65 17.44
CA MET D 108 6.99 -48.13 17.57
C MET D 108 7.17 -48.92 18.88
N PRO D 109 7.61 -50.18 18.79
CA PRO D 109 7.87 -51.10 19.87
C PRO D 109 9.22 -50.81 20.53
N GLY D 110 9.40 -51.32 21.74
CA GLY D 110 10.70 -51.24 22.38
C GLY D 110 11.51 -52.52 22.17
N VAL D 111 12.83 -52.37 22.09
CA VAL D 111 13.74 -53.49 21.96
C VAL D 111 14.95 -53.35 22.90
N MET D 112 15.65 -54.46 23.11
CA MET D 112 16.90 -54.46 23.86
C MET D 112 17.92 -55.44 23.28
N THR D 113 17.45 -56.45 22.56
CA THR D 113 18.34 -57.48 22.03
C THR D 113 18.14 -57.67 20.52
N PRO D 114 19.14 -58.20 19.80
CA PRO D 114 19.12 -58.57 18.39
C PRO D 114 17.96 -59.50 18.03
N THR D 115 17.51 -60.30 18.98
CA THR D 115 16.47 -61.27 18.71
C THR D 115 15.09 -60.64 18.71
N GLU D 116 14.98 -59.46 19.30
CA GLU D 116 13.74 -58.71 19.32
C GLU D 116 13.71 -57.82 18.10
N LEU D 117 14.90 -57.37 17.71
CA LEU D 117 15.07 -56.53 16.55
C LEU D 117 14.69 -57.31 15.29
N VAL D 118 15.17 -58.56 15.18
CA VAL D 118 14.83 -59.37 14.03
C VAL D 118 13.51 -60.08 14.29
N LYS D 119 12.48 -59.27 14.45
CA LYS D 119 11.11 -59.68 14.63
C LYS D 119 10.24 -58.48 14.35
N ALA D 120 10.56 -57.38 15.02
CA ALA D 120 9.87 -56.12 14.75
C ALA D 120 10.04 -55.75 13.28
N MET D 121 11.23 -56.04 12.74
CA MET D 121 11.50 -55.78 11.33
C MET D 121 10.59 -56.60 10.42
N LYS D 122 10.28 -57.82 10.84
CA LYS D 122 9.42 -58.70 10.06
C LYS D 122 8.00 -58.16 10.02
N LEU D 123 7.59 -57.53 11.13
CA LEU D 123 6.26 -56.94 11.21
C LEU D 123 6.18 -55.64 10.43
N GLY D 124 7.34 -55.04 10.15
CA GLY D 124 7.40 -53.84 9.32
C GLY D 124 7.85 -52.59 10.07
N HIS D 125 8.50 -52.77 11.21
CA HIS D 125 8.99 -51.64 11.98
C HIS D 125 10.44 -51.31 11.65
N THR D 126 10.68 -50.06 11.26
CA THR D 126 12.02 -49.62 10.91
C THR D 126 12.60 -48.68 11.96
N ILE D 127 11.72 -48.10 12.80
CA ILE D 127 12.14 -47.23 13.88
C ILE D 127 11.83 -47.88 15.21
N LEU D 128 12.87 -48.14 15.99
CA LEU D 128 12.70 -48.86 17.24
C LEU D 128 13.08 -48.01 18.44
N LYS D 129 12.46 -48.24 19.60
CA LYS D 129 12.80 -47.53 20.81
C LYS D 129 13.72 -48.43 21.60
N LEU D 130 14.94 -47.98 21.83
CA LEU D 130 15.97 -48.78 22.48
C LEU D 130 16.06 -48.48 23.97
N VAL D 131 15.74 -49.47 24.79
CA VAL D 131 15.73 -49.29 26.24
C VAL D 131 16.31 -50.48 26.99
N PRO D 132 16.80 -50.22 28.21
CA PRO D 132 17.20 -48.94 28.76
C PRO D 132 18.46 -48.44 28.08
N GLY D 133 18.46 -47.17 27.68
CA GLY D 133 19.62 -46.61 27.00
C GLY D 133 20.85 -46.65 27.89
N GLU D 134 20.65 -46.48 29.19
CA GLU D 134 21.74 -46.47 30.15
C GLU D 134 22.36 -47.85 30.38
N VAL D 135 21.69 -48.89 29.89
CA VAL D 135 22.20 -50.26 30.06
C VAL D 135 22.95 -50.73 28.83
N VAL D 136 22.39 -50.48 27.65
CA VAL D 136 23.03 -50.96 26.42
C VAL D 136 24.05 -49.95 25.88
N GLY D 137 23.76 -48.66 26.03
CA GLY D 137 24.66 -47.59 25.61
C GLY D 137 24.70 -47.44 24.09
N PRO D 138 25.40 -46.40 23.59
CA PRO D 138 25.63 -46.07 22.19
C PRO D 138 26.30 -47.21 21.44
N GLN D 139 26.97 -48.10 22.18
CA GLN D 139 27.67 -49.22 21.57
C GLN D 139 26.69 -50.16 20.90
N PHE D 140 25.49 -50.28 21.46
CA PHE D 140 24.48 -51.14 20.88
C PHE D 140 24.06 -50.59 19.53
N VAL D 141 23.81 -49.28 19.48
CA VAL D 141 23.36 -48.63 18.27
C VAL D 141 24.38 -48.78 17.16
N GLU D 142 25.65 -48.56 17.49
CA GLU D 142 26.71 -48.66 16.50
C GLU D 142 26.95 -50.09 16.04
N ALA D 143 27.06 -51.02 16.99
CA ALA D 143 27.40 -52.39 16.67
C ALA D 143 26.34 -53.04 15.77
N MET D 144 25.08 -52.72 16.04
CA MET D 144 23.98 -53.32 15.30
C MET D 144 23.88 -52.78 13.87
N LYS D 145 24.58 -51.68 13.60
CA LYS D 145 24.53 -51.04 12.30
C LYS D 145 25.10 -51.95 11.21
N GLY D 146 26.04 -52.80 11.58
CA GLY D 146 26.70 -53.67 10.62
C GLY D 146 25.70 -54.55 9.88
N PRO D 147 25.17 -55.57 10.55
CA PRO D 147 24.17 -56.50 10.05
C PRO D 147 22.80 -55.88 9.81
N PHE D 148 22.50 -54.77 10.47
CA PHE D 148 21.18 -54.15 10.32
C PHE D 148 21.28 -52.65 10.06
N PRO D 149 21.79 -52.25 8.88
CA PRO D 149 22.07 -50.89 8.47
C PRO D 149 20.79 -50.11 8.19
N ASN D 150 19.68 -50.83 8.08
CA ASN D 150 18.40 -50.22 7.74
C ASN D 150 17.51 -50.02 8.95
N VAL D 151 18.08 -50.11 10.15
CA VAL D 151 17.29 -49.90 11.35
C VAL D 151 17.68 -48.60 12.05
N LYS D 152 16.67 -47.80 12.36
CA LYS D 152 16.89 -46.53 13.06
C LYS D 152 16.44 -46.64 14.50
N PHE D 153 17.10 -45.90 15.39
CA PHE D 153 16.75 -45.95 16.80
C PHE D 153 16.39 -44.60 17.38
N VAL D 154 15.52 -44.65 18.39
CA VAL D 154 15.25 -43.53 19.27
C VAL D 154 15.39 -43.98 20.72
N PRO D 155 16.60 -44.03 21.25
CA PRO D 155 16.94 -44.55 22.56
C PRO D 155 16.39 -43.63 23.63
N THR D 156 15.98 -44.22 24.74
CA THR D 156 15.48 -43.44 25.87
C THR D 156 16.19 -43.84 27.15
N GLY D 157 16.67 -42.84 27.87
CA GLY D 157 17.41 -43.06 29.10
C GLY D 157 18.90 -43.10 28.80
N GLY D 158 19.72 -42.69 29.76
CA GLY D 158 21.16 -42.72 29.56
C GLY D 158 21.62 -41.55 28.69
N VAL D 159 20.70 -40.65 28.40
CA VAL D 159 20.99 -39.52 27.53
C VAL D 159 20.75 -38.19 28.23
N ASN D 160 21.74 -37.31 28.14
CA ASN D 160 21.66 -35.97 28.70
C ASN D 160 22.50 -35.04 27.85
N LEU D 161 22.57 -33.77 28.21
CA LEU D 161 23.31 -32.80 27.41
C LEU D 161 24.77 -33.22 27.28
N ASP D 162 25.32 -33.77 28.36
CA ASP D 162 26.73 -34.14 28.42
C ASP D 162 27.13 -35.12 27.32
N ASN D 163 26.21 -36.01 26.94
CA ASN D 163 26.54 -37.04 25.96
C ASN D 163 25.52 -37.09 24.83
N VAL D 164 24.78 -36.01 24.63
CA VAL D 164 23.73 -36.05 23.62
C VAL D 164 24.32 -36.18 22.21
N CYS D 165 25.48 -35.55 21.99
CA CYS D 165 26.18 -35.61 20.71
C CYS D 165 26.67 -37.02 20.42
N GLU D 166 27.16 -37.69 21.47
CA GLU D 166 27.71 -39.02 21.33
C GLU D 166 26.66 -40.00 20.83
N TRP D 167 25.43 -39.83 21.28
CA TRP D 167 24.34 -40.67 20.82
C TRP D 167 24.10 -40.47 19.33
N PHE D 168 24.15 -39.22 18.89
CA PHE D 168 23.99 -38.92 17.47
C PHE D 168 25.17 -39.38 16.64
N GLU D 169 26.35 -39.41 17.25
CA GLU D 169 27.53 -39.91 16.56
C GLU D 169 27.40 -41.41 16.30
N ALA D 170 26.86 -42.14 17.27
CA ALA D 170 26.62 -43.57 17.10
C ALA D 170 25.68 -43.80 15.92
N GLY D 171 24.70 -42.91 15.79
CA GLY D 171 23.79 -42.93 14.66
C GLY D 171 22.37 -43.25 15.07
N VAL D 172 21.64 -42.23 15.51
CA VAL D 172 20.24 -42.37 15.85
C VAL D 172 19.41 -41.35 15.09
N LEU D 173 18.11 -41.59 14.98
CA LEU D 173 17.24 -40.67 14.27
C LEU D 173 16.81 -39.54 15.20
N ALA D 174 16.61 -39.88 16.47
CA ALA D 174 16.20 -38.91 17.48
C ALA D 174 16.54 -39.42 18.86
N VAL D 175 16.53 -38.54 19.85
CA VAL D 175 16.77 -38.98 21.22
C VAL D 175 15.58 -38.68 22.14
N GLY D 176 15.22 -39.66 22.97
CA GLY D 176 14.18 -39.48 23.98
C GLY D 176 14.82 -39.12 25.31
N VAL D 177 14.62 -37.89 25.75
CA VAL D 177 15.36 -37.40 26.91
C VAL D 177 14.50 -37.29 28.15
N GLY D 178 13.19 -37.19 27.97
CA GLY D 178 12.26 -37.19 29.09
C GLY D 178 12.59 -36.14 30.15
N SER D 179 12.68 -36.62 31.39
CA SER D 179 12.89 -35.79 32.57
C SER D 179 14.19 -35.00 32.53
N ALA D 180 15.07 -35.32 31.59
CA ALA D 180 16.32 -34.59 31.48
C ALA D 180 16.03 -33.10 31.33
N LEU D 181 14.99 -32.77 30.57
CA LEU D 181 14.58 -31.37 30.45
C LEU D 181 13.21 -31.11 31.05
N VAL D 182 12.42 -32.18 31.21
CA VAL D 182 11.07 -32.01 31.73
C VAL D 182 11.05 -32.09 33.24
N GLU D 183 11.57 -31.06 33.88
CA GLU D 183 11.58 -30.97 35.35
C GLU D 183 11.66 -29.53 35.81
N GLY D 184 11.15 -29.27 37.01
CA GLY D 184 11.23 -27.93 37.62
C GLY D 184 10.07 -27.05 37.15
N GLU D 185 10.21 -25.75 37.40
CA GLU D 185 9.18 -24.79 37.04
C GLU D 185 9.13 -24.64 35.53
N PRO D 186 7.97 -24.26 34.96
CA PRO D 186 7.76 -24.04 33.54
C PRO D 186 8.88 -23.20 32.93
N ALA D 187 9.36 -22.21 33.69
CA ALA D 187 10.46 -21.39 33.20
C ALA D 187 11.73 -22.22 33.07
N GLU D 188 11.94 -23.13 34.01
CA GLU D 188 13.14 -23.96 34.02
C GLU D 188 13.03 -25.02 32.93
N VAL D 189 11.81 -25.48 32.69
CA VAL D 189 11.57 -26.48 31.66
C VAL D 189 11.89 -25.90 30.30
N ALA D 190 11.43 -24.67 30.05
CA ALA D 190 11.69 -24.01 28.79
C ALA D 190 13.19 -23.79 28.61
N GLU D 191 13.88 -23.39 29.68
CA GLU D 191 15.31 -23.14 29.59
C GLU D 191 16.06 -24.39 29.17
N LEU D 192 15.76 -25.51 29.82
CA LEU D 192 16.44 -26.76 29.51
C LEU D 192 16.11 -27.23 28.10
N ALA D 193 14.86 -27.04 27.69
CA ALA D 193 14.45 -27.45 26.35
C ALA D 193 15.25 -26.69 25.30
N ILE D 194 15.50 -25.40 25.55
CA ILE D 194 16.27 -24.60 24.64
C ILE D 194 17.70 -25.12 24.53
N ARG D 195 18.30 -25.43 25.68
CA ARG D 195 19.66 -25.93 25.70
C ARG D 195 19.81 -27.21 24.89
N PHE D 196 18.83 -28.11 25.00
CA PHE D 196 18.88 -29.36 24.24
C PHE D 196 18.77 -29.13 22.75
N VAL D 197 17.88 -28.24 22.34
CA VAL D 197 17.69 -27.97 20.93
C VAL D 197 18.95 -27.35 20.33
N GLU D 198 19.53 -26.40 21.04
CA GLU D 198 20.74 -25.73 20.55
C GLU D 198 21.95 -26.65 20.58
N LYS D 199 22.01 -27.53 21.58
CA LYS D 199 23.13 -28.45 21.70
C LYS D 199 23.14 -29.48 20.57
N ILE D 200 21.96 -29.98 20.21
CA ILE D 200 21.82 -30.94 19.12
C ILE D 200 22.12 -30.30 17.78
N ARG D 201 21.61 -29.09 17.56
CA ARG D 201 21.83 -28.41 16.30
C ARG D 201 23.29 -27.98 16.17
N GLY D 202 24.12 -28.93 15.76
CA GLY D 202 25.57 -28.73 15.71
C GLY D 202 26.34 -30.01 15.38
N CYS D 203 25.80 -31.17 15.75
CA CYS D 203 26.43 -32.46 15.46
C CYS D 203 25.39 -33.59 15.42
N LYS E 2 -15.17 17.47 53.98
CA LYS E 2 -14.29 16.78 53.05
C LYS E 2 -15.05 16.47 51.76
N MET E 3 -14.60 17.07 50.64
CA MET E 3 -15.28 16.92 49.34
C MET E 3 -15.24 15.50 48.81
N GLU E 4 -14.17 14.79 49.10
CA GLU E 4 -14.04 13.43 48.60
C GLU E 4 -15.16 12.54 49.12
N GLU E 5 -15.52 12.74 50.38
CA GLU E 5 -16.60 11.96 50.99
C GLU E 5 -17.95 12.42 50.48
N LEU E 6 -18.09 13.73 50.30
CA LEU E 6 -19.35 14.29 49.82
C LEU E 6 -19.67 13.81 48.42
N PHE E 7 -18.64 13.72 47.57
CA PHE E 7 -18.86 13.25 46.21
C PHE E 7 -19.31 11.81 46.22
N LYS E 8 -18.67 10.97 47.04
CA LYS E 8 -19.05 9.56 47.12
C LYS E 8 -20.48 9.39 47.59
N GLU E 9 -20.91 10.24 48.50
CA GLU E 9 -22.24 10.13 49.09
C GLU E 9 -23.36 10.52 48.11
N HIS E 10 -23.14 11.58 47.34
CA HIS E 10 -24.20 12.09 46.49
C HIS E 10 -24.10 11.64 45.03
N LYS E 11 -22.88 11.53 44.51
CA LYS E 11 -22.61 11.04 43.17
C LYS E 11 -23.18 11.90 42.04
N ILE E 12 -23.68 13.10 42.36
CA ILE E 12 -24.22 13.96 41.32
C ILE E 12 -23.94 15.44 41.59
N VAL E 13 -23.63 16.18 40.52
CA VAL E 13 -23.42 17.62 40.62
C VAL E 13 -24.34 18.37 39.67
N ALA E 14 -25.00 19.41 40.18
CA ALA E 14 -25.97 20.19 39.43
C ALA E 14 -25.40 20.95 38.24
N VAL E 15 -24.15 21.41 38.34
CA VAL E 15 -23.55 22.21 37.27
C VAL E 15 -24.54 23.24 36.72
N LEU E 16 -24.97 24.16 37.59
CA LEU E 16 -26.03 25.10 37.27
C LEU E 16 -25.59 26.22 36.34
N ARG E 17 -26.48 26.58 35.42
CA ARG E 17 -26.30 27.74 34.54
C ARG E 17 -27.57 28.57 34.50
N ALA E 18 -27.41 29.88 34.36
CA ALA E 18 -28.55 30.79 34.31
C ALA E 18 -28.20 32.04 33.53
N ASN E 19 -29.22 32.76 33.06
CA ASN E 19 -28.99 33.99 32.32
C ASN E 19 -29.17 35.23 33.20
N SER E 20 -29.43 35.01 34.48
CA SER E 20 -29.63 36.11 35.42
C SER E 20 -29.44 35.69 36.86
N ARG E 21 -29.25 36.68 37.72
CA ARG E 21 -29.13 36.46 39.16
C ARG E 21 -30.37 35.78 39.72
N GLU E 22 -31.53 36.27 39.30
CA GLU E 22 -32.79 35.77 39.84
C GLU E 22 -33.06 34.34 39.42
N GLU E 23 -32.77 34.01 38.17
CA GLU E 23 -32.97 32.64 37.70
C GLU E 23 -32.08 31.69 38.47
N ALA E 24 -30.83 32.06 38.68
CA ALA E 24 -29.89 31.17 39.33
C ALA E 24 -30.36 30.80 40.72
N ILE E 25 -30.92 31.77 41.44
CA ILE E 25 -31.38 31.49 42.78
C ILE E 25 -32.57 30.56 42.76
N GLU E 26 -33.56 30.86 41.92
CA GLU E 26 -34.77 30.05 41.92
C GLU E 26 -34.49 28.62 41.47
N ILE E 27 -33.63 28.47 40.46
CA ILE E 27 -33.28 27.15 39.96
C ILE E 27 -32.54 26.36 41.01
N ALA E 28 -31.57 27.00 41.66
CA ALA E 28 -30.78 26.30 42.66
C ALA E 28 -31.68 25.70 43.73
N LEU E 29 -32.71 26.44 44.11
CA LEU E 29 -33.64 25.92 45.13
C LEU E 29 -34.44 24.75 44.60
N ALA E 30 -34.88 24.83 43.34
CA ALA E 30 -35.64 23.75 42.73
C ALA E 30 -34.82 22.47 42.66
N VAL E 31 -33.54 22.63 42.38
CA VAL E 31 -32.63 21.49 42.27
C VAL E 31 -32.34 20.89 43.63
N PHE E 32 -32.04 21.73 44.61
CA PHE E 32 -31.77 21.26 45.97
C PHE E 32 -32.96 20.48 46.51
N ALA E 33 -34.16 20.99 46.27
CA ALA E 33 -35.38 20.36 46.73
C ALA E 33 -35.61 19.01 46.05
N GLY E 34 -34.88 18.78 44.96
CA GLY E 34 -35.02 17.55 44.19
C GLY E 34 -34.12 16.45 44.70
N GLY E 35 -33.33 16.75 45.73
CA GLY E 35 -32.42 15.75 46.32
C GLY E 35 -30.99 15.90 45.85
N VAL E 36 -30.67 17.00 45.16
CA VAL E 36 -29.30 17.22 44.73
C VAL E 36 -28.60 18.23 45.63
N HIS E 37 -27.70 17.74 46.47
CA HIS E 37 -27.04 18.57 47.47
C HIS E 37 -25.78 19.26 46.96
N LEU E 38 -25.14 18.68 45.95
CA LEU E 38 -23.90 19.26 45.45
C LEU E 38 -24.16 20.17 44.26
N ILE E 39 -24.08 21.47 44.49
CA ILE E 39 -24.39 22.45 43.47
C ILE E 39 -23.24 23.42 43.24
N GLU E 40 -22.88 23.61 41.98
CA GLU E 40 -21.90 24.62 41.63
C GLU E 40 -22.53 25.58 40.64
N ILE E 41 -22.16 26.84 40.75
CA ILE E 41 -22.71 27.84 39.84
C ILE E 41 -21.64 28.31 38.87
N THR E 42 -21.92 28.18 37.58
CA THR E 42 -20.95 28.64 36.59
C THR E 42 -20.71 30.12 36.81
N PHE E 43 -19.45 30.51 36.90
CA PHE E 43 -19.15 31.90 37.22
C PHE E 43 -19.18 32.73 35.94
N THR E 44 -20.32 32.68 35.26
CA THR E 44 -20.58 33.43 34.05
C THR E 44 -21.93 34.11 34.20
N VAL E 45 -22.66 33.67 35.22
CA VAL E 45 -23.98 34.21 35.50
C VAL E 45 -23.84 35.66 35.95
N PRO E 46 -24.64 36.57 35.41
CA PRO E 46 -24.68 37.97 35.79
C PRO E 46 -24.81 38.05 37.30
N ASP E 47 -23.91 38.82 37.92
CA ASP E 47 -23.90 38.94 39.37
C ASP E 47 -23.81 37.57 40.05
N ALA E 48 -22.99 36.67 39.50
CA ALA E 48 -22.83 35.33 40.06
C ALA E 48 -22.40 35.40 41.52
N ASP E 49 -21.59 36.39 41.87
CA ASP E 49 -21.13 36.52 43.24
C ASP E 49 -22.24 36.96 44.19
N GLU E 50 -23.26 37.62 43.64
CA GLU E 50 -24.42 38.03 44.44
C GLU E 50 -25.29 36.82 44.72
N VAL E 51 -25.30 35.89 43.79
CA VAL E 51 -26.07 34.67 43.96
C VAL E 51 -25.43 33.80 45.02
N ILE E 52 -24.13 33.56 44.88
CA ILE E 52 -23.44 32.65 45.77
C ILE E 52 -23.51 33.09 47.22
N LYS E 53 -23.21 34.37 47.46
CA LYS E 53 -23.15 34.87 48.83
C LYS E 53 -24.51 34.98 49.48
N ARG E 54 -25.59 34.86 48.70
CA ARG E 54 -26.92 35.01 49.25
C ARG E 54 -27.60 33.66 49.39
N LEU E 55 -26.87 32.61 49.12
CA LEU E 55 -27.38 31.26 49.31
C LEU E 55 -26.81 30.67 50.58
N GLU E 56 -26.16 31.52 51.36
CA GLU E 56 -25.52 31.13 52.62
C GLU E 56 -26.57 30.90 53.69
N MET E 57 -27.40 29.91 53.46
CA MET E 57 -28.51 29.55 54.32
C MET E 57 -28.80 28.10 54.07
N LEU E 58 -28.40 27.66 52.88
CA LEU E 58 -28.66 26.29 52.44
C LEU E 58 -27.58 25.37 52.98
N LYS E 59 -26.43 25.92 53.32
CA LYS E 59 -25.35 25.12 53.87
C LYS E 59 -25.82 24.41 55.14
N ARG E 60 -26.67 25.08 55.91
CA ARG E 60 -27.22 24.53 57.13
C ARG E 60 -28.19 23.38 56.84
N ALA E 61 -28.66 23.31 55.60
CA ALA E 61 -29.58 22.28 55.17
C ALA E 61 -28.84 21.09 54.57
N GLY E 62 -27.51 21.17 54.56
CA GLY E 62 -26.69 20.10 54.00
C GLY E 62 -26.25 20.40 52.57
N ALA E 63 -26.59 21.57 52.05
CA ALA E 63 -26.19 21.95 50.71
C ALA E 63 -24.70 22.25 50.65
N ILE E 64 -24.07 21.89 49.55
CA ILE E 64 -22.68 22.24 49.31
C ILE E 64 -22.61 23.15 48.10
N ILE E 65 -22.10 24.36 48.28
CA ILE E 65 -22.13 25.33 47.19
C ILE E 65 -20.75 25.76 46.74
N GLY E 66 -20.47 25.55 45.45
CA GLY E 66 -19.18 25.95 44.89
C GLY E 66 -19.36 26.80 43.64
N ALA E 67 -18.26 27.04 42.93
CA ALA E 67 -18.28 27.84 41.72
C ALA E 67 -17.51 27.15 40.61
N GLY E 68 -18.08 27.12 39.43
CA GLY E 68 -17.46 26.41 38.32
C GLY E 68 -17.08 27.36 37.18
N THR E 69 -16.53 26.78 36.12
CA THR E 69 -16.13 27.52 34.95
C THR E 69 -15.24 28.70 35.33
N VAL E 70 -14.28 28.43 36.22
CA VAL E 70 -13.33 29.45 36.63
C VAL E 70 -12.04 29.29 35.83
N THR E 71 -11.69 30.32 35.06
CA THR E 71 -10.52 30.23 34.19
C THR E 71 -9.38 31.10 34.67
N SER E 72 -9.70 32.11 35.49
CA SER E 72 -8.69 33.04 35.98
C SER E 72 -8.61 33.03 37.50
N VAL E 73 -7.48 33.49 38.03
CA VAL E 73 -7.31 33.58 39.47
C VAL E 73 -8.19 34.66 40.07
N GLU E 74 -8.46 35.71 39.30
CA GLU E 74 -9.30 36.79 39.80
C GLU E 74 -10.72 36.28 40.04
N GLN E 75 -11.22 35.48 39.12
CA GLN E 75 -12.54 34.87 39.29
C GLN E 75 -12.56 33.96 40.49
N CYS E 76 -11.48 33.20 40.65
CA CYS E 76 -11.35 32.29 41.78
C CYS E 76 -11.42 33.06 43.08
N ARG E 77 -10.62 34.13 43.19
CA ARG E 77 -10.58 34.91 44.40
C ARG E 77 -11.95 35.44 44.77
N GLU E 78 -12.69 35.92 43.79
CA GLU E 78 -14.02 36.45 44.05
C GLU E 78 -14.95 35.34 44.54
N ALA E 79 -14.88 34.18 43.90
CA ALA E 79 -15.73 33.05 44.27
C ALA E 79 -15.44 32.58 45.69
N VAL E 80 -14.16 32.56 46.06
CA VAL E 80 -13.77 32.14 47.40
C VAL E 80 -14.27 33.13 48.44
N GLU E 81 -14.11 34.42 48.16
CA GLU E 81 -14.58 35.46 49.06
C GLU E 81 -16.10 35.40 49.21
N SER E 82 -16.78 35.02 48.14
CA SER E 82 -18.23 34.92 48.13
C SER E 82 -18.74 33.75 48.96
N GLY E 83 -17.83 32.88 49.40
CA GLY E 83 -18.22 31.74 50.23
C GLY E 83 -18.23 30.41 49.49
N ALA E 84 -17.67 30.36 48.28
CA ALA E 84 -17.63 29.11 47.53
C ALA E 84 -16.81 28.08 48.29
N GLU E 85 -17.31 26.85 48.34
CA GLU E 85 -16.62 25.78 49.05
C GLU E 85 -15.58 25.09 48.18
N PHE E 86 -15.79 25.11 46.87
CA PHE E 86 -14.86 24.49 45.94
C PHE E 86 -14.83 25.21 44.61
N ILE E 87 -13.72 25.08 43.91
CA ILE E 87 -13.52 25.71 42.61
C ILE E 87 -13.29 24.69 41.51
N VAL E 88 -14.02 24.83 40.41
CA VAL E 88 -13.86 23.91 39.29
C VAL E 88 -13.48 24.64 38.01
N SER E 89 -12.41 24.19 37.38
CA SER E 89 -11.93 24.79 36.14
C SER E 89 -12.16 23.87 34.93
N PRO E 90 -12.37 24.44 33.75
CA PRO E 90 -12.51 23.77 32.47
C PRO E 90 -11.16 23.35 31.91
N HIS E 91 -10.09 23.79 32.57
CA HIS E 91 -8.74 23.52 32.09
C HIS E 91 -7.82 23.33 33.28
N LEU E 92 -6.57 22.98 33.01
CA LEU E 92 -5.60 22.75 34.08
C LEU E 92 -4.67 23.94 34.25
N ASP E 93 -4.93 24.74 35.27
CA ASP E 93 -4.09 25.90 35.55
C ASP E 93 -3.04 25.55 36.59
N GLU E 94 -2.17 26.51 36.89
CA GLU E 94 -1.19 26.36 37.95
C GLU E 94 -1.43 27.42 39.03
N GLU E 95 -1.85 28.60 38.61
CA GLU E 95 -2.00 29.72 39.52
C GLU E 95 -3.19 29.53 40.43
N ILE E 96 -4.30 29.08 39.87
CA ILE E 96 -5.50 28.85 40.64
C ILE E 96 -5.25 27.75 41.66
N SER E 97 -4.58 26.69 41.22
CA SER E 97 -4.30 25.57 42.09
C SER E 97 -3.48 26.00 43.31
N GLN E 98 -2.43 26.78 43.07
CA GLN E 98 -1.58 27.22 44.18
C GLN E 98 -2.35 28.11 45.13
N PHE E 99 -3.17 29.00 44.57
CA PHE E 99 -4.00 29.88 45.37
C PHE E 99 -4.93 29.08 46.26
N CYS E 100 -5.64 28.13 45.66
CA CYS E 100 -6.59 27.30 46.39
C CYS E 100 -5.90 26.51 47.49
N LYS E 101 -4.71 26.00 47.22
CA LYS E 101 -3.99 25.23 48.22
C LYS E 101 -3.68 26.09 49.46
N GLU E 102 -3.26 27.32 49.22
CA GLU E 102 -2.94 28.24 50.31
C GLU E 102 -4.18 28.59 51.11
N GLU E 103 -5.30 28.76 50.41
CA GLU E 103 -6.57 29.09 51.05
C GLU E 103 -7.20 27.88 51.74
N GLY E 104 -6.91 26.69 51.23
CA GLY E 104 -7.52 25.47 51.76
C GLY E 104 -8.84 25.16 51.08
N VAL E 105 -8.97 25.59 49.84
CA VAL E 105 -10.19 25.40 49.06
C VAL E 105 -10.03 24.24 48.10
N PHE E 106 -10.98 23.31 48.10
CA PHE E 106 -10.91 22.17 47.20
C PHE E 106 -10.93 22.63 45.75
N TYR E 107 -10.01 22.11 44.95
CA TYR E 107 -9.91 22.50 43.57
C TYR E 107 -9.87 21.31 42.64
N MET E 108 -10.67 21.36 41.58
CA MET E 108 -10.72 20.30 40.59
C MET E 108 -10.50 20.83 39.18
N PRO E 109 -9.33 20.60 38.58
CA PRO E 109 -8.92 21.03 37.25
C PRO E 109 -9.58 20.19 36.17
N GLY E 110 -9.67 20.73 34.96
CA GLY E 110 -10.18 19.97 33.82
C GLY E 110 -9.06 19.31 33.04
N VAL E 111 -9.30 18.07 32.61
CA VAL E 111 -8.34 17.33 31.78
C VAL E 111 -9.05 16.63 30.61
N MET E 112 -8.27 16.22 29.62
CA MET E 112 -8.78 15.41 28.50
C MET E 112 -7.73 14.40 28.01
N THR E 113 -6.46 14.76 28.12
CA THR E 113 -5.39 13.94 27.57
C THR E 113 -4.61 13.21 28.66
N PRO E 114 -3.89 12.14 28.31
CA PRO E 114 -2.91 11.44 29.13
C PRO E 114 -1.88 12.37 29.75
N THR E 115 -1.38 13.33 28.98
CA THR E 115 -0.38 14.25 29.51
C THR E 115 -0.97 15.15 30.57
N GLU E 116 -2.15 15.68 30.29
CA GLU E 116 -2.82 16.57 31.24
C GLU E 116 -3.09 15.84 32.53
N LEU E 117 -3.50 14.57 32.42
CA LEU E 117 -3.76 13.76 33.60
C LEU E 117 -2.51 13.62 34.45
N VAL E 118 -1.41 13.26 33.82
CA VAL E 118 -0.17 13.05 34.55
C VAL E 118 0.31 14.33 35.22
N LYS E 119 0.24 15.44 34.50
CA LYS E 119 0.68 16.69 35.08
C LYS E 119 -0.14 17.02 36.31
N ALA E 120 -1.46 16.89 36.22
CA ALA E 120 -2.33 17.18 37.35
C ALA E 120 -2.03 16.24 38.52
N MET E 121 -1.79 14.97 38.20
CA MET E 121 -1.49 13.97 39.21
C MET E 121 -0.25 14.36 40.01
N LYS E 122 0.75 14.89 39.31
CA LYS E 122 2.00 15.30 39.94
C LYS E 122 1.83 16.53 40.82
N LEU E 123 0.68 17.19 40.72
CA LEU E 123 0.41 18.38 41.51
C LEU E 123 -0.41 18.02 42.73
N GLY E 124 -0.70 16.73 42.89
CA GLY E 124 -1.44 16.24 44.04
C GLY E 124 -2.95 16.17 43.83
N HIS E 125 -3.39 16.17 42.57
CA HIS E 125 -4.82 16.09 42.30
C HIS E 125 -5.25 14.65 42.03
N THR E 126 -6.11 14.12 42.88
CA THR E 126 -6.55 12.74 42.76
C THR E 126 -7.91 12.66 42.07
N ILE E 127 -8.63 13.78 42.04
CA ILE E 127 -9.91 13.84 41.35
C ILE E 127 -9.83 14.84 40.21
N LEU E 128 -10.15 14.38 39.01
CA LEU E 128 -10.08 15.24 37.83
C LEU E 128 -11.43 15.37 37.16
N LYS E 129 -11.69 16.53 36.57
CA LYS E 129 -12.89 16.73 35.77
C LYS E 129 -12.63 16.36 34.32
N LEU E 130 -13.45 15.48 33.77
CA LEU E 130 -13.26 15.06 32.39
C LEU E 130 -14.21 15.81 31.49
N PHE E 131 -13.65 16.63 30.60
CA PHE E 131 -14.47 17.51 29.78
C PHE E 131 -13.84 17.80 28.42
N PRO E 132 -14.66 17.76 27.37
CA PRO E 132 -16.04 17.29 27.28
C PRO E 132 -16.13 15.78 27.46
N GLY E 133 -17.14 15.34 28.22
CA GLY E 133 -17.34 13.91 28.44
C GLY E 133 -17.96 13.23 27.23
N GLU E 134 -18.77 13.98 26.49
CA GLU E 134 -19.50 13.46 25.35
C GLU E 134 -18.60 13.14 24.17
N VAL E 135 -17.36 13.61 24.21
CA VAL E 135 -16.44 13.38 23.11
C VAL E 135 -15.67 12.08 23.27
N VAL E 136 -15.14 11.84 24.47
CA VAL E 136 -14.32 10.65 24.69
C VAL E 136 -15.14 9.45 25.18
N GLY E 137 -16.15 9.71 26.01
CA GLY E 137 -17.00 8.65 26.53
C GLY E 137 -16.32 7.83 27.62
N PRO E 138 -17.05 6.85 28.20
CA PRO E 138 -16.66 5.96 29.29
C PRO E 138 -15.39 5.18 29.01
N GLN E 139 -15.06 5.02 27.73
CA GLN E 139 -13.89 4.25 27.34
C GLN E 139 -12.61 4.92 27.84
N PHE E 140 -12.63 6.24 27.93
CA PHE E 140 -11.47 6.97 28.40
C PHE E 140 -11.16 6.56 29.84
N VAL E 141 -12.21 6.53 30.65
CA VAL E 141 -12.07 6.17 32.06
C VAL E 141 -11.54 4.76 32.21
N GLU E 142 -12.08 3.84 31.41
CA GLU E 142 -11.65 2.45 31.48
C GLU E 142 -10.17 2.32 31.15
N ALA E 143 -9.73 3.04 30.13
CA ALA E 143 -8.34 2.99 29.71
C ALA E 143 -7.41 3.51 30.79
N MET E 144 -7.82 4.58 31.46
CA MET E 144 -6.99 5.18 32.49
C MET E 144 -6.94 4.37 33.78
N LYS E 145 -8.00 3.61 34.05
CA LYS E 145 -8.08 2.83 35.26
C LYS E 145 -6.86 1.94 35.44
N GLY E 146 -6.39 1.38 34.33
CA GLY E 146 -5.24 0.48 34.35
C GLY E 146 -3.97 1.14 34.90
N PRO E 147 -3.33 2.01 34.12
CA PRO E 147 -2.09 2.69 34.43
C PRO E 147 -2.23 3.73 35.55
N PHE E 148 -3.44 4.22 35.78
CA PHE E 148 -3.64 5.24 36.81
C PHE E 148 -4.79 4.87 37.75
N PRO E 149 -4.62 3.84 38.57
CA PRO E 149 -5.63 3.23 39.42
C PRO E 149 -6.03 4.14 40.58
N ASN E 150 -5.22 5.16 40.83
CA ASN E 150 -5.45 6.06 41.94
C ASN E 150 -6.04 7.39 41.49
N VAL E 151 -6.54 7.44 40.26
CA VAL E 151 -7.16 8.65 39.74
C VAL E 151 -8.65 8.46 39.53
N LYS E 152 -9.44 9.34 40.13
CA LYS E 152 -10.89 9.28 40.00
C LYS E 152 -11.37 10.36 39.05
N PHE E 153 -12.48 10.09 38.36
CA PHE E 153 -13.00 11.06 37.41
C PHE E 153 -14.41 11.50 37.71
N VAL E 154 -14.69 12.76 37.37
CA VAL E 154 -16.03 13.30 37.37
C VAL E 154 -16.32 13.92 36.00
N PRO E 155 -16.87 13.15 35.05
CA PRO E 155 -17.18 13.57 33.72
C PRO E 155 -18.34 14.54 33.74
N THR E 156 -18.26 15.58 32.90
CA THR E 156 -19.32 16.55 32.79
C THR E 156 -19.75 16.74 31.35
N GLY E 157 -21.06 16.66 31.14
CA GLY E 157 -21.62 16.79 29.81
C GLY E 157 -21.82 15.42 29.19
N GLY E 158 -22.84 15.29 28.35
CA GLY E 158 -23.12 14.01 27.71
C GLY E 158 -23.82 13.05 28.66
N VAL E 159 -24.30 13.58 29.78
CA VAL E 159 -24.94 12.75 30.78
C VAL E 159 -26.45 12.93 30.78
N ASN E 160 -27.17 11.83 30.66
CA ASN E 160 -28.62 11.84 30.65
C ASN E 160 -29.15 10.64 31.42
N LEU E 161 -30.46 10.46 31.43
CA LEU E 161 -31.06 9.40 32.24
C LEU E 161 -30.86 8.01 31.64
N ASP E 162 -30.43 7.95 30.39
CA ASP E 162 -30.28 6.66 29.72
C ASP E 162 -28.88 6.09 29.88
N ASN E 163 -27.87 6.95 29.90
CA ASN E 163 -26.48 6.50 29.93
C ASN E 163 -25.79 6.80 31.25
N VAL E 164 -26.54 7.25 32.24
CA VAL E 164 -25.90 7.60 33.52
C VAL E 164 -25.32 6.38 34.23
N CYS E 165 -25.98 5.23 34.10
CA CYS E 165 -25.52 3.98 34.71
C CYS E 165 -24.29 3.45 33.99
N GLU E 166 -24.16 3.78 32.71
CA GLU E 166 -23.01 3.31 31.94
C GLU E 166 -21.74 3.95 32.45
N TRP E 167 -21.84 5.23 32.80
CA TRP E 167 -20.70 5.94 33.37
C TRP E 167 -20.29 5.33 34.69
N PHE E 168 -21.27 5.03 35.54
CA PHE E 168 -20.97 4.43 36.84
C PHE E 168 -20.46 3.01 36.72
N GLU E 169 -20.94 2.29 35.70
CA GLU E 169 -20.44 0.94 35.46
C GLU E 169 -18.97 0.97 35.06
N ALA E 170 -18.61 1.94 34.23
CA ALA E 170 -17.21 2.11 33.85
C ALA E 170 -16.37 2.39 35.09
N GLY E 171 -16.93 3.18 35.98
CA GLY E 171 -16.30 3.49 37.25
C GLY E 171 -15.96 4.98 37.36
N VAL E 172 -16.92 5.76 37.82
CA VAL E 172 -16.70 7.18 38.05
C VAL E 172 -17.13 7.54 39.47
N LEU E 173 -16.69 8.70 39.93
CA LEU E 173 -17.01 9.16 41.26
C LEU E 173 -18.38 9.83 41.32
N ALA E 174 -18.65 10.66 40.33
CA ALA E 174 -19.88 11.43 40.27
C ALA E 174 -20.13 11.86 38.84
N VAL E 175 -21.35 12.27 38.53
CA VAL E 175 -21.63 12.78 37.19
C VAL E 175 -22.12 14.22 37.22
N GLY E 176 -21.57 15.03 36.30
CA GLY E 176 -21.97 16.42 36.17
C GLY E 176 -23.05 16.58 35.10
N VAL E 177 -24.22 17.06 35.52
CA VAL E 177 -25.33 17.23 34.60
C VAL E 177 -25.70 18.70 34.48
N GLY E 178 -25.23 19.34 33.40
CA GLY E 178 -25.41 20.78 33.23
C GLY E 178 -26.41 21.11 32.12
N SER E 179 -27.22 20.12 31.74
CA SER E 179 -28.18 20.29 30.66
C SER E 179 -29.48 19.58 30.97
N ALA E 180 -29.43 18.26 30.98
CA ALA E 180 -30.61 17.44 31.19
C ALA E 180 -31.30 17.81 32.50
N LEU E 181 -30.54 18.26 33.48
CA LEU E 181 -31.10 18.65 34.77
C LEU E 181 -30.82 20.11 35.10
N VAL E 182 -31.46 21.00 34.35
CA VAL E 182 -31.33 22.45 34.57
C VAL E 182 -32.17 23.22 33.56
N GLU E 183 -32.24 22.71 32.33
CA GLU E 183 -33.02 23.34 31.28
C GLU E 183 -34.50 23.23 31.59
N GLY E 184 -35.24 24.31 31.29
CA GLY E 184 -36.67 24.35 31.58
C GLY E 184 -36.94 25.28 32.74
N LYS E 185 -38.13 25.17 33.33
CA LYS E 185 -38.52 26.03 34.43
C LYS E 185 -38.64 25.18 35.70
N PRO E 186 -38.52 25.77 36.89
CA PRO E 186 -38.38 25.14 38.19
C PRO E 186 -39.40 24.04 38.49
N SER E 187 -40.63 24.21 38.00
CA SER E 187 -41.68 23.24 38.27
C SER E 187 -41.42 21.91 37.55
N GLU E 188 -40.52 21.94 36.57
CA GLU E 188 -40.17 20.75 35.81
C GLU E 188 -38.80 20.23 36.23
N VAL E 189 -37.93 21.16 36.59
CA VAL E 189 -36.55 20.82 36.93
C VAL E 189 -36.50 19.93 38.17
N ALA E 190 -37.33 20.26 39.16
CA ALA E 190 -37.38 19.46 40.37
C ALA E 190 -37.79 18.03 40.07
N GLU E 191 -38.71 17.84 39.12
CA GLU E 191 -39.16 16.50 38.78
C GLU E 191 -38.03 15.71 38.13
N LYS E 192 -37.30 16.38 37.23
CA LYS E 192 -36.18 15.75 36.56
C LYS E 192 -35.16 15.28 37.57
N ALA E 193 -34.97 16.09 38.61
CA ALA E 193 -34.03 15.77 39.67
C ALA E 193 -34.35 14.44 40.32
N ARG E 194 -35.65 14.18 40.49
CA ARG E 194 -36.07 12.97 41.15
C ARG E 194 -35.73 11.74 40.32
N ARG E 195 -35.89 11.86 39.01
CA ARG E 195 -35.58 10.74 38.13
C ARG E 195 -34.10 10.43 38.13
N PHE E 196 -33.26 11.47 38.16
CA PHE E 196 -31.81 11.26 38.20
C PHE E 196 -31.38 10.58 39.48
N VAL E 197 -31.97 10.98 40.60
CA VAL E 197 -31.63 10.38 41.89
C VAL E 197 -32.00 8.91 41.93
N LYS E 198 -33.20 8.58 41.46
CA LYS E 198 -33.66 7.20 41.46
C LYS E 198 -32.80 6.30 40.60
N LYS E 199 -32.41 6.81 39.42
CA LYS E 199 -31.66 6.01 38.47
C LYS E 199 -30.26 5.72 38.98
N ILE E 200 -29.62 6.72 39.55
CA ILE E 200 -28.28 6.53 40.08
C ILE E 200 -28.32 5.62 41.30
N ARG E 201 -29.26 5.85 42.20
CA ARG E 201 -29.38 5.02 43.39
C ARG E 201 -29.59 3.55 43.01
N GLY E 202 -30.44 3.32 42.01
CA GLY E 202 -30.74 1.96 41.55
C GLY E 202 -29.49 1.22 41.11
N CYS E 203 -28.73 1.81 40.17
CA CYS E 203 -27.52 1.21 39.64
C CYS E 203 -26.39 1.22 40.67
N THR E 204 -26.38 2.23 41.54
CA THR E 204 -25.35 2.38 42.55
C THR E 204 -25.76 3.43 43.58
N LYS F 2 -26.65 64.16 -68.42
CA LYS F 2 -25.37 63.65 -68.88
C LYS F 2 -24.61 62.97 -67.74
N MET F 3 -24.38 63.71 -66.65
CA MET F 3 -23.66 63.28 -65.45
C MET F 3 -22.17 63.05 -65.69
N GLU F 4 -21.83 62.21 -66.66
CA GLU F 4 -20.42 61.91 -66.91
C GLU F 4 -19.64 63.19 -67.11
N GLU F 5 -20.22 64.12 -67.88
CA GLU F 5 -19.59 65.40 -68.14
C GLU F 5 -19.56 66.27 -66.90
N LEU F 6 -20.59 66.16 -66.08
CA LEU F 6 -20.70 66.98 -64.87
C LEU F 6 -19.64 66.58 -63.87
N PHE F 7 -19.34 65.29 -63.79
CA PHE F 7 -18.30 64.83 -62.88
C PHE F 7 -16.96 65.39 -63.30
N LYS F 8 -16.68 65.33 -64.61
CA LYS F 8 -15.42 65.86 -65.13
C LYS F 8 -15.30 67.36 -64.91
N GLU F 9 -16.42 68.07 -65.04
CA GLU F 9 -16.43 69.52 -64.92
C GLU F 9 -16.27 70.01 -63.48
N HIS F 10 -16.98 69.38 -62.55
CA HIS F 10 -16.99 69.86 -61.18
C HIS F 10 -15.96 69.16 -60.29
N LYS F 11 -15.75 67.87 -60.53
CA LYS F 11 -14.74 67.07 -59.83
C LYS F 11 -14.99 66.93 -58.32
N ILE F 12 -16.14 67.39 -57.83
CA ILE F 12 -16.41 67.26 -56.41
C ILE F 12 -17.89 67.03 -56.13
N VAL F 13 -18.17 66.14 -55.18
CA VAL F 13 -19.53 65.89 -54.75
C VAL F 13 -19.65 66.02 -53.24
N ALA F 14 -20.63 66.79 -52.79
CA ALA F 14 -20.88 66.95 -51.36
C ALA F 14 -22.03 66.05 -50.95
N VAL F 15 -21.88 65.40 -49.80
CA VAL F 15 -22.92 64.54 -49.27
C VAL F 15 -23.53 65.15 -48.03
N LEU F 16 -24.83 65.40 -48.08
CA LEU F 16 -25.49 66.10 -46.99
C LEU F 16 -26.28 65.15 -46.09
N ARG F 17 -26.18 65.38 -44.79
CA ARG F 17 -26.96 64.67 -43.80
C ARG F 17 -27.43 65.64 -42.73
N ALA F 18 -28.67 65.49 -42.28
CA ALA F 18 -29.24 66.39 -41.30
C ALA F 18 -30.31 65.70 -40.48
N ASN F 19 -30.65 66.29 -39.34
CA ASN F 19 -31.72 65.75 -38.49
C ASN F 19 -33.04 66.46 -38.75
N SER F 20 -33.04 67.34 -39.75
CA SER F 20 -34.24 68.09 -40.13
C SER F 20 -34.14 68.57 -41.56
N VAL F 21 -35.29 68.93 -42.13
CA VAL F 21 -35.31 69.45 -43.49
C VAL F 21 -34.70 70.84 -43.56
N GLU F 22 -35.03 71.68 -42.59
CA GLU F 22 -34.53 73.04 -42.56
C GLU F 22 -33.01 73.07 -42.43
N GLU F 23 -32.48 72.17 -41.60
CA GLU F 23 -31.04 72.07 -41.43
C GLU F 23 -30.38 71.67 -42.75
N ALA F 24 -30.98 70.68 -43.42
CA ALA F 24 -30.45 70.21 -44.69
C ALA F 24 -30.42 71.33 -45.72
N ILE F 25 -31.45 72.18 -45.73
CA ILE F 25 -31.53 73.26 -46.68
C ILE F 25 -30.46 74.31 -46.42
N SER F 26 -30.28 74.69 -45.16
CA SER F 26 -29.29 75.69 -44.82
C SER F 26 -27.90 75.23 -45.23
N LYS F 27 -27.57 73.97 -44.96
CA LYS F 27 -26.28 73.44 -45.33
C LYS F 27 -26.14 73.33 -46.84
N ALA F 28 -27.21 72.89 -47.51
CA ALA F 28 -27.16 72.70 -48.95
C ALA F 28 -26.88 74.01 -49.65
N LEU F 29 -27.46 75.09 -49.14
CA LEU F 29 -27.26 76.39 -49.74
C LEU F 29 -25.83 76.88 -49.53
N ALA F 30 -25.31 76.67 -48.33
CA ALA F 30 -23.93 77.06 -48.03
C ALA F 30 -22.95 76.33 -48.93
N VAL F 31 -23.21 75.06 -49.18
CA VAL F 31 -22.35 74.24 -50.02
C VAL F 31 -22.41 74.69 -51.48
N PHE F 32 -23.63 74.93 -51.97
CA PHE F 32 -23.82 75.37 -53.33
C PHE F 32 -23.16 76.72 -53.55
N ALA F 33 -23.37 77.65 -52.63
CA ALA F 33 -22.80 78.97 -52.72
C ALA F 33 -21.27 78.90 -52.74
N GLY F 34 -20.73 77.91 -52.04
CA GLY F 34 -19.28 77.73 -51.96
C GLY F 34 -18.66 77.24 -53.27
N GLY F 35 -19.49 76.88 -54.24
CA GLY F 35 -18.99 76.47 -55.55
C GLY F 35 -19.14 74.98 -55.84
N VAL F 36 -19.90 74.26 -55.01
CA VAL F 36 -20.12 72.84 -55.27
C VAL F 36 -21.51 72.61 -55.84
N HIS F 37 -21.57 72.18 -57.11
CA HIS F 37 -22.85 72.04 -57.80
C HIS F 37 -23.43 70.64 -57.73
N LEU F 38 -22.62 69.66 -57.36
CA LEU F 38 -23.11 68.29 -57.29
C LEU F 38 -23.44 67.91 -55.86
N ILE F 39 -24.73 67.75 -55.59
CA ILE F 39 -25.21 67.50 -54.24
C ILE F 39 -25.89 66.14 -54.11
N GLU F 40 -25.43 65.36 -53.15
CA GLU F 40 -26.03 64.06 -52.86
C GLU F 40 -26.73 64.10 -51.51
N ILE F 41 -28.02 63.75 -51.51
CA ILE F 41 -28.80 63.79 -50.28
C ILE F 41 -28.91 62.39 -49.67
N THR F 42 -28.51 62.27 -48.41
CA THR F 42 -28.63 60.98 -47.74
C THR F 42 -30.11 60.60 -47.64
N PHE F 43 -30.44 59.40 -48.09
CA PHE F 43 -31.85 59.02 -48.19
C PHE F 43 -32.25 58.02 -47.11
N THR F 44 -31.38 57.87 -46.12
CA THR F 44 -31.66 57.01 -44.97
C THR F 44 -32.00 57.85 -43.75
N VAL F 45 -32.10 59.16 -43.96
CA VAL F 45 -32.42 60.10 -42.89
C VAL F 45 -33.92 60.02 -42.58
N PRO F 46 -34.34 60.57 -41.43
CA PRO F 46 -35.72 60.83 -41.08
C PRO F 46 -36.37 61.71 -42.14
N ASP F 47 -37.65 61.47 -42.40
CA ASP F 47 -38.40 62.20 -43.42
C ASP F 47 -37.91 61.85 -44.82
N ALA F 48 -36.69 62.30 -45.15
CA ALA F 48 -36.03 62.02 -46.42
C ALA F 48 -36.76 62.65 -47.61
N ASP F 49 -37.97 62.17 -47.88
CA ASP F 49 -38.78 62.62 -49.01
C ASP F 49 -39.42 63.97 -48.74
N GLN F 50 -38.56 64.98 -48.56
CA GLN F 50 -38.97 66.35 -48.35
C GLN F 50 -37.86 67.27 -48.81
N VAL F 51 -36.63 66.82 -48.62
CA VAL F 51 -35.46 67.65 -48.88
C VAL F 51 -35.25 67.89 -50.36
N ILE F 52 -35.40 66.83 -51.14
CA ILE F 52 -35.18 66.92 -52.58
C ILE F 52 -36.17 67.91 -53.20
N LYS F 53 -37.42 67.85 -52.76
CA LYS F 53 -38.44 68.75 -53.26
C LYS F 53 -38.16 70.19 -52.87
N GLU F 54 -37.78 70.41 -51.62
CA GLU F 54 -37.53 71.77 -51.13
C GLU F 54 -36.36 72.41 -51.84
N LEU F 55 -35.38 71.62 -52.23
CA LEU F 55 -34.18 72.14 -52.89
C LEU F 55 -34.38 72.31 -54.39
N GLU F 56 -35.59 72.05 -54.88
CA GLU F 56 -35.89 72.17 -56.30
C GLU F 56 -35.44 73.51 -56.88
N PHE F 57 -35.59 74.57 -56.10
CA PHE F 57 -35.26 75.92 -56.54
C PHE F 57 -33.79 76.08 -56.94
N LEU F 58 -32.94 75.19 -56.45
CA LEU F 58 -31.52 75.27 -56.76
C LEU F 58 -31.21 74.75 -58.15
N LYS F 59 -32.08 73.91 -58.70
CA LYS F 59 -31.82 73.35 -60.02
C LYS F 59 -31.72 74.45 -61.06
N GLU F 60 -32.52 75.50 -60.88
CA GLU F 60 -32.52 76.62 -61.80
C GLU F 60 -31.21 77.40 -61.74
N ALA F 61 -30.46 77.21 -60.65
CA ALA F 61 -29.20 77.89 -60.45
C ALA F 61 -28.05 77.07 -61.01
N GLY F 62 -28.36 75.90 -61.57
CA GLY F 62 -27.34 75.02 -62.12
C GLY F 62 -26.96 73.91 -61.17
N ALA F 63 -27.70 73.75 -60.08
CA ALA F 63 -27.44 72.67 -59.14
C ALA F 63 -27.94 71.34 -59.68
N ILE F 64 -27.23 70.27 -59.36
CA ILE F 64 -27.66 68.93 -59.71
C ILE F 64 -27.84 68.10 -58.45
N ILE F 65 -29.07 67.68 -58.18
CA ILE F 65 -29.38 67.04 -56.93
C ILE F 65 -29.82 65.60 -57.12
N GLY F 66 -29.15 64.69 -56.42
CA GLY F 66 -29.51 63.27 -56.47
C GLY F 66 -29.71 62.71 -55.08
N ALA F 67 -29.87 61.40 -54.99
CA ALA F 67 -30.09 60.73 -53.72
C ALA F 67 -29.06 59.63 -53.52
N GLY F 68 -28.48 59.60 -52.34
CA GLY F 68 -27.44 58.63 -52.04
C GLY F 68 -27.90 57.60 -51.03
N THR F 69 -26.96 56.77 -50.60
CA THR F 69 -27.23 55.70 -49.63
C THR F 69 -28.56 55.02 -49.91
N VAL F 70 -28.81 54.69 -51.17
CA VAL F 70 -29.98 53.92 -51.53
C VAL F 70 -29.63 52.45 -51.56
N THR F 71 -30.30 51.66 -50.72
CA THR F 71 -29.96 50.25 -50.61
C THR F 71 -31.05 49.35 -51.18
N SER F 72 -32.27 49.87 -51.24
CA SER F 72 -33.40 49.07 -51.71
C SER F 72 -34.03 49.64 -52.96
N VAL F 73 -34.82 48.81 -53.64
CA VAL F 73 -35.55 49.23 -54.84
C VAL F 73 -36.63 50.25 -54.49
N GLU F 74 -37.29 50.05 -53.36
CA GLU F 74 -38.35 50.95 -52.95
C GLU F 74 -37.82 52.34 -52.69
N GLN F 75 -36.66 52.43 -52.03
CA GLN F 75 -36.03 53.72 -51.78
C GLN F 75 -35.65 54.38 -53.09
N CYS F 76 -35.14 53.58 -54.02
CA CYS F 76 -34.75 54.09 -55.32
C CYS F 76 -35.94 54.70 -56.04
N ARG F 77 -37.06 53.99 -56.04
CA ARG F 77 -38.25 54.47 -56.70
C ARG F 77 -38.73 55.77 -56.08
N GLU F 78 -38.70 55.86 -54.76
CA GLU F 78 -39.12 57.07 -54.08
C GLU F 78 -38.21 58.23 -54.43
N ALA F 79 -36.90 57.97 -54.46
CA ALA F 79 -35.93 59.01 -54.74
C ALA F 79 -36.13 59.58 -56.15
N VAL F 80 -36.43 58.70 -57.10
CA VAL F 80 -36.66 59.15 -58.47
C VAL F 80 -37.94 59.99 -58.54
N GLU F 81 -38.99 59.53 -57.88
CA GLU F 81 -40.25 60.27 -57.84
C GLU F 81 -40.07 61.62 -57.17
N SER F 82 -39.19 61.67 -56.17
CA SER F 82 -38.91 62.89 -55.42
C SER F 82 -38.25 63.96 -56.29
N GLY F 83 -37.73 63.56 -57.44
CA GLY F 83 -37.05 64.51 -58.31
C GLY F 83 -35.53 64.35 -58.31
N ALA F 84 -35.03 63.22 -57.80
CA ALA F 84 -33.59 62.97 -57.84
C ALA F 84 -33.14 62.76 -59.27
N GLU F 85 -32.01 63.34 -59.65
CA GLU F 85 -31.50 63.17 -61.00
C GLU F 85 -30.50 62.04 -61.13
N PHE F 86 -30.06 61.51 -59.99
CA PHE F 86 -29.17 60.36 -59.98
C PHE F 86 -29.28 59.58 -58.68
N ILE F 87 -28.93 58.30 -58.74
CA ILE F 87 -29.00 57.41 -57.58
C ILE F 87 -27.63 56.81 -57.29
N VAL F 88 -27.23 56.83 -56.02
CA VAL F 88 -25.95 56.26 -55.63
C VAL F 88 -26.12 55.22 -54.52
N SER F 89 -25.50 54.04 -54.71
CA SER F 89 -25.59 52.97 -53.72
C SER F 89 -24.23 52.51 -53.22
N PHE F 90 -24.23 51.51 -52.36
CA PHE F 90 -23.01 50.92 -51.83
C PHE F 90 -22.73 49.56 -52.44
N HIS F 91 -23.72 49.02 -53.13
CA HIS F 91 -23.62 47.68 -53.71
C HIS F 91 -24.30 47.60 -55.05
N LEU F 92 -23.92 46.61 -55.85
CA LEU F 92 -24.52 46.41 -57.15
C LEU F 92 -25.81 45.61 -57.02
N ASP F 93 -26.87 46.13 -57.63
CA ASP F 93 -28.17 45.49 -57.59
C ASP F 93 -28.85 45.55 -58.96
N GLU F 94 -29.17 44.38 -59.50
CA GLU F 94 -29.72 44.27 -60.84
C GLU F 94 -31.13 44.85 -60.99
N GLU F 95 -31.86 44.97 -59.88
CA GLU F 95 -33.19 45.53 -59.95
C GLU F 95 -33.11 47.05 -60.03
N ILE F 96 -32.13 47.61 -59.33
CA ILE F 96 -31.89 49.04 -59.38
C ILE F 96 -31.29 49.40 -60.75
N SER F 97 -30.33 48.58 -61.20
CA SER F 97 -29.74 48.78 -62.53
C SER F 97 -30.63 48.20 -63.61
N GLN F 98 -31.90 48.55 -63.52
CA GLN F 98 -32.93 48.18 -64.48
C GLN F 98 -34.03 49.23 -64.42
N PHE F 99 -34.52 49.46 -63.21
CA PHE F 99 -35.47 50.54 -62.99
C PHE F 99 -34.86 51.87 -63.39
N CYS F 100 -33.66 52.15 -62.90
CA CYS F 100 -32.99 53.39 -63.23
C CYS F 100 -32.76 53.50 -64.74
N LYS F 101 -32.42 52.38 -65.38
CA LYS F 101 -32.18 52.41 -66.81
C LYS F 101 -33.43 52.80 -67.57
N GLU F 102 -34.56 52.19 -67.20
CA GLU F 102 -35.83 52.44 -67.85
C GLU F 102 -36.28 53.88 -67.68
N GLU F 103 -36.00 54.46 -66.53
CA GLU F 103 -36.41 55.81 -66.21
C GLU F 103 -35.42 56.87 -66.70
N GLY F 104 -34.30 56.43 -67.29
CA GLY F 104 -33.29 57.36 -67.78
C GLY F 104 -32.54 58.05 -66.63
N VAL F 105 -32.39 57.34 -65.50
CA VAL F 105 -31.75 57.91 -64.33
C VAL F 105 -30.34 57.37 -64.15
N PHE F 106 -29.37 58.27 -64.05
CA PHE F 106 -27.99 57.85 -63.86
C PHE F 106 -27.84 57.12 -62.53
N TYR F 107 -27.18 55.98 -62.57
CA TYR F 107 -26.95 55.20 -61.35
C TYR F 107 -25.53 54.66 -61.30
N MET F 108 -24.94 54.69 -60.12
CA MET F 108 -23.66 54.05 -59.94
C MET F 108 -23.62 53.24 -58.64
N PRO F 109 -23.20 51.97 -58.71
CA PRO F 109 -23.06 51.03 -57.62
C PRO F 109 -21.81 51.31 -56.82
N GLY F 110 -21.75 50.77 -55.61
CA GLY F 110 -20.51 50.81 -54.84
C GLY F 110 -19.71 49.53 -55.05
N VAL F 111 -18.39 49.68 -55.05
CA VAL F 111 -17.48 48.55 -55.18
C VAL F 111 -16.34 48.62 -54.18
N MET F 112 -15.68 47.48 -53.97
CA MET F 112 -14.48 47.43 -53.15
C MET F 112 -13.48 46.42 -53.70
N THR F 113 -13.95 45.46 -54.49
CA THR F 113 -13.09 44.39 -54.98
C THR F 113 -13.20 44.20 -56.49
N PRO F 114 -12.16 43.64 -57.15
CA PRO F 114 -12.09 43.29 -58.56
C PRO F 114 -13.23 42.39 -59.05
N THR F 115 -13.80 41.60 -58.16
CA THR F 115 -14.86 40.67 -58.57
C THR F 115 -16.19 41.37 -58.70
N GLU F 116 -16.27 42.58 -58.18
CA GLU F 116 -17.47 43.39 -58.26
C GLU F 116 -17.33 44.34 -59.43
N LEU F 117 -16.09 44.77 -59.65
CA LEU F 117 -15.78 45.66 -60.75
C LEU F 117 -16.04 44.95 -62.06
N VAL F 118 -15.58 43.70 -62.18
CA VAL F 118 -15.84 42.93 -63.38
C VAL F 118 -17.18 42.23 -63.26
N LYS F 119 -18.21 43.06 -63.14
CA LYS F 119 -19.60 42.65 -63.06
C LYS F 119 -20.43 43.88 -63.39
N ALA F 120 -20.16 44.97 -62.66
CA ALA F 120 -20.79 46.24 -62.94
C ALA F 120 -20.48 46.67 -64.37
N MET F 121 -19.26 46.36 -64.82
CA MET F 121 -18.84 46.68 -66.18
C MET F 121 -19.70 45.93 -67.20
N LYS F 122 -20.08 44.71 -66.87
CA LYS F 122 -20.89 43.89 -67.77
C LYS F 122 -22.27 44.50 -67.95
N LEU F 123 -22.78 45.11 -66.88
CA LEU F 123 -24.08 45.76 -66.92
C LEU F 123 -24.01 47.12 -67.61
N GLY F 124 -22.80 47.67 -67.72
CA GLY F 124 -22.61 48.92 -68.46
C GLY F 124 -22.23 50.10 -67.57
N HIS F 125 -21.75 49.83 -66.37
CA HIS F 125 -21.33 50.91 -65.48
C HIS F 125 -19.86 51.24 -65.66
N THR F 126 -19.57 52.47 -66.06
CA THR F 126 -18.20 52.90 -66.30
C THR F 126 -17.69 53.74 -65.14
N ILE F 127 -18.60 54.27 -64.33
CA ILE F 127 -18.24 55.04 -63.15
C ILE F 127 -18.67 54.30 -61.90
N LEU F 128 -17.72 54.01 -61.03
CA LEU F 128 -18.01 53.26 -59.82
C LEU F 128 -17.69 54.06 -58.57
N LYS F 129 -18.45 53.84 -57.51
CA LYS F 129 -18.16 54.47 -56.22
C LYS F 129 -17.30 53.54 -55.37
N LEU F 130 -16.13 54.01 -54.98
CA LEU F 130 -15.19 53.17 -54.24
C LEU F 130 -15.32 53.40 -52.73
N VAL F 131 -15.67 52.35 -52.01
CA VAL F 131 -15.86 52.44 -50.57
C VAL F 131 -15.28 51.24 -49.82
N PRO F 132 -14.90 51.45 -48.56
CA PRO F 132 -14.56 52.70 -47.92
C PRO F 132 -13.24 53.22 -48.46
N GLY F 133 -13.19 54.50 -48.81
CA GLY F 133 -11.97 55.07 -49.38
C GLY F 133 -10.81 55.03 -48.41
N GLU F 134 -11.12 55.17 -47.12
CA GLU F 134 -10.09 55.20 -46.08
C GLU F 134 -9.50 53.82 -45.80
N VAL F 135 -10.11 52.77 -46.34
CA VAL F 135 -9.60 51.42 -46.11
C VAL F 135 -8.66 50.98 -47.23
N VAL F 136 -9.03 51.23 -48.47
CA VAL F 136 -8.19 50.82 -49.59
C VAL F 136 -7.17 51.89 -49.97
N GLY F 137 -7.58 53.15 -49.94
CA GLY F 137 -6.71 54.27 -50.26
C GLY F 137 -6.51 54.43 -51.77
N PRO F 138 -5.81 55.49 -52.19
CA PRO F 138 -5.53 55.90 -53.57
C PRO F 138 -4.83 54.83 -54.38
N GLN F 139 -4.14 53.92 -53.70
CA GLN F 139 -3.38 52.87 -54.38
C GLN F 139 -4.31 51.93 -55.13
N PHE F 140 -5.55 51.82 -54.67
CA PHE F 140 -6.51 50.94 -55.30
C PHE F 140 -6.89 51.50 -56.65
N VAL F 141 -7.16 52.81 -56.69
CA VAL F 141 -7.57 53.46 -57.91
C VAL F 141 -6.49 53.36 -58.97
N GLU F 142 -5.25 53.60 -58.57
CA GLU F 142 -4.14 53.54 -59.50
C GLU F 142 -3.88 52.12 -59.99
N ALA F 143 -3.85 51.17 -59.06
CA ALA F 143 -3.52 49.79 -59.40
C ALA F 143 -4.54 49.17 -60.36
N MET F 144 -5.80 49.49 -60.15
CA MET F 144 -6.87 48.90 -60.96
C MET F 144 -6.90 49.49 -62.37
N LYS F 145 -6.17 50.57 -62.57
CA LYS F 145 -6.16 51.25 -63.86
C LYS F 145 -5.38 50.44 -64.89
N GLY F 146 -4.56 49.53 -64.40
CA GLY F 146 -3.74 48.69 -65.27
C GLY F 146 -4.61 47.81 -66.17
N PRO F 147 -5.24 46.79 -65.62
CA PRO F 147 -6.16 45.88 -66.27
C PRO F 147 -7.49 46.53 -66.65
N PHE F 148 -7.87 47.63 -65.98
CA PHE F 148 -9.15 48.26 -66.27
C PHE F 148 -9.01 49.76 -66.49
N PRO F 149 -8.39 50.17 -67.60
CA PRO F 149 -8.06 51.54 -67.95
C PRO F 149 -9.31 52.34 -68.29
N ASN F 150 -10.42 51.65 -68.51
CA ASN F 150 -11.66 52.28 -68.92
C ASN F 150 -12.65 52.44 -67.77
N VAL F 151 -12.17 52.30 -66.54
CA VAL F 151 -13.03 52.46 -65.38
C VAL F 151 -12.65 53.67 -64.55
N LYS F 152 -13.62 54.53 -64.26
CA LYS F 152 -13.39 55.72 -63.47
C LYS F 152 -14.03 55.59 -62.10
N PHE F 153 -13.45 56.26 -61.11
CA PHE F 153 -13.96 56.18 -59.75
C PHE F 153 -14.34 57.51 -59.14
N VAL F 154 -15.29 57.44 -58.21
CA VAL F 154 -15.64 58.54 -57.33
C VAL F 154 -15.60 58.05 -55.88
N PRO F 155 -14.41 57.97 -55.26
CA PRO F 155 -14.17 57.41 -53.96
C PRO F 155 -14.76 58.30 -52.88
N THR F 156 -15.27 57.68 -51.83
CA THR F 156 -15.80 58.41 -50.69
C THR F 156 -15.23 57.88 -49.39
N GLY F 157 -14.77 58.79 -48.55
CA GLY F 157 -14.15 58.41 -47.28
C GLY F 157 -12.64 58.47 -47.40
N GLY F 158 -12.00 59.03 -46.38
CA GLY F 158 -10.54 59.17 -46.40
C GLY F 158 -10.13 60.32 -47.31
N VAL F 159 -11.05 61.24 -47.55
CA VAL F 159 -10.80 62.37 -48.43
C VAL F 159 -10.86 63.67 -47.64
N ASN F 160 -9.78 64.43 -47.68
CA ASN F 160 -9.74 65.73 -47.03
C ASN F 160 -8.83 66.67 -47.83
N LEU F 161 -8.70 67.91 -47.38
CA LEU F 161 -7.88 68.87 -48.10
C LEU F 161 -6.44 68.41 -48.17
N ASP F 162 -5.98 67.79 -47.08
CA ASP F 162 -4.59 67.38 -46.97
C ASP F 162 -4.17 66.41 -48.06
N ASN F 163 -5.11 65.57 -48.53
CA ASN F 163 -4.76 64.56 -49.51
C ASN F 163 -5.68 64.58 -50.72
N VAL F 164 -6.37 65.69 -50.93
CA VAL F 164 -7.34 65.72 -52.03
C VAL F 164 -6.64 65.63 -53.39
N CYS F 165 -5.45 66.23 -53.50
CA CYS F 165 -4.67 66.22 -54.73
C CYS F 165 -4.16 64.80 -55.02
N GLU F 166 -3.78 64.09 -53.96
CA GLU F 166 -3.25 62.73 -54.12
C GLU F 166 -4.28 61.81 -54.75
N TRP F 167 -5.54 61.99 -54.38
CA TRP F 167 -6.62 61.20 -54.96
C TRP F 167 -6.73 61.46 -56.46
N PHE F 168 -6.60 62.73 -56.85
CA PHE F 168 -6.65 63.09 -58.27
C PHE F 168 -5.43 62.60 -59.02
N GLU F 169 -4.29 62.52 -58.34
CA GLU F 169 -3.08 61.98 -58.96
C GLU F 169 -3.24 60.50 -59.28
N ALA F 170 -3.89 59.76 -58.37
CA ALA F 170 -4.16 58.34 -58.61
C ALA F 170 -4.99 58.18 -59.87
N GLY F 171 -5.92 59.11 -60.06
CA GLY F 171 -6.75 59.15 -61.26
C GLY F 171 -8.21 58.86 -60.98
N VAL F 172 -8.93 59.88 -60.53
CA VAL F 172 -10.37 59.77 -60.29
C VAL F 172 -11.11 60.82 -61.10
N LEU F 173 -12.40 60.60 -61.30
CA LEU F 173 -13.21 61.56 -62.03
C LEU F 173 -13.69 62.66 -61.10
N ALA F 174 -13.98 62.28 -59.86
CA ALA F 174 -14.45 63.23 -58.85
C ALA F 174 -14.20 62.67 -57.48
N VAL F 175 -14.22 63.53 -56.46
CA VAL F 175 -14.05 63.05 -55.09
C VAL F 175 -15.28 63.30 -54.23
N GLY F 176 -15.66 62.29 -53.44
CA GLY F 176 -16.76 62.41 -52.50
C GLY F 176 -16.22 62.83 -51.14
N VAL F 177 -16.49 64.08 -50.76
CA VAL F 177 -15.90 64.64 -49.57
C VAL F 177 -16.81 64.52 -48.34
N GLY F 178 -18.10 64.68 -48.55
CA GLY F 178 -19.07 64.55 -47.48
C GLY F 178 -18.78 65.49 -46.31
N SER F 179 -18.76 64.92 -45.11
CA SER F 179 -18.59 65.67 -43.87
C SER F 179 -17.25 66.39 -43.79
N ALA F 180 -16.34 66.10 -44.72
CA ALA F 180 -15.06 66.78 -44.73
C ALA F 180 -15.27 68.29 -44.78
N LEU F 181 -16.27 68.73 -45.55
CA LEU F 181 -16.60 70.15 -45.57
C LEU F 181 -18.00 70.41 -45.05
N VAL F 182 -18.85 69.39 -45.03
CA VAL F 182 -20.23 69.58 -44.62
C VAL F 182 -20.38 69.38 -43.13
N GLU F 183 -19.89 70.34 -42.36
CA GLU F 183 -20.00 70.31 -40.90
C GLU F 183 -19.92 71.72 -40.33
N GLY F 184 -20.51 71.91 -39.16
CA GLY F 184 -20.44 73.20 -38.48
C GLY F 184 -21.53 74.15 -39.00
N GLU F 185 -21.37 75.43 -38.69
CA GLU F 185 -22.36 76.43 -39.06
C GLU F 185 -22.30 76.70 -40.56
N PRO F 186 -23.41 77.12 -41.18
CA PRO F 186 -23.51 77.46 -42.59
C PRO F 186 -22.36 78.35 -43.06
N ALA F 187 -21.93 79.28 -42.20
CA ALA F 187 -20.81 80.14 -42.53
C ALA F 187 -19.53 79.33 -42.66
N GLU F 188 -19.37 78.34 -41.79
CA GLU F 188 -18.18 77.50 -41.78
C GLU F 188 -18.23 76.51 -42.93
N VAL F 189 -19.43 76.06 -43.25
CA VAL F 189 -19.63 75.12 -44.34
C VAL F 189 -19.23 75.77 -45.65
N ALA F 190 -19.67 77.01 -45.84
CA ALA F 190 -19.33 77.74 -47.05
C ALA F 190 -17.82 77.94 -47.17
N GLU F 191 -17.17 78.28 -46.06
CA GLU F 191 -15.73 78.48 -46.09
C GLU F 191 -14.99 77.22 -46.52
N LEU F 192 -15.36 76.10 -45.93
CA LEU F 192 -14.71 74.85 -46.26
C LEU F 192 -15.00 74.44 -47.70
N ALA F 193 -16.22 74.69 -48.15
CA ALA F 193 -16.59 74.39 -49.52
C ALA F 193 -15.71 75.15 -50.48
N ILE F 194 -15.43 76.41 -50.17
CA ILE F 194 -14.56 77.22 -51.00
C ILE F 194 -13.15 76.68 -51.02
N ARG F 195 -12.63 76.33 -49.85
CA ARG F 195 -11.27 75.81 -49.76
C ARG F 195 -11.08 74.57 -50.62
N PHE F 196 -12.07 73.69 -50.65
CA PHE F 196 -11.98 72.49 -51.47
C PHE F 196 -11.99 72.82 -52.96
N VAL F 197 -12.84 73.77 -53.35
CA VAL F 197 -12.90 74.15 -54.76
C VAL F 197 -11.59 74.79 -55.20
N GLU F 198 -11.05 75.67 -54.37
CA GLU F 198 -9.79 76.34 -54.68
C GLU F 198 -8.63 75.36 -54.72
N LYS F 199 -8.63 74.40 -53.80
CA LYS F 199 -7.55 73.41 -53.72
C LYS F 199 -7.53 72.48 -54.92
N ILE F 200 -8.72 72.03 -55.35
CA ILE F 200 -8.81 71.13 -56.49
C ILE F 200 -8.38 71.81 -57.77
N ARG F 201 -8.79 73.06 -57.96
CA ARG F 201 -8.41 73.79 -59.16
C ARG F 201 -6.93 74.14 -59.12
N GLY F 202 -6.10 73.19 -59.52
CA GLY F 202 -4.66 73.32 -59.42
C GLY F 202 -3.89 72.05 -59.80
N CYS F 203 -4.49 70.88 -59.55
CA CYS F 203 -3.88 69.59 -59.89
C CYS F 203 -4.95 68.55 -60.24
N LYS G 2 -9.06 42.06 5.76
CA LYS G 2 -9.38 41.48 7.06
C LYS G 2 -9.92 40.06 6.88
N MET G 3 -9.19 39.07 7.41
CA MET G 3 -9.52 37.66 7.26
C MET G 3 -10.83 37.27 7.94
N GLU G 4 -11.14 37.93 9.05
CA GLU G 4 -12.35 37.60 9.79
C GLU G 4 -13.58 37.81 8.92
N GLU G 5 -13.57 38.88 8.13
CA GLU G 5 -14.69 39.18 7.25
C GLU G 5 -14.69 38.27 6.03
N LEU G 6 -13.50 37.98 5.52
CA LEU G 6 -13.38 37.14 4.35
C LEU G 6 -13.89 35.73 4.64
N PHE G 7 -13.60 35.23 5.83
CA PHE G 7 -14.05 33.90 6.19
C PHE G 7 -15.57 33.84 6.22
N LYS G 8 -16.20 34.85 6.82
CA LYS G 8 -17.66 34.89 6.89
C LYS G 8 -18.28 34.92 5.50
N GLU G 9 -17.67 35.65 4.58
CA GLU G 9 -18.20 35.80 3.24
C GLU G 9 -18.20 34.49 2.43
N HIS G 10 -17.16 33.69 2.59
CA HIS G 10 -17.00 32.51 1.75
C HIS G 10 -17.33 31.20 2.47
N LYS G 11 -16.97 31.10 3.73
CA LYS G 11 -17.27 29.95 4.58
C LYS G 11 -16.63 28.63 4.13
N ILE G 12 -15.66 28.70 3.21
CA ILE G 12 -14.99 27.48 2.78
C ILE G 12 -13.54 27.74 2.39
N VAL G 13 -12.67 26.79 2.73
CA VAL G 13 -11.25 26.89 2.40
C VAL G 13 -10.78 25.68 1.59
N ALA G 14 -10.03 25.95 0.53
CA ALA G 14 -9.55 24.92 -0.39
C ALA G 14 -8.62 23.89 0.23
N VAL G 15 -7.79 24.31 1.18
CA VAL G 15 -6.80 23.40 1.78
C VAL G 15 -6.11 22.57 0.71
N LEU G 16 -5.39 23.24 -0.19
CA LEU G 16 -4.80 22.60 -1.36
C LEU G 16 -3.60 21.74 -1.01
N ARG G 17 -3.51 20.58 -1.68
CA ARG G 17 -2.37 19.69 -1.56
C ARG G 17 -1.94 19.21 -2.94
N ALA G 18 -0.63 19.12 -3.16
CA ALA G 18 -0.09 18.70 -4.45
C ALA G 18 1.29 18.09 -4.30
N ASN G 19 1.72 17.34 -5.30
CA ASN G 19 3.05 16.74 -5.30
C ASN G 19 4.00 17.46 -6.23
N SER G 20 3.55 18.59 -6.78
CA SER G 20 4.37 19.36 -7.71
C SER G 20 3.87 20.78 -7.86
N ARG G 21 4.69 21.63 -8.47
CA ARG G 21 4.31 23.02 -8.75
C ARG G 21 3.17 23.07 -9.75
N GLU G 22 3.25 22.22 -10.76
CA GLU G 22 2.29 22.23 -11.85
C GLU G 22 0.92 21.78 -11.36
N GLU G 23 0.91 20.74 -10.53
CA GLU G 23 -0.36 20.25 -10.01
C GLU G 23 -1.01 21.31 -9.15
N ALA G 24 -0.22 22.00 -8.33
CA ALA G 24 -0.75 23.01 -7.43
C ALA G 24 -1.43 24.12 -8.21
N ILE G 25 -0.85 24.51 -9.33
CA ILE G 25 -1.43 25.57 -10.15
C ILE G 25 -2.71 25.10 -10.84
N GLU G 26 -2.67 23.92 -11.43
CA GLU G 26 -3.82 23.40 -12.15
C GLU G 26 -5.00 23.25 -11.20
N ILE G 27 -4.73 22.82 -9.98
CA ILE G 27 -5.77 22.66 -8.98
C ILE G 27 -6.30 24.01 -8.55
N ALA G 28 -5.40 24.95 -8.26
CA ALA G 28 -5.82 26.26 -7.80
C ALA G 28 -6.77 26.91 -8.79
N LEU G 29 -6.50 26.72 -10.09
CA LEU G 29 -7.36 27.29 -11.10
C LEU G 29 -8.72 26.58 -11.13
N ALA G 30 -8.71 25.26 -10.99
CA ALA G 30 -9.96 24.50 -10.98
C ALA G 30 -10.83 24.88 -9.80
N VAL G 31 -10.20 25.10 -8.65
CA VAL G 31 -10.90 25.44 -7.43
C VAL G 31 -11.43 26.87 -7.46
N PHE G 32 -10.56 27.82 -7.84
CA PHE G 32 -10.96 29.21 -7.93
C PHE G 32 -12.11 29.38 -8.90
N ALA G 33 -12.03 28.71 -10.04
CA ALA G 33 -13.04 28.78 -11.08
C ALA G 33 -14.35 28.15 -10.61
N GLY G 34 -14.29 27.40 -9.51
CA GLY G 34 -15.45 26.69 -8.99
C GLY G 34 -16.21 27.53 -7.97
N GLY G 35 -15.71 28.73 -7.69
CA GLY G 35 -16.37 29.62 -6.74
C GLY G 35 -15.73 29.62 -5.35
N VAL G 36 -14.55 29.02 -5.22
CA VAL G 36 -13.85 29.02 -3.94
C VAL G 36 -12.69 30.01 -3.94
N HIS G 37 -12.87 31.13 -3.24
CA HIS G 37 -11.91 32.21 -3.25
C HIS G 37 -10.81 32.05 -2.21
N LEU G 38 -11.10 31.36 -1.11
CA LEU G 38 -10.11 31.25 -0.03
C LEU G 38 -9.28 30.00 -0.20
N ILE G 39 -8.04 30.21 -0.64
CA ILE G 39 -7.14 29.11 -0.95
C ILE G 39 -5.86 29.20 -0.15
N GLU G 40 -5.44 28.09 0.42
CA GLU G 40 -4.17 28.01 1.10
C GLU G 40 -3.40 26.83 0.55
N ILE G 41 -2.09 26.98 0.42
CA ILE G 41 -1.27 25.89 -0.08
C ILE G 41 -0.45 25.27 1.03
N THR G 42 -0.66 23.99 1.27
CA THR G 42 0.08 23.31 2.31
C THR G 42 1.56 23.45 2.00
N PHE G 43 2.36 23.81 3.01
CA PHE G 43 3.77 24.03 2.77
C PHE G 43 4.52 22.71 2.81
N THR G 44 4.09 21.79 1.96
CA THR G 44 4.70 20.48 1.81
C THR G 44 4.92 20.25 0.33
N VAL G 45 4.27 21.09 -0.48
CA VAL G 45 4.38 21.00 -1.93
C VAL G 45 5.79 21.42 -2.32
N PRO G 46 6.48 20.63 -3.14
CA PRO G 46 7.80 20.92 -3.64
C PRO G 46 7.82 22.34 -4.19
N ASP G 47 8.76 23.14 -3.72
CA ASP G 47 8.84 24.53 -4.13
C ASP G 47 7.49 25.23 -3.95
N ALA G 48 6.83 25.00 -2.82
CA ALA G 48 5.54 25.60 -2.55
C ALA G 48 5.60 27.12 -2.68
N ASP G 49 6.73 27.70 -2.29
CA ASP G 49 6.91 29.14 -2.33
C ASP G 49 6.95 29.68 -3.76
N GLU G 50 7.27 28.81 -4.72
CA GLU G 50 7.33 29.20 -6.11
C GLU G 50 5.96 29.16 -6.75
N VAL G 51 4.99 28.67 -5.99
CA VAL G 51 3.62 28.64 -6.46
C VAL G 51 2.88 29.84 -5.91
N ILE G 52 3.07 30.09 -4.62
CA ILE G 52 2.38 31.19 -3.96
C ILE G 52 2.71 32.52 -4.64
N LYS G 53 3.98 32.74 -4.93
CA LYS G 53 4.42 34.00 -5.53
C LYS G 53 3.89 34.20 -6.94
N ARG G 54 3.37 33.14 -7.56
CA ARG G 54 2.89 33.22 -8.94
C ARG G 54 1.37 33.25 -9.04
N LEU G 55 0.69 33.34 -7.90
CA LEU G 55 -0.77 33.42 -7.91
C LEU G 55 -1.23 34.84 -7.63
N GLU G 56 -0.30 35.78 -7.74
CA GLU G 56 -0.63 37.19 -7.56
C GLU G 56 -1.75 37.60 -8.51
N MET G 57 -1.73 37.02 -9.71
CA MET G 57 -2.72 37.32 -10.72
C MET G 57 -4.12 37.01 -10.23
N LEU G 58 -4.25 36.05 -9.33
CA LEU G 58 -5.57 35.69 -8.82
C LEU G 58 -5.98 36.62 -7.70
N LYS G 59 -5.00 37.17 -6.98
CA LYS G 59 -5.33 38.13 -5.94
C LYS G 59 -6.11 39.28 -6.53
N ARG G 60 -5.72 39.67 -7.74
CA ARG G 60 -6.37 40.77 -8.44
C ARG G 60 -7.79 40.42 -8.83
N ALA G 61 -8.11 39.12 -8.81
CA ALA G 61 -9.42 38.62 -9.19
C ALA G 61 -10.28 38.38 -7.96
N GLY G 62 -9.77 38.72 -6.78
CA GLY G 62 -10.52 38.55 -5.54
C GLY G 62 -10.12 37.30 -4.76
N ALA G 63 -9.13 36.57 -5.26
CA ALA G 63 -8.65 35.38 -4.57
C ALA G 63 -7.82 35.75 -3.36
N ILE G 64 -7.87 34.91 -2.33
CA ILE G 64 -7.04 35.09 -1.16
C ILE G 64 -6.08 33.92 -1.05
N ILE G 65 -4.78 34.21 -1.08
CA ILE G 65 -3.79 33.13 -1.09
C ILE G 65 -2.95 33.08 0.18
N GLY G 66 -3.05 31.98 0.90
CA GLY G 66 -2.26 31.80 2.13
C GLY G 66 -1.44 30.52 2.09
N ALA G 67 -0.87 30.15 3.22
CA ALA G 67 -0.06 28.95 3.32
C ALA G 67 -0.47 28.11 4.52
N GLY G 68 -0.49 26.80 4.34
CA GLY G 68 -0.90 25.90 5.41
C GLY G 68 0.23 25.01 5.88
N THR G 69 -0.08 24.14 6.83
CA THR G 69 0.90 23.22 7.42
C THR G 69 2.24 23.88 7.65
N VAL G 70 2.23 25.01 8.33
CA VAL G 70 3.46 25.67 8.75
C VAL G 70 3.78 25.27 10.18
N THR G 71 4.90 24.56 10.37
CA THR G 71 5.23 24.00 11.66
C THR G 71 6.35 24.75 12.36
N SER G 72 7.11 25.53 11.59
CA SER G 72 8.25 26.26 12.14
C SER G 72 8.33 27.67 11.57
N VAL G 73 9.08 28.52 12.26
CA VAL G 73 9.18 29.92 11.88
C VAL G 73 9.90 30.11 10.56
N GLU G 74 10.85 29.22 10.24
CA GLU G 74 11.58 29.35 8.99
C GLU G 74 10.65 29.19 7.80
N GLN G 75 9.74 28.23 7.90
CA GLN G 75 8.76 28.00 6.85
C GLN G 75 7.83 29.20 6.75
N CYS G 76 7.45 29.74 7.90
CA CYS G 76 6.59 30.90 7.93
C CYS G 76 7.25 32.07 7.23
N ARG G 77 8.51 32.34 7.56
CA ARG G 77 9.22 33.45 6.98
C ARG G 77 9.23 33.37 5.46
N GLU G 78 9.47 32.17 4.93
CA GLU G 78 9.46 32.00 3.49
C GLU G 78 8.08 32.26 2.91
N ALA G 79 7.04 31.75 3.57
CA ALA G 79 5.68 31.92 3.10
C ALA G 79 5.28 33.39 3.10
N VAL G 80 5.70 34.13 4.13
CA VAL G 80 5.37 35.54 4.22
C VAL G 80 6.08 36.34 3.13
N GLU G 81 7.35 36.05 2.91
CA GLU G 81 8.12 36.71 1.87
C GLU G 81 7.53 36.44 0.49
N SER G 82 7.00 35.24 0.31
CA SER G 82 6.41 34.82 -0.95
C SER G 82 5.07 35.51 -1.22
N GLY G 83 4.54 36.21 -0.22
CA GLY G 83 3.29 36.92 -0.39
C GLY G 83 2.08 36.22 0.22
N ALA G 84 2.30 35.26 1.11
CA ALA G 84 1.18 34.60 1.76
C ALA G 84 0.39 35.62 2.58
N GLU G 85 -0.93 35.57 2.48
CA GLU G 85 -1.78 36.51 3.19
C GLU G 85 -2.06 36.06 4.62
N PHE G 86 -2.03 34.75 4.84
CA PHE G 86 -2.25 34.21 6.17
C PHE G 86 -1.49 32.90 6.38
N ILE G 87 -1.21 32.60 7.64
CA ILE G 87 -0.47 31.41 8.01
C ILE G 87 -1.29 30.48 8.89
N VAL G 88 -1.35 29.21 8.52
CA VAL G 88 -2.08 28.23 9.30
C VAL G 88 -1.18 27.10 9.79
N SER G 89 -1.22 26.84 11.09
CA SER G 89 -0.42 25.79 11.70
C SER G 89 -1.30 24.62 12.14
N PRO G 90 -0.78 23.39 12.11
CA PRO G 90 -1.40 22.16 12.59
C PRO G 90 -1.33 22.05 14.10
N HIS G 91 -0.63 22.96 14.74
CA HIS G 91 -0.43 22.94 16.18
C HIS G 91 -0.34 24.35 16.71
N LEU G 92 -0.22 24.51 18.02
CA LEU G 92 -0.15 25.82 18.63
C LEU G 92 1.28 26.20 19.01
N ASP G 93 1.91 27.03 18.20
CA ASP G 93 3.25 27.50 18.50
C ASP G 93 3.18 28.88 19.14
N GLU G 94 4.34 29.42 19.50
CA GLU G 94 4.42 30.76 20.05
C GLU G 94 5.34 31.63 19.20
N GLU G 95 6.35 31.00 18.61
CA GLU G 95 7.35 31.73 17.84
C GLU G 95 6.74 32.25 16.55
N ILE G 96 5.95 31.40 15.90
CA ILE G 96 5.30 31.78 14.66
C ILE G 96 4.31 32.90 14.94
N SER G 97 3.57 32.76 16.03
CA SER G 97 2.57 33.75 16.39
C SER G 97 3.20 35.12 16.60
N GLN G 98 4.31 35.18 17.33
CA GLN G 98 4.98 36.44 17.58
C GLN G 98 5.51 37.05 16.30
N PHE G 99 6.09 36.21 15.44
CA PHE G 99 6.60 36.67 14.16
C PHE G 99 5.48 37.26 13.31
N CYS G 100 4.40 36.51 13.17
CA CYS G 100 3.26 36.96 12.37
C CYS G 100 2.66 38.23 12.94
N LYS G 101 2.59 38.33 14.26
CA LYS G 101 2.05 39.51 14.92
C LYS G 101 2.82 40.75 14.54
N GLU G 102 4.15 40.65 14.59
CA GLU G 102 5.02 41.77 14.25
C GLU G 102 4.89 42.14 12.77
N GLU G 103 4.76 41.14 11.92
CA GLU G 103 4.62 41.36 10.48
C GLU G 103 3.23 41.87 10.11
N GLY G 104 2.23 41.52 10.91
CA GLY G 104 0.85 41.91 10.62
C GLY G 104 0.16 40.87 9.74
N VAL G 105 0.60 39.63 9.84
CA VAL G 105 0.06 38.53 9.05
C VAL G 105 -0.93 37.73 9.88
N PHE G 106 -2.12 37.51 9.35
CA PHE G 106 -3.12 36.75 10.09
C PHE G 106 -2.63 35.34 10.35
N TYR G 107 -2.72 34.91 11.60
CA TYR G 107 -2.25 33.59 12.00
C TYR G 107 -3.33 32.79 12.70
N MET G 108 -3.50 31.54 12.29
CA MET G 108 -4.48 30.66 12.90
C MET G 108 -3.84 29.34 13.35
N PRO G 109 -3.65 29.14 14.66
CA PRO G 109 -3.05 27.98 15.28
C PRO G 109 -4.00 26.80 15.29
N GLY G 110 -3.45 25.59 15.38
CA GLY G 110 -4.27 24.39 15.51
C GLY G 110 -4.46 24.00 16.97
N VAL G 111 -5.69 23.59 17.30
CA VAL G 111 -6.02 23.12 18.65
C VAL G 111 -6.87 21.85 18.61
N MET G 112 -6.92 21.16 19.74
CA MET G 112 -7.80 20.00 19.90
C MET G 112 -8.34 19.89 21.32
N THR G 113 -7.58 20.38 22.29
CA THR G 113 -7.91 20.21 23.70
C THR G 113 -8.41 21.50 24.35
N PRO G 114 -9.14 21.39 25.47
CA PRO G 114 -9.52 22.47 26.36
C PRO G 114 -8.36 23.35 26.80
N THR G 115 -7.19 22.76 27.06
CA THR G 115 -6.07 23.56 27.53
C THR G 115 -5.43 24.32 26.39
N GLU G 116 -5.38 23.71 25.21
CA GLU G 116 -4.83 24.37 24.04
C GLU G 116 -5.70 25.56 23.65
N LEU G 117 -7.01 25.38 23.78
CA LEU G 117 -7.95 26.46 23.48
C LEU G 117 -7.69 27.65 24.37
N VAL G 118 -7.60 27.40 25.67
CA VAL G 118 -7.40 28.48 26.63
C VAL G 118 -6.08 29.17 26.41
N LYS G 119 -5.03 28.40 26.18
CA LYS G 119 -3.72 29.00 25.97
C LYS G 119 -3.75 29.91 24.76
N ALA G 120 -4.32 29.43 23.66
CA ALA G 120 -4.39 30.23 22.44
C ALA G 120 -5.24 31.48 22.66
N MET G 121 -6.32 31.33 23.41
CA MET G 121 -7.21 32.44 23.70
C MET G 121 -6.47 33.55 24.43
N LYS G 122 -5.60 33.17 25.34
CA LYS G 122 -4.83 34.12 26.14
C LYS G 122 -3.73 34.80 25.32
N LEU G 123 -3.52 34.33 24.10
CA LEU G 123 -2.53 34.93 23.21
C LEU G 123 -3.21 35.86 22.22
N GLY G 124 -4.52 36.01 22.36
CA GLY G 124 -5.29 36.91 21.51
C GLY G 124 -5.83 36.25 20.24
N HIS G 125 -5.92 34.93 20.23
CA HIS G 125 -6.45 34.25 19.05
C HIS G 125 -7.91 33.89 19.25
N THR G 126 -8.78 34.52 18.47
CA THR G 126 -10.22 34.31 18.60
C THR G 126 -10.73 33.27 17.62
N ILE G 127 -9.94 33.01 16.58
CA ILE G 127 -10.28 31.98 15.60
C ILE G 127 -9.27 30.85 15.66
N LEU G 128 -9.75 29.64 15.91
CA LEU G 128 -8.88 28.50 16.03
C LEU G 128 -9.20 27.43 14.99
N LYS G 129 -8.17 26.73 14.53
CA LYS G 129 -8.37 25.60 13.63
C LYS G 129 -8.56 24.32 14.43
N LEU G 130 -9.64 23.62 14.16
CA LEU G 130 -9.93 22.40 14.89
C LEU G 130 -9.51 21.19 14.07
N PHE G 131 -8.48 20.50 14.54
CA PHE G 131 -7.89 19.43 13.75
C PHE G 131 -7.29 18.32 14.60
N PRO G 132 -7.57 17.07 14.25
CA PRO G 132 -8.52 16.58 13.26
C PRO G 132 -9.96 16.83 13.71
N GLY G 133 -10.80 17.31 12.80
CA GLY G 133 -12.19 17.59 13.13
C GLY G 133 -13.02 16.32 13.16
N GLU G 134 -12.62 15.33 12.37
CA GLU G 134 -13.36 14.08 12.25
C GLU G 134 -13.27 13.20 13.49
N VAL G 135 -12.34 13.54 14.37
CA VAL G 135 -12.16 12.76 15.59
C VAL G 135 -13.11 13.21 16.69
N VAL G 136 -13.20 14.52 16.91
CA VAL G 136 -14.04 15.04 17.98
C VAL G 136 -15.48 15.31 17.52
N GLY G 137 -15.64 15.78 16.28
CA GLY G 137 -16.96 16.05 15.72
C GLY G 137 -17.56 17.35 16.23
N PRO G 138 -18.75 17.73 15.74
CA PRO G 138 -19.50 18.93 16.02
C PRO G 138 -19.80 19.12 17.50
N GLN G 139 -19.80 18.03 18.25
CA GLN G 139 -20.10 18.08 19.67
C GLN G 139 -19.04 18.86 20.43
N PHE G 140 -17.83 18.88 19.88
CA PHE G 140 -16.75 19.61 20.51
C PHE G 140 -17.05 21.09 20.51
N VAL G 141 -17.49 21.58 19.36
CA VAL G 141 -17.83 22.99 19.20
C VAL G 141 -18.98 23.37 20.12
N GLU G 142 -19.99 22.51 20.18
CA GLU G 142 -21.14 22.79 21.04
C GLU G 142 -20.72 22.86 22.50
N ALA G 143 -19.84 21.96 22.91
CA ALA G 143 -19.37 21.93 24.28
C ALA G 143 -18.59 23.19 24.63
N MET G 144 -17.77 23.66 23.70
CA MET G 144 -16.95 24.84 23.94
C MET G 144 -17.74 26.13 23.87
N LYS G 145 -18.82 26.13 23.09
CA LYS G 145 -19.63 27.33 22.92
C LYS G 145 -20.08 27.89 24.26
N GLY G 146 -20.41 26.99 25.19
CA GLY G 146 -20.90 27.37 26.51
C GLY G 146 -19.89 28.26 27.26
N PRO G 147 -18.80 27.67 27.76
CA PRO G 147 -17.75 28.32 28.52
C PRO G 147 -16.90 29.30 27.70
N PHE G 148 -16.88 29.12 26.38
CA PHE G 148 -16.06 29.98 25.53
C PHE G 148 -16.86 30.52 24.33
N PRO G 149 -17.82 31.41 24.58
CA PRO G 149 -18.78 31.94 23.63
C PRO G 149 -18.13 32.88 22.63
N ASN G 150 -16.91 33.31 22.95
CA ASN G 150 -16.19 34.26 22.11
C ASN G 150 -15.12 33.59 21.26
N VAL G 151 -15.18 32.27 21.16
CA VAL G 151 -14.22 31.54 20.35
C VAL G 151 -14.87 30.91 19.14
N LYS G 152 -14.32 31.20 17.96
CA LYS G 152 -14.83 30.67 16.70
C LYS G 152 -13.94 29.55 16.21
N PHE G 153 -14.53 28.59 15.50
CA PHE G 153 -13.76 27.47 15.00
C PHE G 153 -13.86 27.30 13.49
N VAL G 154 -12.76 26.81 12.92
CA VAL G 154 -12.73 26.35 11.54
C VAL G 154 -12.22 24.92 11.49
N PRO G 155 -13.10 23.92 11.53
CA PRO G 155 -12.78 22.51 11.51
C PRO G 155 -12.27 22.11 10.16
N THR G 156 -11.25 21.26 10.16
CA THR G 156 -10.69 20.74 8.92
C THR G 156 -10.57 19.23 8.96
N GLY G 157 -10.96 18.58 7.88
CA GLY G 157 -10.84 17.13 7.76
C GLY G 157 -12.16 16.44 8.01
N GLY G 158 -12.47 15.45 7.17
CA GLY G 158 -13.69 14.67 7.32
C GLY G 158 -14.92 15.41 6.81
N VAL G 159 -14.70 16.58 6.24
CA VAL G 159 -15.80 17.40 5.75
C VAL G 159 -16.18 16.97 4.35
N ASN G 160 -17.48 16.73 4.15
CA ASN G 160 -17.99 16.33 2.86
C ASN G 160 -19.42 16.85 2.66
N LEU G 161 -19.99 16.57 1.50
CA LEU G 161 -21.29 17.13 1.14
C LEU G 161 -22.43 16.58 1.99
N ASP G 162 -22.18 15.52 2.73
CA ASP G 162 -23.21 14.91 3.53
C ASP G 162 -23.27 15.48 4.94
N ASN G 163 -22.14 16.01 5.43
CA ASN G 163 -22.06 16.47 6.81
C ASN G 163 -21.64 17.93 6.92
N VAL G 164 -21.44 18.59 5.79
CA VAL G 164 -21.00 19.98 5.82
C VAL G 164 -22.00 20.90 6.51
N CYS G 165 -23.31 20.63 6.31
CA CYS G 165 -24.36 21.43 6.87
C CYS G 165 -24.47 21.22 8.38
N GLU G 166 -24.13 20.01 8.84
CA GLU G 166 -24.20 19.71 10.27
C GLU G 166 -23.22 20.58 11.03
N TRP G 167 -22.05 20.80 10.44
CA TRP G 167 -21.04 21.65 11.06
C TRP G 167 -21.54 23.07 11.18
N PHE G 168 -22.18 23.57 10.12
CA PHE G 168 -22.70 24.93 10.14
C PHE G 168 -23.88 25.07 11.10
N GLU G 169 -24.67 24.02 11.23
CA GLU G 169 -25.77 24.03 12.18
C GLU G 169 -25.25 24.12 13.61
N ALA G 170 -24.17 23.38 13.89
CA ALA G 170 -23.55 23.44 15.20
C ALA G 170 -23.04 24.86 15.47
N GLY G 171 -22.51 25.48 14.43
CA GLY G 171 -22.04 26.85 14.50
C GLY G 171 -20.54 26.95 14.28
N VAL G 172 -20.13 27.05 13.03
CA VAL G 172 -18.74 27.23 12.69
C VAL G 172 -18.59 28.42 11.74
N LEU G 173 -17.36 28.90 11.61
CA LEU G 173 -17.07 30.04 10.75
C LEU G 173 -16.92 29.62 9.30
N ALA G 174 -16.19 28.54 9.09
CA ALA G 174 -15.87 28.05 7.76
C ALA G 174 -15.47 26.60 7.85
N VAL G 175 -15.47 25.90 6.71
CA VAL G 175 -15.02 24.51 6.72
C VAL G 175 -13.83 24.28 5.80
N GLY G 176 -12.85 23.51 6.28
CA GLY G 176 -11.68 23.17 5.48
C GLY G 176 -11.84 21.81 4.81
N VAL G 177 -11.84 21.81 3.48
CA VAL G 177 -12.01 20.58 2.72
C VAL G 177 -10.74 20.24 1.96
N GLY G 178 -9.98 19.27 2.47
CA GLY G 178 -8.68 18.94 1.91
C GLY G 178 -8.68 17.63 1.13
N SER G 179 -9.85 17.13 0.79
CA SER G 179 -9.97 15.86 0.08
C SER G 179 -10.94 15.96 -1.09
N ALA G 180 -12.21 16.14 -0.76
CA ALA G 180 -13.27 16.19 -1.77
C ALA G 180 -13.20 17.46 -2.60
N LEU G 181 -12.31 18.37 -2.25
CA LEU G 181 -12.15 19.63 -2.97
C LEU G 181 -10.72 19.77 -3.50
N VAL G 182 -10.15 18.66 -3.95
CA VAL G 182 -8.77 18.66 -4.44
C VAL G 182 -8.42 17.39 -5.20
N GLU G 183 -8.89 16.24 -4.74
CA GLU G 183 -8.59 14.98 -5.39
C GLU G 183 -9.33 14.87 -6.72
N GLY G 184 -8.64 14.32 -7.73
CA GLY G 184 -9.24 14.12 -9.05
C GLY G 184 -8.65 15.08 -10.09
N LYS G 185 -9.18 15.01 -11.31
CA LYS G 185 -8.70 15.85 -12.40
C LYS G 185 -9.29 17.24 -12.26
N PRO G 186 -8.62 18.29 -12.76
CA PRO G 186 -9.05 19.67 -12.74
C PRO G 186 -10.52 19.83 -13.16
N SER G 187 -10.95 19.05 -14.14
CA SER G 187 -12.33 19.12 -14.59
C SER G 187 -13.30 18.52 -13.57
N GLU G 188 -12.81 17.56 -12.79
CA GLU G 188 -13.63 16.92 -11.78
C GLU G 188 -13.66 17.77 -10.51
N VAL G 189 -12.53 18.38 -10.20
CA VAL G 189 -12.40 19.20 -9.01
C VAL G 189 -13.31 20.41 -9.11
N ALA G 190 -13.37 21.02 -10.28
CA ALA G 190 -14.23 22.17 -10.49
C ALA G 190 -15.69 21.83 -10.22
N GLU G 191 -16.11 20.62 -10.60
CA GLU G 191 -17.48 20.20 -10.37
C GLU G 191 -17.75 20.03 -8.89
N LYS G 192 -16.79 19.43 -8.19
CA LYS G 192 -16.93 19.21 -6.76
C LYS G 192 -17.04 20.54 -6.04
N ALA G 193 -16.25 21.51 -6.49
CA ALA G 193 -16.25 22.82 -5.87
C ALA G 193 -17.63 23.47 -5.96
N ARG G 194 -18.28 23.31 -7.12
CA ARG G 194 -19.60 23.89 -7.30
C ARG G 194 -20.62 23.25 -6.40
N ARG G 195 -20.47 21.95 -6.16
CA ARG G 195 -21.41 21.25 -5.28
C ARG G 195 -21.28 21.76 -3.85
N PHE G 196 -20.05 21.99 -3.41
CA PHE G 196 -19.83 22.49 -2.06
C PHE G 196 -20.38 23.88 -1.87
N VAL G 197 -20.18 24.74 -2.86
CA VAL G 197 -20.66 26.11 -2.75
C VAL G 197 -22.18 26.14 -2.70
N LYS G 198 -22.83 25.38 -3.56
CA LYS G 198 -24.28 25.35 -3.58
C LYS G 198 -24.85 24.77 -2.29
N LYS G 199 -24.21 23.73 -1.77
CA LYS G 199 -24.71 23.06 -0.58
C LYS G 199 -24.61 23.97 0.65
N ILE G 200 -23.49 24.69 0.76
CA ILE G 200 -23.30 25.60 1.89
C ILE G 200 -24.27 26.78 1.80
N ARG G 201 -24.40 27.36 0.61
CA ARG G 201 -25.30 28.49 0.45
C ARG G 201 -26.74 28.09 0.75
N GLY G 202 -27.10 26.87 0.35
CA GLY G 202 -28.43 26.34 0.60
C GLY G 202 -28.76 26.28 2.09
N CYS G 203 -27.89 25.61 2.86
CA CYS G 203 -28.06 25.45 4.31
C CYS G 203 -27.82 26.78 5.06
N THR G 204 -26.95 27.61 4.49
CA THR G 204 -26.63 28.90 5.09
C THR G 204 -25.98 29.82 4.06
N ALA H 20 -3.19 19.49 -65.65
CA ALA H 20 -2.12 20.47 -65.77
C ALA H 20 -1.53 20.83 -64.39
N ARG H 21 -1.51 19.85 -63.48
CA ARG H 21 -1.01 20.00 -62.12
C ARG H 21 0.48 20.32 -62.06
N LYS H 22 1.17 20.07 -63.17
CA LYS H 22 2.60 20.32 -63.26
C LYS H 22 2.93 21.79 -63.03
N MET H 23 1.94 22.66 -63.20
CA MET H 23 2.16 24.08 -63.03
C MET H 23 2.57 24.41 -61.60
N GLU H 24 2.07 23.65 -60.64
CA GLU H 24 2.40 23.91 -59.25
C GLU H 24 3.91 23.77 -59.03
N GLU H 25 4.48 22.75 -59.64
CA GLU H 25 5.91 22.48 -59.52
C GLU H 25 6.71 23.54 -60.25
N LEU H 26 6.22 23.94 -61.42
CA LEU H 26 6.93 24.94 -62.22
C LEU H 26 6.95 26.29 -61.50
N PHE H 27 5.86 26.64 -60.86
CA PHE H 27 5.82 27.89 -60.10
C PHE H 27 6.82 27.84 -58.97
N LYS H 28 6.87 26.71 -58.26
CA LYS H 28 7.79 26.54 -57.15
C LYS H 28 9.25 26.67 -57.60
N GLU H 29 9.56 26.12 -58.78
CA GLU H 29 10.93 26.13 -59.29
C GLU H 29 11.43 27.53 -59.62
N HIS H 30 10.56 28.36 -60.19
CA HIS H 30 10.98 29.68 -60.66
C HIS H 30 10.68 30.79 -59.65
N LYS H 31 9.53 30.71 -59.00
CA LYS H 31 9.10 31.67 -57.98
C LYS H 31 8.88 33.09 -58.49
N ILE H 32 8.94 33.29 -59.80
CA ILE H 32 8.69 34.62 -60.35
C ILE H 32 7.95 34.55 -61.68
N VAL H 33 6.97 35.44 -61.84
CA VAL H 33 6.23 35.56 -63.08
C VAL H 33 6.29 37.00 -63.60
N ALA H 34 6.63 37.15 -64.87
CA ALA H 34 6.65 38.47 -65.48
C ALA H 34 5.29 38.82 -66.06
N VAL H 35 4.72 39.93 -65.62
CA VAL H 35 3.44 40.37 -66.15
C VAL H 35 3.67 41.45 -67.18
N LEU H 36 3.50 41.09 -68.45
CA LEU H 36 3.93 41.96 -69.53
C LEU H 36 2.79 42.74 -70.16
N ARG H 37 3.04 44.04 -70.31
CA ARG H 37 2.15 44.94 -71.05
C ARG H 37 2.93 45.72 -72.09
N ALA H 38 2.29 46.01 -73.21
CA ALA H 38 2.94 46.70 -74.32
C ALA H 38 1.91 47.38 -75.20
N ASN H 39 2.36 48.34 -76.01
CA ASN H 39 1.48 48.99 -76.97
C ASN H 39 1.65 48.45 -78.38
N SER H 40 2.49 47.43 -78.52
CA SER H 40 2.75 46.83 -79.83
C SER H 40 3.36 45.44 -79.71
N VAL H 41 3.34 44.71 -80.82
CA VAL H 41 3.93 43.38 -80.87
C VAL H 41 5.46 43.45 -80.76
N GLU H 42 6.05 44.51 -81.29
CA GLU H 42 7.51 44.65 -81.23
C GLU H 42 7.96 44.87 -79.81
N GLU H 43 7.25 45.74 -79.09
CA GLU H 43 7.59 46.01 -77.71
C GLU H 43 7.40 44.78 -76.85
N ALA H 44 6.32 44.05 -77.12
CA ALA H 44 6.02 42.87 -76.32
C ALA H 44 7.08 41.80 -76.49
N LYS H 45 7.53 41.60 -77.72
CA LYS H 45 8.53 40.58 -77.99
C LYS H 45 9.87 40.92 -77.36
N LYS H 46 10.26 42.19 -77.46
CA LYS H 46 11.55 42.61 -76.91
C LYS H 46 11.55 42.49 -75.38
N LYS H 47 10.44 42.87 -74.77
CA LYS H 47 10.33 42.82 -73.32
C LYS H 47 10.26 41.37 -72.83
N ALA H 48 9.50 40.54 -73.54
CA ALA H 48 9.37 39.14 -73.15
C ALA H 48 10.72 38.44 -73.23
N LEU H 49 11.49 38.77 -74.26
CA LEU H 49 12.81 38.17 -74.41
C LEU H 49 13.75 38.67 -73.34
N ALA H 50 13.69 39.97 -73.03
CA ALA H 50 14.60 40.55 -72.06
C ALA H 50 14.48 39.86 -70.71
N VAL H 51 13.25 39.60 -70.27
CA VAL H 51 13.09 38.94 -68.97
C VAL H 51 13.49 37.47 -69.07
N PHE H 52 13.22 36.84 -70.20
CA PHE H 52 13.61 35.45 -70.40
C PHE H 52 15.12 35.30 -70.29
N LEU H 53 15.86 36.19 -70.95
CA LEU H 53 17.31 36.16 -70.91
C LEU H 53 17.82 36.38 -69.50
N GLY H 54 17.10 37.20 -68.73
CA GLY H 54 17.46 37.50 -67.37
C GLY H 54 17.16 36.36 -66.40
N GLY H 55 16.54 35.29 -66.88
CA GLY H 55 16.26 34.13 -66.03
C GLY H 55 14.80 33.98 -65.62
N VAL H 56 13.90 34.72 -66.26
CA VAL H 56 12.48 34.59 -65.94
C VAL H 56 11.74 33.78 -67.00
N HIS H 57 11.46 32.52 -66.68
CA HIS H 57 10.86 31.60 -67.64
C HIS H 57 9.34 31.72 -67.71
N LEU H 58 8.73 32.12 -66.59
CA LEU H 58 7.26 32.20 -66.55
C LEU H 58 6.79 33.57 -66.99
N ILE H 59 6.26 33.65 -68.20
CA ILE H 59 5.86 34.92 -68.79
C ILE H 59 4.37 34.96 -69.11
N GLU H 60 3.70 35.97 -68.59
CA GLU H 60 2.26 36.15 -68.79
C GLU H 60 1.98 37.33 -69.72
N ILE H 61 1.33 37.05 -70.84
CA ILE H 61 1.03 38.10 -71.81
C ILE H 61 -0.40 38.59 -71.63
N THR H 62 -0.57 39.86 -71.31
CA THR H 62 -1.89 40.41 -71.05
C THR H 62 -2.64 40.70 -72.33
N PHE H 63 -3.94 40.92 -72.21
CA PHE H 63 -4.80 41.27 -73.35
C PHE H 63 -5.10 42.76 -73.41
N THR H 64 -4.29 43.54 -72.69
CA THR H 64 -4.38 44.99 -72.78
C THR H 64 -3.55 45.42 -73.99
N VAL H 65 -2.84 44.45 -74.56
CA VAL H 65 -2.01 44.64 -75.73
C VAL H 65 -2.83 44.29 -76.97
N PRO H 66 -3.00 45.22 -77.92
CA PRO H 66 -3.85 45.09 -79.10
C PRO H 66 -3.26 44.21 -80.18
N ASP H 67 -2.70 43.08 -79.76
CA ASP H 67 -2.12 42.07 -80.64
C ASP H 67 -1.59 40.92 -79.78
N ALA H 68 -2.18 40.77 -78.59
CA ALA H 68 -1.73 39.76 -77.63
C ALA H 68 -1.73 38.36 -78.22
N ASP H 69 -2.68 38.06 -79.09
CA ASP H 69 -2.75 36.73 -79.67
C ASP H 69 -1.56 36.49 -80.59
N THR H 70 -1.19 37.52 -81.33
CA THR H 70 -0.02 37.47 -82.19
C THR H 70 1.24 37.29 -81.37
N VAL H 71 1.33 37.99 -80.25
CA VAL H 71 2.50 37.91 -79.39
C VAL H 71 2.69 36.49 -78.88
N ILE H 72 1.61 35.88 -78.41
CA ILE H 72 1.68 34.53 -77.87
C ILE H 72 2.15 33.54 -78.94
N LYS H 73 1.58 33.65 -80.14
CA LYS H 73 1.95 32.75 -81.22
C LYS H 73 3.40 32.93 -81.66
N GLU H 74 3.82 34.17 -81.84
CA GLU H 74 5.15 34.44 -82.38
C GLU H 74 6.27 34.06 -81.41
N LEU H 75 6.00 34.14 -80.12
CA LEU H 75 7.00 33.82 -79.11
C LEU H 75 7.11 32.33 -78.82
N SER H 76 6.33 31.52 -79.54
CA SER H 76 6.30 30.08 -79.29
C SER H 76 7.66 29.44 -79.50
N PHE H 77 8.53 30.11 -80.26
CA PHE H 77 9.87 29.58 -80.54
C PHE H 77 10.70 29.48 -79.26
N LEU H 78 10.31 30.25 -78.24
CA LEU H 78 11.05 30.25 -76.98
C LEU H 78 10.70 29.04 -76.13
N LYS H 79 9.61 28.36 -76.47
CA LYS H 79 9.19 27.21 -75.68
C LYS H 79 10.27 26.14 -75.65
N GLU H 80 10.98 26.00 -76.77
CA GLU H 80 12.02 25.01 -76.90
C GLU H 80 13.23 25.37 -76.05
N MET H 81 13.29 26.63 -75.61
CA MET H 81 14.39 27.11 -74.80
C MET H 81 14.06 27.04 -73.31
N GLY H 82 12.87 26.51 -73.01
CA GLY H 82 12.42 26.38 -71.62
C GLY H 82 11.48 27.50 -71.19
N ALA H 83 11.07 28.35 -72.13
CA ALA H 83 10.12 29.42 -71.80
C ALA H 83 8.72 28.86 -71.63
N ILE H 84 7.97 29.45 -70.72
CA ILE H 84 6.59 29.08 -70.48
C ILE H 84 5.67 30.26 -70.76
N ILE H 85 4.83 30.14 -71.77
CA ILE H 85 4.01 31.27 -72.20
C ILE H 85 2.53 31.06 -71.92
N GLY H 86 1.95 32.00 -71.18
CA GLY H 86 0.52 31.97 -70.89
C GLY H 86 -0.12 33.32 -71.21
N ALA H 87 -1.37 33.49 -70.80
CA ALA H 87 -2.09 34.73 -71.07
C ALA H 87 -2.76 35.25 -69.81
N GLY H 88 -2.77 36.57 -69.66
CA GLY H 88 -3.36 37.20 -68.49
C GLY H 88 -4.54 38.10 -68.83
N THR H 89 -5.06 38.76 -67.82
CA THR H 89 -6.20 39.67 -67.93
C THR H 89 -7.25 39.15 -68.91
N VAL H 90 -7.64 37.89 -68.73
CA VAL H 90 -8.73 37.35 -69.53
C VAL H 90 -10.06 37.54 -68.81
N THR H 91 -10.98 38.24 -69.46
CA THR H 91 -12.25 38.59 -68.83
C THR H 91 -13.46 37.97 -69.53
N SER H 92 -13.23 37.03 -70.43
CA SER H 92 -14.32 36.34 -71.10
C SER H 92 -13.91 34.97 -71.58
N VAL H 93 -14.91 34.12 -71.85
CA VAL H 93 -14.66 32.79 -72.37
C VAL H 93 -14.16 32.86 -73.81
N GLU H 94 -14.73 33.76 -74.60
CA GLU H 94 -14.34 33.89 -75.99
C GLU H 94 -12.90 34.34 -76.10
N GLN H 95 -12.50 35.28 -75.24
CA GLN H 95 -11.13 35.77 -75.21
C GLN H 95 -10.20 34.65 -74.77
N CYS H 96 -10.64 33.86 -73.80
CA CYS H 96 -9.88 32.71 -73.35
C CYS H 96 -9.66 31.74 -74.50
N ARG H 97 -10.73 31.44 -75.22
CA ARG H 97 -10.64 30.51 -76.34
C ARG H 97 -9.52 30.90 -77.29
N GLU H 98 -9.44 32.19 -77.61
CA GLU H 98 -8.39 32.66 -78.50
C GLU H 98 -7.01 32.46 -77.88
N ALA H 99 -6.89 32.71 -76.58
CA ALA H 99 -5.62 32.54 -75.90
C ALA H 99 -5.16 31.08 -75.95
N VAL H 100 -6.11 30.17 -75.79
CA VAL H 100 -5.82 28.75 -75.81
C VAL H 100 -5.37 28.32 -77.21
N GLU H 101 -6.09 28.78 -78.22
CA GLU H 101 -5.77 28.47 -79.62
C GLU H 101 -4.40 29.02 -80.00
N SER H 102 -4.05 30.17 -79.42
CA SER H 102 -2.77 30.82 -79.70
C SER H 102 -1.60 30.05 -79.10
N GLY H 103 -1.87 29.07 -78.25
CA GLY H 103 -0.82 28.27 -77.67
C GLY H 103 -0.51 28.62 -76.21
N ALA H 104 -1.39 29.37 -75.55
CA ALA H 104 -1.17 29.69 -74.15
C ALA H 104 -1.27 28.42 -73.31
N GLU H 105 -0.34 28.23 -72.39
CA GLU H 105 -0.37 27.07 -71.51
C GLU H 105 -1.25 27.29 -70.29
N PHE H 106 -1.36 28.53 -69.86
CA PHE H 106 -2.17 28.84 -68.70
C PHE H 106 -2.92 30.15 -68.88
N ILE H 107 -4.06 30.26 -68.21
CA ILE H 107 -4.91 31.44 -68.26
C ILE H 107 -5.05 32.08 -66.89
N VAL H 108 -4.84 33.39 -66.82
CA VAL H 108 -4.94 34.09 -65.55
C VAL H 108 -5.96 35.23 -65.61
N SER H 109 -6.80 35.30 -64.58
CA SER H 109 -7.79 36.37 -64.48
C SER H 109 -7.61 37.14 -63.17
N PRO H 110 -7.94 38.43 -63.15
CA PRO H 110 -7.91 39.33 -62.00
C PRO H 110 -9.02 39.03 -61.01
N HIS H 111 -9.99 38.23 -61.43
CA HIS H 111 -11.16 37.95 -60.62
C HIS H 111 -11.51 36.47 -60.67
N LEU H 112 -12.51 36.07 -59.90
CA LEU H 112 -12.98 34.69 -59.89
C LEU H 112 -14.12 34.54 -60.90
N ASP H 113 -13.96 33.62 -61.84
CA ASP H 113 -14.89 33.50 -62.95
C ASP H 113 -15.21 32.04 -63.26
N GLU H 114 -16.44 31.65 -62.97
CA GLU H 114 -16.87 30.26 -63.13
C GLU H 114 -16.94 29.83 -64.58
N GLU H 115 -17.41 30.72 -65.45
CA GLU H 115 -17.57 30.37 -66.86
C GLU H 115 -16.23 30.10 -67.52
N ILE H 116 -15.22 30.91 -67.20
CA ILE H 116 -13.89 30.69 -67.73
C ILE H 116 -13.30 29.43 -67.16
N SER H 117 -13.47 29.23 -65.86
CA SER H 117 -12.92 28.05 -65.20
C SER H 117 -13.44 26.76 -65.83
N GLN H 118 -14.74 26.70 -66.08
CA GLN H 118 -15.32 25.51 -66.67
C GLN H 118 -14.79 25.27 -68.07
N PHE H 119 -14.66 26.33 -68.85
CA PHE H 119 -14.11 26.21 -70.20
C PHE H 119 -12.68 25.68 -70.15
N CYS H 120 -11.86 26.30 -69.32
CA CYS H 120 -10.46 25.91 -69.22
C CYS H 120 -10.32 24.46 -68.76
N LYS H 121 -11.17 24.07 -67.81
CA LYS H 121 -11.12 22.71 -67.29
C LYS H 121 -11.38 21.70 -68.39
N GLU H 122 -12.41 21.96 -69.19
CA GLU H 122 -12.77 21.05 -70.27
C GLU H 122 -11.67 20.93 -71.31
N GLU H 123 -10.95 22.03 -71.54
CA GLU H 123 -9.90 22.07 -72.54
C GLU H 123 -8.55 21.58 -71.99
N GLY H 124 -8.51 21.25 -70.71
CA GLY H 124 -7.27 20.79 -70.08
C GLY H 124 -6.26 21.91 -69.88
N VAL H 125 -6.76 23.13 -69.69
CA VAL H 125 -5.90 24.30 -69.55
C VAL H 125 -5.85 24.78 -68.10
N PHE H 126 -4.65 24.99 -67.59
CA PHE H 126 -4.50 25.47 -66.22
C PHE H 126 -5.07 26.88 -66.08
N TYR H 127 -5.94 27.07 -65.11
CA TYR H 127 -6.56 28.37 -64.90
C TYR H 127 -6.37 28.85 -63.47
N MET H 128 -5.90 30.08 -63.33
CA MET H 128 -5.67 30.67 -62.02
C MET H 128 -6.50 31.96 -61.85
N PRO H 129 -7.62 31.91 -61.11
CA PRO H 129 -8.54 32.99 -60.85
C PRO H 129 -7.97 33.96 -59.84
N GLY H 130 -8.45 35.19 -59.86
CA GLY H 130 -8.06 36.18 -58.87
C GLY H 130 -9.01 36.23 -57.69
N VAL H 131 -8.46 36.43 -56.50
CA VAL H 131 -9.25 36.58 -55.28
C VAL H 131 -8.74 37.74 -54.42
N MET H 132 -9.58 38.19 -53.49
CA MET H 132 -9.17 39.23 -52.55
C MET H 132 -9.75 39.03 -51.15
N THR H 133 -10.89 38.33 -51.06
CA THR H 133 -11.56 38.18 -49.77
C THR H 133 -11.81 36.70 -49.45
N PRO H 134 -11.91 36.33 -48.16
CA PRO H 134 -12.13 34.99 -47.64
C PRO H 134 -13.30 34.26 -48.30
N THR H 135 -14.35 34.99 -48.67
CA THR H 135 -15.50 34.36 -49.28
C THR H 135 -15.19 33.92 -50.70
N GLU H 136 -14.28 34.62 -51.35
CA GLU H 136 -13.88 34.30 -52.71
C GLU H 136 -12.93 33.12 -52.69
N LEU H 137 -12.10 33.07 -51.66
CA LEU H 137 -11.17 31.97 -51.50
C LEU H 137 -11.96 30.69 -51.31
N TYR H 138 -13.04 30.79 -50.55
CA TYR H 138 -13.92 29.66 -50.31
C TYR H 138 -14.63 29.20 -51.58
N LYS H 139 -15.21 30.14 -52.32
CA LYS H 139 -15.91 29.78 -53.55
C LYS H 139 -14.99 29.08 -54.53
N ALA H 140 -13.74 29.52 -54.59
CA ALA H 140 -12.76 28.96 -55.51
C ALA H 140 -12.46 27.49 -55.19
N MET H 141 -12.79 27.06 -53.98
CA MET H 141 -12.52 25.68 -53.59
C MET H 141 -13.51 24.74 -54.24
N LYS H 142 -14.70 25.26 -54.55
CA LYS H 142 -15.77 24.46 -55.13
C LYS H 142 -15.44 24.11 -56.57
N LEU H 143 -14.50 24.85 -57.14
CA LEU H 143 -14.09 24.63 -58.52
C LEU H 143 -12.85 23.76 -58.57
N GLY H 144 -12.33 23.40 -57.39
CA GLY H 144 -11.16 22.54 -57.28
C GLY H 144 -9.83 23.29 -57.44
N HIS H 145 -9.81 24.59 -57.16
CA HIS H 145 -8.56 25.34 -57.30
C HIS H 145 -7.69 25.19 -56.06
N THR H 146 -6.39 25.08 -56.27
CA THR H 146 -5.45 25.00 -55.16
C THR H 146 -4.48 26.17 -55.14
N ILE H 147 -4.36 26.85 -56.28
CA ILE H 147 -3.50 28.03 -56.39
C ILE H 147 -4.34 29.23 -56.77
N LEU H 148 -4.26 30.29 -55.98
CA LEU H 148 -5.04 31.49 -56.24
C LEU H 148 -4.15 32.70 -56.44
N LYS H 149 -4.58 33.61 -57.31
CA LYS H 149 -3.88 34.87 -57.52
C LYS H 149 -4.43 35.95 -56.59
N LEU H 150 -3.54 36.56 -55.81
CA LEU H 150 -3.98 37.58 -54.86
C LEU H 150 -3.75 38.97 -55.44
N PHE H 151 -4.83 39.70 -55.65
CA PHE H 151 -4.74 40.97 -56.37
C PHE H 151 -5.79 41.98 -55.94
N PRO H 152 -5.39 43.25 -55.78
CA PRO H 152 -4.03 43.78 -55.73
C PRO H 152 -3.32 43.36 -54.44
N GLY H 153 -2.07 42.92 -54.58
CA GLY H 153 -1.30 42.46 -53.43
C GLY H 153 -1.02 43.59 -52.43
N GLU H 154 -0.83 44.79 -52.95
CA GLU H 154 -0.44 45.94 -52.14
C GLU H 154 -1.55 46.41 -51.19
N VAL H 155 -2.78 45.98 -51.44
CA VAL H 155 -3.90 46.42 -50.63
C VAL H 155 -3.97 45.68 -49.30
N VAL H 156 -3.77 44.36 -49.35
CA VAL H 156 -3.88 43.55 -48.15
C VAL H 156 -2.51 43.22 -47.56
N GLY H 157 -1.53 43.00 -48.43
CA GLY H 157 -0.16 42.70 -48.00
C GLY H 157 -0.01 41.25 -47.54
N PRO H 158 1.21 40.85 -47.18
CA PRO H 158 1.65 39.51 -46.78
C PRO H 158 0.86 38.95 -45.61
N GLN H 159 0.29 39.84 -44.81
CA GLN H 159 -0.45 39.43 -43.62
C GLN H 159 -1.72 38.67 -44.00
N PHE H 160 -2.21 38.90 -45.20
CA PHE H 160 -3.40 38.20 -45.67
C PHE H 160 -3.08 36.75 -45.92
N VAL H 161 -1.94 36.51 -46.56
CA VAL H 161 -1.53 35.16 -46.89
C VAL H 161 -1.36 34.35 -45.62
N GLU H 162 -0.75 34.96 -44.61
CA GLU H 162 -0.56 34.29 -43.32
C GLU H 162 -1.89 34.04 -42.63
N ALA H 163 -2.77 35.04 -42.68
CA ALA H 163 -4.07 34.96 -42.01
C ALA H 163 -4.92 33.82 -42.55
N MET H 164 -4.78 33.54 -43.84
CA MET H 164 -5.62 32.54 -44.48
C MET H 164 -5.10 31.11 -44.32
N LYS H 165 -3.95 30.95 -43.67
CA LYS H 165 -3.38 29.62 -43.49
C LYS H 165 -4.26 28.77 -42.59
N GLY H 166 -4.94 29.42 -41.65
CA GLY H 166 -5.83 28.74 -40.72
C GLY H 166 -6.98 28.02 -41.44
N PRO H 167 -7.94 28.77 -41.99
CA PRO H 167 -9.10 28.29 -42.73
C PRO H 167 -8.76 27.65 -44.07
N PHE H 168 -7.61 27.98 -44.63
CA PHE H 168 -7.22 27.43 -45.92
C PHE H 168 -5.79 26.87 -45.92
N PRO H 169 -5.55 25.80 -45.17
CA PRO H 169 -4.25 25.20 -44.91
C PRO H 169 -3.67 24.55 -46.14
N ASN H 170 -4.51 24.33 -47.14
CA ASN H 170 -4.12 23.64 -48.37
C ASN H 170 -4.19 24.55 -49.59
N VAL H 171 -4.18 25.86 -49.37
CA VAL H 171 -4.24 26.79 -50.48
C VAL H 171 -2.96 27.62 -50.59
N LYS H 172 -2.40 27.65 -51.80
CA LYS H 172 -1.20 28.41 -52.06
C LYS H 172 -1.52 29.67 -52.86
N PHE H 173 -0.75 30.71 -52.64
CA PHE H 173 -1.03 31.99 -53.28
C PHE H 173 0.12 32.49 -54.14
N VAL H 174 -0.26 33.25 -55.17
CA VAL H 174 0.67 34.01 -55.99
C VAL H 174 0.26 35.48 -56.03
N PRO H 175 0.76 36.31 -55.11
CA PRO H 175 0.53 37.73 -55.01
C PRO H 175 1.04 38.43 -56.26
N THR H 176 0.25 39.35 -56.78
CA THR H 176 0.65 40.15 -57.93
C THR H 176 0.45 41.62 -57.64
N GLY H 177 1.48 42.40 -57.89
CA GLY H 177 1.44 43.83 -57.62
C GLY H 177 1.93 44.08 -56.21
N GLY H 178 2.55 45.23 -55.98
CA GLY H 178 3.06 45.53 -54.65
C GLY H 178 4.37 44.78 -54.42
N VAL H 179 4.92 44.23 -55.49
CA VAL H 179 6.14 43.44 -55.40
C VAL H 179 7.27 44.15 -56.10
N ASN H 180 8.34 44.39 -55.35
CA ASN H 180 9.52 45.07 -55.87
C ASN H 180 10.77 44.59 -55.16
N LEU H 181 11.92 45.13 -55.53
CA LEU H 181 13.19 44.62 -54.99
C LEU H 181 13.37 44.95 -53.52
N ASP H 182 12.50 45.78 -52.96
CA ASP H 182 12.62 46.14 -51.55
C ASP H 182 11.73 45.27 -50.66
N ASN H 183 11.00 44.33 -51.26
CA ASN H 183 10.14 43.45 -50.47
C ASN H 183 9.93 42.08 -51.13
N VAL H 184 10.50 41.87 -52.31
CA VAL H 184 10.23 40.64 -53.05
C VAL H 184 10.64 39.37 -52.31
N CYS H 185 11.71 39.44 -51.51
CA CYS H 185 12.20 38.30 -50.73
C CYS H 185 11.32 38.08 -49.52
N GLU H 186 11.00 39.17 -48.84
CA GLU H 186 10.21 39.16 -47.61
C GLU H 186 8.81 38.62 -47.85
N TRP H 187 8.26 38.90 -49.03
CA TRP H 187 6.94 38.37 -49.39
C TRP H 187 6.85 36.87 -49.16
N PHE H 188 7.95 36.16 -49.42
CA PHE H 188 7.94 34.70 -49.37
C PHE H 188 7.87 34.16 -47.95
N GLU H 189 8.15 35.01 -46.97
CA GLU H 189 8.12 34.60 -45.57
C GLU H 189 6.70 34.27 -45.14
N ALA H 190 5.72 34.74 -45.91
CA ALA H 190 4.32 34.52 -45.60
C ALA H 190 3.86 33.13 -46.06
N GLY H 191 4.74 32.41 -46.75
CA GLY H 191 4.38 31.11 -47.29
C GLY H 191 3.82 31.25 -48.69
N VAL H 192 4.56 31.96 -49.53
CA VAL H 192 4.15 32.26 -50.91
C VAL H 192 4.79 31.29 -51.90
N LEU H 193 4.03 30.89 -52.91
CA LEU H 193 4.51 29.98 -53.95
C LEU H 193 5.39 30.71 -54.95
N ALA H 194 4.90 31.83 -55.43
CA ALA H 194 5.58 32.64 -56.44
C ALA H 194 5.06 34.06 -56.37
N VAL H 195 5.80 35.00 -56.94
CA VAL H 195 5.31 36.37 -57.00
C VAL H 195 5.20 36.89 -58.43
N GLY H 196 4.13 37.64 -58.69
CA GLY H 196 3.93 38.27 -59.99
C GLY H 196 4.44 39.71 -59.95
N VAL H 197 5.34 40.04 -60.86
CA VAL H 197 5.94 41.36 -60.86
C VAL H 197 5.56 42.13 -62.12
N GLY H 198 5.10 43.36 -61.94
CA GLY H 198 4.66 44.21 -63.04
C GLY H 198 5.76 45.14 -63.51
N SER H 199 5.48 46.44 -63.52
CA SER H 199 6.38 47.45 -64.09
C SER H 199 7.72 47.53 -63.36
N ALA H 200 7.79 46.95 -62.16
CA ALA H 200 9.05 46.92 -61.42
C ALA H 200 10.05 46.03 -62.15
N LEU H 201 9.53 45.09 -62.93
CA LEU H 201 10.35 44.15 -63.70
C LEU H 201 10.32 44.48 -65.19
N VAL H 202 9.12 44.73 -65.70
CA VAL H 202 8.97 44.98 -67.13
C VAL H 202 8.69 46.44 -67.41
N GLU H 203 9.76 47.18 -67.71
CA GLU H 203 9.71 48.61 -67.98
C GLU H 203 11.11 49.11 -68.33
N GLY H 204 11.19 50.12 -69.18
CA GLY H 204 12.46 50.67 -69.61
C GLY H 204 12.97 49.97 -70.86
N THR H 205 14.26 50.10 -71.14
CA THR H 205 14.85 49.56 -72.36
C THR H 205 15.04 48.06 -72.20
N PRO H 206 15.16 47.30 -73.30
CA PRO H 206 15.45 45.88 -73.34
C PRO H 206 16.64 45.53 -72.45
N VAL H 207 17.64 46.41 -72.43
CA VAL H 207 18.81 46.19 -71.59
C VAL H 207 18.45 46.33 -70.12
N GLU H 208 17.76 47.41 -69.79
CA GLU H 208 17.35 47.66 -68.41
C GLU H 208 16.44 46.56 -67.89
N VAL H 209 15.55 46.07 -68.74
CA VAL H 209 14.62 45.03 -68.34
C VAL H 209 15.36 43.75 -68.00
N ALA H 210 16.31 43.36 -68.85
CA ALA H 210 17.08 42.16 -68.58
C ALA H 210 17.85 42.27 -67.27
N GLU H 211 18.41 43.44 -67.00
CA GLU H 211 19.17 43.66 -65.78
C GLU H 211 18.27 43.56 -64.55
N LYS H 212 17.08 44.14 -64.64
CA LYS H 212 16.13 44.08 -63.54
C LYS H 212 15.74 42.63 -63.26
N ALA H 213 15.52 41.88 -64.33
CA ALA H 213 15.13 40.48 -64.20
C ALA H 213 16.17 39.69 -63.44
N LYS H 214 17.44 39.96 -63.73
CA LYS H 214 18.51 39.26 -63.02
C LYS H 214 18.50 39.63 -61.55
N ALA H 215 18.31 40.91 -61.25
CA ALA H 215 18.30 41.37 -59.86
C ALA H 215 17.19 40.70 -59.07
N PHE H 216 16.02 40.53 -59.69
CA PHE H 216 14.90 39.91 -59.00
C PHE H 216 15.17 38.45 -58.67
N VAL H 217 15.69 37.71 -59.63
CA VAL H 217 15.96 36.30 -59.41
C VAL H 217 17.02 36.12 -58.34
N GLU H 218 18.07 36.91 -58.40
CA GLU H 218 19.18 36.82 -57.47
C GLU H 218 18.75 37.09 -56.03
N LYS H 219 17.86 38.06 -55.83
CA LYS H 219 17.42 38.38 -54.49
C LYS H 219 16.40 37.41 -53.95
N ILE H 220 15.54 36.88 -54.83
CA ILE H 220 14.54 35.90 -54.39
C ILE H 220 15.23 34.66 -53.83
N GLU H 221 16.30 34.24 -54.48
CA GLU H 221 17.04 33.07 -54.03
C GLU H 221 17.82 33.40 -52.76
N GLY H 222 17.12 33.32 -51.64
CA GLY H 222 17.66 33.71 -50.34
C GLY H 222 16.62 33.63 -49.21
N CYS H 223 15.35 33.95 -49.53
CA CYS H 223 14.25 33.84 -48.56
C CYS H 223 12.91 34.01 -49.27
N LYS I 2 -29.84 33.65 -25.55
CA LYS I 2 -29.92 35.05 -25.96
C LYS I 2 -28.79 35.41 -26.93
N MET I 3 -27.54 35.21 -26.48
CA MET I 3 -26.31 35.49 -27.24
C MET I 3 -26.07 36.98 -27.47
N GLU I 4 -27.02 37.65 -28.11
CA GLU I 4 -26.83 39.06 -28.42
C GLU I 4 -26.54 39.85 -27.15
N GLU I 5 -27.23 39.50 -26.07
CA GLU I 5 -27.03 40.16 -24.80
C GLU I 5 -25.73 39.72 -24.15
N LEU I 6 -25.36 38.46 -24.36
CA LEU I 6 -24.16 37.92 -23.73
C LEU I 6 -22.92 38.59 -24.29
N PHE I 7 -22.92 38.85 -25.60
CA PHE I 7 -21.80 39.53 -26.21
C PHE I 7 -21.66 40.92 -25.61
N LYS I 8 -22.79 41.62 -25.50
CA LYS I 8 -22.81 42.96 -24.94
C LYS I 8 -22.26 42.99 -23.51
N GLU I 9 -22.60 41.97 -22.72
CA GLU I 9 -22.20 41.92 -21.32
C GLU I 9 -20.72 41.59 -21.12
N HIS I 10 -20.21 40.61 -21.88
CA HIS I 10 -18.84 40.15 -21.67
C HIS I 10 -17.83 40.92 -22.52
N LYS I 11 -18.21 41.24 -23.75
CA LYS I 11 -17.39 42.04 -24.66
C LYS I 11 -16.09 41.36 -25.10
N ILE I 12 -15.89 40.11 -24.74
CA ILE I 12 -14.68 39.42 -25.17
C ILE I 12 -14.93 37.95 -25.47
N VAL I 13 -14.33 37.48 -26.56
CA VAL I 13 -14.43 36.06 -26.91
C VAL I 13 -13.05 35.46 -27.13
N ALA I 14 -12.78 34.35 -26.46
CA ALA I 14 -11.52 33.65 -26.63
C ALA I 14 -11.68 32.52 -27.62
N VAL I 15 -10.68 32.33 -28.47
CA VAL I 15 -10.71 31.24 -29.44
C VAL I 15 -9.61 30.25 -29.13
N LEU I 16 -10.00 29.01 -28.89
CA LEU I 16 -9.03 28.01 -28.46
C LEU I 16 -8.65 27.02 -29.55
N ARG I 17 -7.37 26.71 -29.60
CA ARG I 17 -6.81 25.68 -30.46
C ARG I 17 -5.78 24.88 -29.69
N ALA I 18 -5.63 23.60 -30.01
CA ALA I 18 -4.69 22.75 -29.29
C ALA I 18 -4.28 21.56 -30.14
N ASN I 19 -3.18 20.92 -29.76
CA ASN I 19 -2.73 19.71 -30.43
C ASN I 19 -3.22 18.47 -29.70
N SER I 20 -4.00 18.67 -28.65
CA SER I 20 -4.56 17.59 -27.86
C SER I 20 -5.79 18.07 -27.10
N VAL I 21 -6.59 17.13 -26.62
CA VAL I 21 -7.75 17.51 -25.82
C VAL I 21 -7.31 18.04 -24.47
N GLU I 22 -6.38 17.33 -23.83
CA GLU I 22 -5.93 17.73 -22.50
C GLU I 22 -5.38 19.14 -22.50
N GLU I 23 -4.66 19.50 -23.56
CA GLU I 23 -4.14 20.84 -23.70
C GLU I 23 -5.29 21.84 -23.79
N ALA I 24 -6.28 21.52 -24.62
CA ALA I 24 -7.44 22.39 -24.82
C ALA I 24 -8.18 22.62 -23.50
N ILE I 25 -8.28 21.59 -22.69
CA ILE I 25 -9.04 21.70 -21.45
C ILE I 25 -8.31 22.58 -20.46
N SER I 26 -6.99 22.39 -20.35
CA SER I 26 -6.19 23.17 -19.44
C SER I 26 -6.25 24.65 -19.78
N LYS I 27 -6.20 24.96 -21.07
CA LYS I 27 -6.28 26.34 -21.50
C LYS I 27 -7.67 26.91 -21.31
N ALA I 28 -8.70 26.12 -21.62
CA ALA I 28 -10.07 26.59 -21.49
C ALA I 28 -10.38 26.94 -20.06
N LEU I 29 -9.86 26.14 -19.14
CA LEU I 29 -10.10 26.38 -17.72
C LEU I 29 -9.40 27.66 -17.27
N ALA I 30 -8.16 27.84 -17.70
CA ALA I 30 -7.42 29.05 -17.34
C ALA I 30 -8.12 30.30 -17.86
N VAL I 31 -8.66 30.21 -19.07
CA VAL I 31 -9.36 31.33 -19.68
C VAL I 31 -10.63 31.66 -18.91
N PHE I 32 -11.38 30.63 -18.55
CA PHE I 32 -12.61 30.82 -17.77
C PHE I 32 -12.28 31.41 -16.40
N ALA I 33 -11.26 30.87 -15.76
CA ALA I 33 -10.84 31.34 -14.45
C ALA I 33 -10.48 32.82 -14.50
N GLY I 34 -9.92 33.24 -15.63
CA GLY I 34 -9.49 34.62 -15.82
C GLY I 34 -10.65 35.60 -15.99
N GLY I 35 -11.87 35.07 -16.12
CA GLY I 35 -13.04 35.93 -16.23
C GLY I 35 -13.63 36.00 -17.63
N VAL I 36 -13.22 35.11 -18.52
CA VAL I 36 -13.78 35.09 -19.86
C VAL I 36 -14.78 33.95 -20.02
N HIS I 37 -16.05 34.31 -20.19
CA HIS I 37 -17.12 33.32 -20.22
C HIS I 37 -17.49 32.87 -21.63
N LEU I 38 -17.06 33.62 -22.64
CA LEU I 38 -17.40 33.27 -24.01
C LEU I 38 -16.23 32.56 -24.69
N ILE I 39 -16.43 31.28 -24.97
CA ILE I 39 -15.36 30.44 -25.51
C ILE I 39 -15.74 29.80 -26.84
N GLU I 40 -14.88 29.98 -27.82
CA GLU I 40 -15.06 29.38 -29.15
C GLU I 40 -14.03 28.28 -29.38
N ILE I 41 -14.50 27.09 -29.68
CA ILE I 41 -13.61 25.95 -29.91
C ILE I 41 -13.45 25.68 -31.39
N THR I 42 -12.26 25.86 -31.92
CA THR I 42 -12.07 25.65 -33.35
C THR I 42 -12.45 24.22 -33.70
N PHE I 43 -13.29 24.06 -34.71
CA PHE I 43 -13.84 22.75 -35.04
C PHE I 43 -13.11 22.10 -36.22
N THR I 44 -12.05 22.74 -36.68
CA THR I 44 -11.26 22.24 -37.80
C THR I 44 -10.00 21.56 -37.29
N VAL I 45 -9.86 21.50 -35.98
CA VAL I 45 -8.71 20.89 -35.33
C VAL I 45 -8.81 19.37 -35.42
N PRO I 46 -7.73 18.65 -35.15
CA PRO I 46 -7.68 17.21 -34.94
C PRO I 46 -8.65 16.83 -33.85
N ASP I 47 -9.32 15.69 -34.02
CA ASP I 47 -10.33 15.19 -33.09
C ASP I 47 -11.57 16.05 -33.11
N ALA I 48 -11.44 17.29 -32.62
CA ALA I 48 -12.51 18.29 -32.62
C ALA I 48 -13.68 17.88 -31.72
N ASP I 49 -14.41 16.84 -32.12
CA ASP I 49 -15.58 16.39 -31.40
C ASP I 49 -15.21 15.56 -30.19
N GLN I 50 -14.57 16.23 -29.23
CA GLN I 50 -14.19 15.65 -27.96
C GLN I 50 -14.12 16.77 -26.94
N VAL I 51 -13.68 17.94 -27.41
CA VAL I 51 -13.41 19.06 -26.52
C VAL I 51 -14.71 19.69 -26.03
N ILE I 52 -15.67 19.85 -26.93
CA ILE I 52 -16.93 20.47 -26.55
C ILE I 52 -17.62 19.65 -25.47
N LYS I 53 -17.62 18.33 -25.63
CA LYS I 53 -18.22 17.44 -24.65
C LYS I 53 -17.48 17.49 -23.32
N GLU I 54 -16.16 17.47 -23.39
CA GLU I 54 -15.34 17.45 -22.19
C GLU I 54 -15.49 18.73 -21.38
N LEU I 55 -15.71 19.85 -22.06
CA LEU I 55 -15.87 21.14 -21.39
C LEU I 55 -17.29 21.38 -20.89
N GLU I 56 -18.16 20.38 -21.02
CA GLU I 56 -19.54 20.51 -20.58
C GLU I 56 -19.64 21.05 -19.16
N PHE I 57 -18.72 20.62 -18.30
CA PHE I 57 -18.74 21.00 -16.89
C PHE I 57 -18.66 22.51 -16.67
N LEU I 58 -18.14 23.25 -17.66
CA LEU I 58 -18.02 24.69 -17.53
C LEU I 58 -19.35 25.39 -17.76
N LYS I 59 -20.26 24.74 -18.49
CA LYS I 59 -21.53 25.37 -18.83
C LYS I 59 -22.31 25.66 -17.56
N GLU I 60 -22.17 24.78 -16.56
CA GLU I 60 -22.86 24.94 -15.29
C GLU I 60 -22.32 26.14 -14.52
N ALA I 61 -21.12 26.58 -14.88
CA ALA I 61 -20.46 27.70 -14.22
C ALA I 61 -20.80 29.01 -14.90
N GLY I 62 -21.59 28.95 -15.96
CA GLY I 62 -21.97 30.15 -16.70
C GLY I 62 -21.16 30.34 -17.98
N ALA I 63 -20.39 29.33 -18.37
CA ALA I 63 -19.63 29.40 -19.62
C ALA I 63 -20.53 29.14 -20.81
N ILE I 64 -20.24 29.80 -21.92
CA ILE I 64 -20.96 29.57 -23.17
C ILE I 64 -19.99 29.10 -24.23
N ILE I 65 -20.20 27.89 -24.75
CA ILE I 65 -19.24 27.28 -25.65
C ILE I 65 -19.79 26.99 -27.03
N GLY I 66 -19.11 27.51 -28.06
CA GLY I 66 -19.54 27.29 -29.44
C GLY I 66 -18.43 26.67 -30.29
N ALA I 67 -18.68 26.57 -31.58
CA ALA I 67 -17.73 25.95 -32.52
C ALA I 67 -17.20 26.97 -33.52
N GLY I 68 -15.88 27.09 -33.60
CA GLY I 68 -15.24 28.07 -34.45
C GLY I 68 -14.84 27.52 -35.81
N THR I 69 -14.68 28.43 -36.78
CA THR I 69 -14.20 28.12 -38.12
C THR I 69 -14.96 26.95 -38.73
N VAL I 70 -16.28 26.97 -38.62
CA VAL I 70 -17.10 25.96 -39.24
C VAL I 70 -17.48 26.40 -40.64
N THR I 71 -17.16 25.58 -41.64
CA THR I 71 -17.35 25.98 -43.02
C THR I 71 -18.43 25.19 -43.74
N SER I 72 -18.70 23.98 -43.27
CA SER I 72 -19.65 23.12 -43.96
C SER I 72 -20.87 22.83 -43.10
N VAL I 73 -21.94 22.41 -43.75
CA VAL I 73 -23.16 22.01 -43.05
C VAL I 73 -22.92 20.76 -42.23
N GLU I 74 -22.11 19.83 -42.76
CA GLU I 74 -21.83 18.59 -42.06
C GLU I 74 -21.10 18.89 -40.75
N GLN I 75 -20.17 19.83 -40.78
CA GLN I 75 -19.47 20.24 -39.58
C GLN I 75 -20.44 20.91 -38.61
N CYS I 76 -21.38 21.69 -39.14
CA CYS I 76 -22.37 22.35 -38.31
C CYS I 76 -23.22 21.30 -37.60
N ARG I 77 -23.61 20.26 -38.34
CA ARG I 77 -24.41 19.20 -37.76
C ARG I 77 -23.67 18.51 -36.62
N GLU I 78 -22.40 18.24 -36.84
CA GLU I 78 -21.59 17.59 -35.81
C GLU I 78 -21.43 18.51 -34.60
N ALA I 79 -21.20 19.79 -34.86
CA ALA I 79 -21.02 20.75 -33.78
C ALA I 79 -22.28 20.88 -32.94
N VAL I 80 -23.44 20.86 -33.60
CA VAL I 80 -24.72 20.93 -32.88
C VAL I 80 -24.93 19.67 -32.05
N GLU I 81 -24.63 18.50 -32.62
CA GLU I 81 -24.74 17.24 -31.89
C GLU I 81 -23.79 17.23 -30.69
N SER I 82 -22.64 17.88 -30.85
CA SER I 82 -21.64 17.98 -29.81
C SER I 82 -22.13 18.83 -28.64
N GLY I 83 -23.22 19.57 -28.84
CA GLY I 83 -23.76 20.44 -27.81
C GLY I 83 -23.27 21.88 -27.94
N ALA I 84 -22.78 22.26 -29.12
CA ALA I 84 -22.34 23.64 -29.33
C ALA I 84 -23.51 24.59 -29.16
N GLU I 85 -23.28 25.71 -28.50
CA GLU I 85 -24.34 26.69 -28.27
C GLU I 85 -24.45 27.68 -29.42
N PHE I 86 -23.35 27.88 -30.13
CA PHE I 86 -23.35 28.76 -31.28
C PHE I 86 -22.31 28.33 -32.31
N ILE I 87 -22.54 28.73 -33.55
CA ILE I 87 -21.65 28.39 -34.67
C ILE I 87 -21.09 29.66 -35.30
N VAL I 88 -19.78 29.68 -35.53
CA VAL I 88 -19.15 30.83 -36.15
C VAL I 88 -18.35 30.44 -37.38
N SER I 89 -18.55 31.17 -38.47
CA SER I 89 -17.80 30.93 -39.70
C SER I 89 -17.03 32.17 -40.13
N PHE I 90 -16.38 31.98 -41.28
CA PHE I 90 -15.52 32.92 -41.96
C PHE I 90 -16.09 33.42 -43.25
N HIS I 91 -17.29 32.98 -43.58
CA HIS I 91 -17.94 33.29 -44.85
C HIS I 91 -19.45 33.08 -44.71
N LEU I 92 -20.21 33.67 -45.63
CA LEU I 92 -21.66 33.57 -45.59
C LEU I 92 -22.17 32.42 -46.45
N ASP I 93 -22.98 31.56 -45.85
CA ASP I 93 -23.54 30.39 -46.53
C ASP I 93 -25.01 30.19 -46.17
N GLU I 94 -25.86 30.21 -47.18
CA GLU I 94 -27.30 30.13 -47.01
C GLU I 94 -27.76 28.82 -46.37
N GLU I 95 -27.08 27.72 -46.68
CA GLU I 95 -27.50 26.42 -46.14
C GLU I 95 -27.20 26.33 -44.65
N ILE I 96 -26.07 26.90 -44.24
CA ILE I 96 -25.76 26.97 -42.83
C ILE I 96 -26.72 27.90 -42.12
N SER I 97 -27.02 29.04 -42.75
CA SER I 97 -28.01 29.98 -42.21
C SER I 97 -29.42 29.51 -42.53
N GLN I 98 -29.67 28.25 -42.26
CA GLN I 98 -30.96 27.60 -42.42
C GLN I 98 -31.02 26.43 -41.46
N PHE I 99 -30.01 25.56 -41.56
CA PHE I 99 -29.87 24.45 -40.62
C PHE I 99 -29.79 24.97 -39.20
N CYS I 100 -28.88 25.90 -38.97
CA CYS I 100 -28.69 26.45 -37.64
C CYS I 100 -29.96 27.11 -37.14
N LYS I 101 -30.70 27.75 -38.05
CA LYS I 101 -31.95 28.40 -37.67
C LYS I 101 -32.97 27.37 -37.18
N GLU I 102 -33.10 26.29 -37.93
CA GLU I 102 -34.05 25.23 -37.62
C GLU I 102 -33.77 24.59 -36.27
N GLU I 103 -32.49 24.46 -35.94
CA GLU I 103 -32.07 23.83 -34.69
C GLU I 103 -32.08 24.80 -33.51
N GLY I 104 -32.37 26.08 -33.78
CA GLY I 104 -32.38 27.10 -32.74
C GLY I 104 -30.97 27.43 -32.26
N VAL I 105 -30.00 27.32 -33.15
CA VAL I 105 -28.61 27.56 -32.79
C VAL I 105 -28.10 28.87 -33.38
N PHE I 106 -27.61 29.75 -32.52
CA PHE I 106 -27.12 31.04 -32.97
C PHE I 106 -25.96 30.88 -33.94
N TYR I 107 -26.03 31.61 -35.04
CA TYR I 107 -24.98 31.57 -36.04
C TYR I 107 -24.61 32.95 -36.53
N MET I 108 -23.33 33.19 -36.74
CA MET I 108 -22.90 34.42 -37.36
C MET I 108 -21.82 34.17 -38.42
N PRO I 109 -22.02 34.66 -39.65
CA PRO I 109 -21.15 34.57 -40.79
C PRO I 109 -20.01 35.56 -40.69
N GLY I 110 -18.95 35.34 -41.47
CA GLY I 110 -17.89 36.32 -41.57
C GLY I 110 -18.09 37.21 -42.79
N VAL I 111 -17.65 38.46 -42.67
CA VAL I 111 -17.70 39.42 -43.76
C VAL I 111 -16.39 40.19 -43.87
N MET I 112 -16.19 40.84 -45.02
CA MET I 112 -15.04 41.72 -45.20
C MET I 112 -15.42 42.96 -46.01
N THR I 113 -16.47 42.87 -46.82
CA THR I 113 -16.84 43.97 -47.70
C THR I 113 -18.33 44.33 -47.56
N PRO I 114 -18.73 45.57 -47.92
CA PRO I 114 -20.08 46.09 -47.92
C PRO I 114 -21.10 45.24 -48.67
N THR I 115 -20.65 44.52 -49.70
CA THR I 115 -21.58 43.74 -50.51
C THR I 115 -21.94 42.42 -49.83
N GLU I 116 -21.14 42.07 -48.83
CA GLU I 116 -21.39 40.86 -48.06
C GLU I 116 -22.22 41.22 -46.85
N LEU I 117 -21.98 42.43 -46.35
CA LEU I 117 -22.75 42.97 -45.24
C LEU I 117 -24.20 43.12 -45.67
N VAL I 118 -24.43 43.73 -46.84
CA VAL I 118 -25.80 43.87 -47.32
C VAL I 118 -26.19 42.62 -48.10
N LYS I 119 -26.18 41.51 -47.37
CA LYS I 119 -26.59 40.21 -47.84
C LYS I 119 -26.89 39.37 -46.62
N ALA I 120 -25.92 39.34 -45.70
CA ALA I 120 -26.13 38.70 -44.42
C ALA I 120 -27.31 39.35 -43.71
N MET I 121 -27.45 40.67 -43.87
CA MET I 121 -28.58 41.39 -43.29
C MET I 121 -29.90 40.88 -43.84
N LYS I 122 -29.92 40.56 -45.14
CA LYS I 122 -31.14 40.10 -45.78
C LYS I 122 -31.57 38.75 -45.20
N LEU I 123 -30.59 37.97 -44.76
CA LEU I 123 -30.84 36.67 -44.17
C LEU I 123 -31.15 36.76 -42.68
N GLY I 124 -31.18 37.98 -42.15
CA GLY I 124 -31.56 38.19 -40.75
C GLY I 124 -30.38 38.25 -39.77
N HIS I 125 -29.17 38.47 -40.26
CA HIS I 125 -28.02 38.56 -39.38
C HIS I 125 -27.72 40.00 -38.98
N THR I 126 -27.69 40.25 -37.67
CA THR I 126 -27.43 41.58 -37.16
C THR I 126 -26.03 41.69 -36.55
N ILE I 127 -25.43 40.53 -36.24
CA ILE I 127 -24.07 40.49 -35.73
C ILE I 127 -23.18 39.77 -36.73
N LEU I 128 -22.14 40.45 -37.18
CA LEU I 128 -21.24 39.89 -38.17
C LEU I 128 -19.82 39.77 -37.63
N LYS I 129 -19.08 38.80 -38.14
CA LYS I 129 -17.71 38.56 -37.78
C LYS I 129 -16.85 39.25 -38.78
N LEU I 130 -16.04 40.22 -38.38
CA LEU I 130 -15.26 40.98 -39.35
C LEU I 130 -13.83 40.47 -39.44
N VAL I 131 -13.46 40.00 -40.62
CA VAL I 131 -12.13 39.44 -40.83
C VAL I 131 -11.52 39.83 -42.17
N PRO I 132 -10.19 39.79 -42.25
CA PRO I 132 -9.23 39.79 -41.18
C PRO I 132 -9.18 41.15 -40.50
N GLY I 133 -9.14 41.17 -39.17
CA GLY I 133 -9.07 42.44 -38.45
C GLY I 133 -7.82 43.23 -38.82
N GLU I 134 -6.73 42.51 -39.08
CA GLU I 134 -5.46 43.12 -39.42
C GLU I 134 -5.49 43.86 -40.75
N VAL I 135 -6.44 43.52 -41.61
CA VAL I 135 -6.50 44.10 -42.94
C VAL I 135 -7.44 45.29 -43.02
N VAL I 136 -8.63 45.16 -42.43
CA VAL I 136 -9.63 46.21 -42.54
C VAL I 136 -9.45 47.30 -41.47
N GLY I 137 -9.06 46.90 -40.26
CA GLY I 137 -8.87 47.85 -39.17
C GLY I 137 -10.20 48.36 -38.63
N PRO I 138 -10.16 49.10 -37.51
CA PRO I 138 -11.28 49.70 -36.80
C PRO I 138 -11.97 50.77 -37.63
N GLN I 139 -11.29 51.28 -38.65
CA GLN I 139 -11.87 52.30 -39.51
C GLN I 139 -13.04 51.74 -40.29
N PHE I 140 -12.96 50.45 -40.62
CA PHE I 140 -14.04 49.81 -41.35
C PHE I 140 -15.28 49.77 -40.48
N VAL I 141 -15.10 49.41 -39.22
CA VAL I 141 -16.22 49.29 -38.29
C VAL I 141 -16.92 50.63 -38.11
N GLU I 142 -16.13 51.68 -37.89
CA GLU I 142 -16.71 52.99 -37.66
C GLU I 142 -17.42 53.51 -38.91
N ALA I 143 -16.77 53.41 -40.06
CA ALA I 143 -17.32 53.96 -41.28
C ALA I 143 -18.63 53.29 -41.67
N MET I 144 -18.71 51.98 -41.49
CA MET I 144 -19.90 51.23 -41.89
C MET I 144 -21.09 51.52 -40.99
N LYS I 145 -20.82 52.08 -39.80
CA LYS I 145 -21.87 52.36 -38.84
C LYS I 145 -22.75 53.51 -39.30
N GLY I 146 -22.23 54.29 -40.25
CA GLY I 146 -22.95 55.43 -40.77
C GLY I 146 -24.25 55.00 -41.46
N PRO I 147 -24.14 54.38 -42.64
CA PRO I 147 -25.23 53.83 -43.44
C PRO I 147 -25.86 52.58 -42.83
N PHE I 148 -25.13 51.89 -41.94
CA PHE I 148 -25.67 50.67 -41.35
C PHE I 148 -25.53 50.65 -39.84
N PRO I 149 -26.27 51.52 -39.13
CA PRO I 149 -26.22 51.75 -37.69
C PRO I 149 -26.78 50.58 -36.91
N ASN I 150 -27.50 49.70 -37.61
CA ASN I 150 -28.16 48.57 -36.98
C ASN I 150 -27.33 47.29 -37.11
N VAL I 151 -26.08 47.42 -37.53
CA VAL I 151 -25.21 46.25 -37.65
C VAL I 151 -24.06 46.32 -36.67
N LYS I 152 -23.89 45.24 -35.91
CA LYS I 152 -22.81 45.15 -34.94
C LYS I 152 -21.73 44.21 -35.42
N PHE I 153 -20.50 44.46 -35.02
CA PHE I 153 -19.39 43.61 -35.41
C PHE I 153 -18.68 42.96 -34.23
N VAL I 154 -18.12 41.78 -34.50
CA VAL I 154 -17.18 41.14 -33.59
C VAL I 154 -15.91 40.80 -34.35
N PRO I 155 -15.00 41.77 -34.54
CA PRO I 155 -13.80 41.64 -35.34
C PRO I 155 -12.86 40.67 -34.68
N THR I 156 -12.19 39.86 -35.50
CA THR I 156 -11.23 38.90 -34.97
C THR I 156 -9.87 39.07 -35.62
N GLY I 157 -8.85 39.18 -34.79
CA GLY I 157 -7.49 39.41 -35.26
C GLY I 157 -7.20 40.90 -35.24
N GLY I 158 -5.93 41.25 -35.05
CA GLY I 158 -5.55 42.66 -34.99
C GLY I 158 -5.94 43.26 -33.65
N VAL I 159 -6.24 42.39 -32.69
CA VAL I 159 -6.68 42.83 -31.37
C VAL I 159 -5.63 42.49 -30.32
N ASN I 160 -5.16 43.51 -29.63
CA ASN I 160 -4.20 43.32 -28.55
C ASN I 160 -4.57 44.26 -27.41
N LEU I 161 -3.82 44.21 -26.32
CA LEU I 161 -4.12 45.09 -25.19
C LEU I 161 -3.92 46.54 -25.58
N ASP I 162 -2.90 46.80 -26.38
CA ASP I 162 -2.53 48.15 -26.76
C ASP I 162 -3.65 48.89 -27.47
N ASN I 163 -4.41 48.18 -28.28
CA ASN I 163 -5.46 48.81 -29.08
C ASN I 163 -6.83 48.23 -28.82
N VAL I 164 -7.03 47.56 -27.69
CA VAL I 164 -8.31 46.92 -27.46
C VAL I 164 -9.43 47.97 -27.29
N CYS I 165 -9.10 49.09 -26.66
CA CYS I 165 -10.06 50.19 -26.45
C CYS I 165 -10.42 50.83 -27.79
N GLU I 166 -9.45 50.96 -28.67
CA GLU I 166 -9.67 51.61 -29.96
C GLU I 166 -10.74 50.89 -30.75
N TRP I 167 -10.76 49.56 -30.66
CA TRP I 167 -11.78 48.77 -31.32
C TRP I 167 -13.16 49.12 -30.75
N PHE I 168 -13.23 49.25 -29.43
CA PHE I 168 -14.48 49.60 -28.77
C PHE I 168 -14.91 51.03 -29.07
N GLU I 169 -13.93 51.91 -29.28
CA GLU I 169 -14.23 53.28 -29.64
C GLU I 169 -14.88 53.34 -31.02
N ALA I 170 -14.39 52.51 -31.95
CA ALA I 170 -14.99 52.44 -33.28
C ALA I 170 -16.44 52.00 -33.16
N GLY I 171 -16.70 51.09 -32.23
CA GLY I 171 -18.05 50.65 -31.94
C GLY I 171 -18.26 49.18 -32.29
N VAL I 172 -17.87 48.30 -31.37
CA VAL I 172 -18.10 46.87 -31.54
C VAL I 172 -18.82 46.32 -30.33
N LEU I 173 -19.43 45.15 -30.49
CA LEU I 173 -20.13 44.52 -29.38
C LEU I 173 -19.16 43.69 -28.54
N ALA I 174 -18.19 43.10 -29.20
CA ALA I 174 -17.19 42.25 -28.55
C ALA I 174 -15.97 42.15 -29.43
N VAL I 175 -14.85 41.73 -28.86
CA VAL I 175 -13.64 41.53 -29.66
C VAL I 175 -13.14 40.08 -29.60
N GLY I 176 -12.69 39.58 -30.75
CA GLY I 176 -12.11 38.25 -30.85
C GLY I 176 -10.60 38.31 -30.68
N VAL I 177 -10.12 37.83 -29.54
CA VAL I 177 -8.71 37.95 -29.20
C VAL I 177 -7.91 36.72 -29.61
N GLY I 178 -8.50 35.55 -29.42
CA GLY I 178 -7.84 34.31 -29.81
C GLY I 178 -6.47 34.17 -29.17
N SER I 179 -5.48 33.84 -29.98
CA SER I 179 -4.12 33.58 -29.55
C SER I 179 -3.47 34.77 -28.87
N ALA I 180 -4.10 35.93 -28.97
CA ALA I 180 -3.56 37.12 -28.32
C ALA I 180 -3.32 36.86 -26.84
N LEU I 181 -4.24 36.12 -26.21
CA LEU I 181 -4.04 35.76 -24.80
C LEU I 181 -3.94 34.25 -24.62
N VAL I 182 -4.41 33.48 -25.59
CA VAL I 182 -4.44 32.04 -25.42
C VAL I 182 -3.12 31.42 -25.89
N GLU I 183 -2.08 31.60 -25.08
CA GLU I 183 -0.78 31.02 -25.35
C GLU I 183 0.01 30.85 -24.07
N GLY I 184 0.95 29.90 -24.08
CA GLY I 184 1.82 29.67 -22.94
C GLY I 184 1.17 28.75 -21.92
N GLU I 185 1.73 28.72 -20.71
CA GLU I 185 1.25 27.84 -19.66
C GLU I 185 -0.09 28.35 -19.13
N PRO I 186 -0.95 27.48 -18.60
CA PRO I 186 -2.24 27.81 -18.02
C PRO I 186 -2.13 29.01 -17.08
N ALA I 187 -1.04 29.10 -16.33
CA ALA I 187 -0.84 30.23 -15.44
C ALA I 187 -0.70 31.53 -16.23
N GLU I 188 -0.01 31.44 -17.37
CA GLU I 188 0.23 32.61 -18.21
C GLU I 188 -1.05 32.98 -18.94
N VAL I 189 -1.81 31.98 -19.33
CA VAL I 189 -3.07 32.20 -20.03
C VAL I 189 -4.04 32.93 -19.12
N ALA I 190 -4.12 32.49 -17.87
CA ALA I 190 -5.01 33.12 -16.91
C ALA I 190 -4.60 34.57 -16.68
N GLU I 191 -3.30 34.83 -16.56
CA GLU I 191 -2.84 36.19 -16.34
C GLU I 191 -3.26 37.11 -17.47
N LEU I 192 -3.04 36.65 -18.71
CA LEU I 192 -3.36 37.47 -19.87
C LEU I 192 -4.87 37.68 -19.98
N ALA I 193 -5.64 36.64 -19.68
CA ALA I 193 -7.08 36.75 -19.73
C ALA I 193 -7.56 37.82 -18.76
N ILE I 194 -6.94 37.88 -17.60
CA ILE I 194 -7.28 38.88 -16.60
C ILE I 194 -6.93 40.28 -17.10
N ARG I 195 -5.74 40.43 -17.67
CA ARG I 195 -5.32 41.72 -18.17
C ARG I 195 -6.28 42.29 -19.21
N PHE I 196 -6.77 41.43 -20.10
CA PHE I 196 -7.73 41.87 -21.11
C PHE I 196 -9.03 42.33 -20.48
N VAL I 197 -9.52 41.59 -19.50
CA VAL I 197 -10.75 41.97 -18.83
C VAL I 197 -10.59 43.30 -18.11
N GLU I 198 -9.47 43.48 -17.43
CA GLU I 198 -9.21 44.72 -16.70
C GLU I 198 -9.09 45.90 -17.65
N LYS I 199 -8.46 45.68 -18.80
CA LYS I 199 -8.23 46.74 -19.76
C LYS I 199 -9.54 47.18 -20.42
N ILE I 200 -10.40 46.24 -20.75
CA ILE I 200 -11.68 46.56 -21.39
C ILE I 200 -12.57 47.34 -20.44
N ARG I 201 -12.63 46.91 -19.18
CA ARG I 201 -13.48 47.58 -18.20
C ARG I 201 -12.95 48.97 -17.90
N GLY I 202 -13.37 49.93 -18.70
CA GLY I 202 -12.90 51.31 -18.58
C GLY I 202 -13.43 52.21 -19.70
N CYS I 203 -13.58 51.65 -20.91
CA CYS I 203 -14.11 52.38 -22.07
C CYS I 203 -15.14 51.54 -22.83
#